data_5F4Z
#
_entry.id   5F4Z
#
_cell.length_a   179.356
_cell.length_b   93.068
_cell.length_c   134.059
_cell.angle_alpha   90.00
_cell.angle_beta   115.33
_cell.angle_gamma   90.00
#
_symmetry.space_group_name_H-M   'C 1 2 1'
#
loop_
_entity.id
_entity.type
_entity.pdbx_description
1 polymer 'Epoxide hydrolase'
2 non-polymer GLYCEROL
3 non-polymer 'ACETATE ION'
4 non-polymer DI(HYDROXYETHYL)ETHER
5 non-polymer (1~{R},2~{R})-2,3-dihydro-1~{H}-indene-1,2-diol
6 non-polymer 'TETRAETHYLENE GLYCOL'
7 non-polymer 2-AMINO-2-HYDROXYMETHYL-PROPANE-1,3-DIOL
8 water water
#
_entity_poly.entity_id   1
_entity_poly.type   'polypeptide(L)'
_entity_poly.pdbx_seq_one_letter_code
;(MSE)EPFRIVIPQADLDDLHRRLDATRWPSEIPGTGWSRGVPLDYLKELVGYWRDGYDWRAAEDRLNTVPQFTTEIDGT
NVHF(MSE)HIRSAEPDALP(MSE)IITHGWPGSVAEFLDVIDPLTNPRAHGGDPADAFHLVIPSLPGFGFSGPTPEPGW
NLPRVASAWAEL(MSE)RRLGYSRYAVQGGDLGAWTSLTLSGVDHEHVVGTHVNFLITPPSGDPADLAGLGEQDLARLQL
LAEFGAEGSGY(MSE)KIQSTRPQTLSYSLTDSPVGQLAWVVEKF(MSE)EWGDTDKSPEDAVDRDRLLTNV(MSE)IYW
LTATAGSSAHFYYEISDVLPTAPTPPPPAPPLPTPLGVAVYPADSAKPVRRFAERAFPNIVHWAELERGGHFAALEQPGL
FVSDLRAFARALRTSHHHHHH
;
_entity_poly.pdbx_strand_id   A,B,C,D,E
#
# COMPACT_ATOMS: atom_id res chain seq x y z
N GLU A 2 13.17 38.08 0.67
CA GLU A 2 14.09 39.16 0.34
C GLU A 2 13.63 39.86 -0.94
N PRO A 3 13.85 41.18 -1.02
CA PRO A 3 13.55 41.92 -2.26
C PRO A 3 14.25 41.32 -3.48
N PHE A 4 13.62 41.44 -4.62
CA PHE A 4 14.16 40.89 -5.85
C PHE A 4 14.07 41.89 -6.99
N ARG A 5 15.11 41.91 -7.82
CA ARG A 5 15.16 42.76 -8.98
C ARG A 5 15.73 41.99 -10.16
N ILE A 6 15.12 42.14 -11.32
CA ILE A 6 15.61 41.50 -12.54
C ILE A 6 16.75 42.33 -13.15
N VAL A 7 17.93 41.74 -13.20
CA VAL A 7 19.09 42.36 -13.83
C VAL A 7 19.79 41.31 -14.72
N ILE A 8 19.46 41.32 -15.99
CA ILE A 8 19.98 40.32 -16.91
C ILE A 8 21.37 40.76 -17.36
N PRO A 9 22.37 39.90 -17.18
CA PRO A 9 23.73 40.24 -17.65
C PRO A 9 23.74 40.50 -19.15
N GLN A 10 24.47 41.52 -19.57
CA GLN A 10 24.63 41.82 -20.99
C GLN A 10 25.11 40.62 -21.78
N ALA A 11 25.98 39.82 -21.16
CA ALA A 11 26.52 38.63 -21.82
C ALA A 11 25.39 37.68 -22.24
N ASP A 12 24.30 37.62 -21.46
CA ASP A 12 23.18 36.75 -21.84
C ASP A 12 22.48 37.28 -23.09
N LEU A 13 22.40 38.61 -23.19
CA LEU A 13 21.78 39.22 -24.37
C LEU A 13 22.68 39.05 -25.60
N ASP A 14 23.99 39.20 -25.41
CA ASP A 14 24.93 39.00 -26.51
C ASP A 14 24.86 37.56 -27.02
N ASP A 15 24.77 36.62 -26.09
CA ASP A 15 24.63 35.20 -26.42
C ASP A 15 23.34 34.92 -27.19
N LEU A 16 22.25 35.55 -26.76
CA LEU A 16 20.98 35.39 -27.47
C LEU A 16 21.06 35.92 -28.89
N HIS A 17 21.67 37.09 -29.07
CA HIS A 17 21.73 37.66 -30.41
C HIS A 17 22.64 36.82 -31.32
N ARG A 18 23.71 36.27 -30.74
N ARG A 18 23.72 36.26 -30.77
CA ARG A 18 24.59 35.32 -31.42
CA ARG A 18 24.55 35.34 -31.57
C ARG A 18 23.83 34.12 -31.98
C ARG A 18 23.75 34.14 -32.05
N ARG A 19 22.95 33.57 -31.15
CA ARG A 19 22.15 32.41 -31.52
C ARG A 19 21.12 32.77 -32.58
N LEU A 20 20.46 33.92 -32.39
CA LEU A 20 19.46 34.36 -33.35
C LEU A 20 20.08 34.57 -34.72
N ASP A 21 21.24 35.23 -34.75
CA ASP A 21 21.95 35.47 -36.01
C ASP A 21 22.29 34.17 -36.73
N ALA A 22 22.48 33.10 -35.96
CA ALA A 22 23.00 31.86 -36.53
C ALA A 22 21.91 30.83 -36.73
N THR A 23 20.65 31.23 -36.57
CA THR A 23 19.51 30.34 -36.71
C THR A 23 19.58 29.52 -38.00
N ARG A 24 19.44 28.21 -37.87
CA ARG A 24 19.34 27.35 -39.05
C ARG A 24 17.86 26.99 -39.20
N TRP A 25 17.24 27.45 -40.28
CA TRP A 25 15.80 27.28 -40.47
C TRP A 25 15.47 25.95 -41.15
N PRO A 26 14.30 25.35 -40.82
CA PRO A 26 13.87 24.11 -41.46
C PRO A 26 13.18 24.37 -42.79
N SER A 27 12.98 23.29 -43.55
CA SER A 27 12.05 23.30 -44.68
C SER A 27 10.63 23.53 -44.18
N GLU A 28 9.73 23.80 -45.11
CA GLU A 28 8.31 23.89 -44.82
C GLU A 28 7.55 23.15 -45.91
N ILE A 29 6.31 22.83 -45.64
CA ILE A 29 5.41 22.42 -46.71
C ILE A 29 4.49 23.61 -46.99
N PRO A 30 4.72 24.30 -48.12
CA PRO A 30 3.98 25.53 -48.41
C PRO A 30 2.48 25.30 -48.48
N GLY A 31 1.70 26.27 -48.01
CA GLY A 31 0.26 26.21 -48.18
C GLY A 31 -0.43 25.51 -47.03
N THR A 32 0.32 25.09 -46.02
CA THR A 32 -0.31 24.42 -44.88
C THR A 32 -0.67 25.40 -43.77
N GLY A 33 -0.33 26.69 -43.95
CA GLY A 33 -0.71 27.69 -42.96
C GLY A 33 -0.21 27.36 -41.56
N TRP A 34 -1.10 27.51 -40.57
CA TRP A 34 -0.80 27.23 -39.16
C TRP A 34 -1.19 25.82 -38.77
N SER A 35 -1.68 25.04 -39.74
CA SER A 35 -2.33 23.76 -39.44
C SER A 35 -1.38 22.74 -38.82
N ARG A 36 -0.10 22.86 -39.10
CA ARG A 36 0.86 21.87 -38.61
C ARG A 36 1.87 22.50 -37.67
N GLY A 37 1.55 23.69 -37.16
CA GLY A 37 2.45 24.40 -36.28
C GLY A 37 2.85 25.74 -36.85
N VAL A 38 3.78 26.43 -36.18
CA VAL A 38 4.15 27.81 -36.56
C VAL A 38 4.74 27.88 -37.97
N PRO A 39 4.12 28.70 -38.85
CA PRO A 39 4.58 28.76 -40.24
C PRO A 39 5.90 29.50 -40.37
N LEU A 40 6.67 29.10 -41.39
CA LEU A 40 8.03 29.57 -41.55
C LEU A 40 8.12 31.08 -41.79
N ASP A 41 7.31 31.63 -42.70
CA ASP A 41 7.44 33.04 -43.04
C ASP A 41 7.10 33.93 -41.83
N TYR A 42 6.08 33.55 -41.07
CA TYR A 42 5.73 34.34 -39.90
C TYR A 42 6.88 34.36 -38.88
N LEU A 43 7.44 33.18 -38.58
CA LEU A 43 8.43 33.10 -37.52
C LEU A 43 9.72 33.82 -37.93
N LYS A 44 10.07 33.77 -39.21
CA LYS A 44 11.24 34.51 -39.69
C LYS A 44 11.05 36.00 -39.43
N GLU A 45 9.84 36.50 -39.65
CA GLU A 45 9.59 37.93 -39.44
C GLU A 45 9.62 38.30 -37.96
N LEU A 46 9.07 37.43 -37.11
CA LEU A 46 9.04 37.71 -35.69
C LEU A 46 10.45 37.65 -35.12
N VAL A 47 11.24 36.71 -35.61
CA VAL A 47 12.62 36.59 -35.13
C VAL A 47 13.44 37.80 -35.58
N GLY A 48 13.13 38.31 -36.76
CA GLY A 48 13.77 39.53 -37.25
C GLY A 48 13.53 40.68 -36.29
N TYR A 49 12.28 40.84 -35.85
CA TYR A 49 11.96 41.89 -34.90
C TYR A 49 12.65 41.64 -33.55
N TRP A 50 12.57 40.41 -33.06
CA TRP A 50 13.22 40.00 -31.83
C TRP A 50 14.69 40.43 -31.85
N ARG A 51 15.35 40.17 -32.96
CA ARG A 51 16.75 40.48 -33.08
C ARG A 51 17.00 41.98 -33.23
N ASP A 52 16.20 42.65 -34.07
CA ASP A 52 16.55 43.99 -34.50
C ASP A 52 15.76 45.10 -33.79
N GLY A 53 14.52 44.83 -33.40
CA GLY A 53 13.65 45.88 -32.86
C GLY A 53 13.24 45.77 -31.40
N TYR A 54 13.09 44.55 -30.90
CA TYR A 54 12.64 44.32 -29.52
C TYR A 54 13.62 44.85 -28.48
N ASP A 55 13.10 45.50 -27.45
CA ASP A 55 13.91 46.17 -26.43
C ASP A 55 13.74 45.48 -25.06
N TRP A 56 14.63 44.54 -24.74
CA TRP A 56 14.53 43.85 -23.47
C TRP A 56 14.68 44.80 -22.27
N ARG A 57 15.62 45.73 -22.37
CA ARG A 57 15.88 46.62 -21.24
C ARG A 57 14.62 47.40 -20.83
N ALA A 58 13.80 47.78 -21.81
CA ALA A 58 12.55 48.50 -21.51
C ALA A 58 11.54 47.58 -20.83
N ALA A 59 11.52 46.32 -21.25
CA ALA A 59 10.61 45.33 -20.66
C ALA A 59 11.06 45.01 -19.25
N GLU A 60 12.37 44.89 -19.08
CA GLU A 60 12.99 44.68 -17.78
C GLU A 60 12.64 45.81 -16.82
N ASP A 61 12.77 47.04 -17.32
CA ASP A 61 12.37 48.23 -16.56
C ASP A 61 10.90 48.15 -16.12
N ARG A 62 10.02 47.80 -17.03
CA ARG A 62 8.61 47.75 -16.63
C ARG A 62 8.33 46.67 -15.59
N LEU A 63 8.95 45.50 -15.76
CA LEU A 63 8.78 44.42 -14.80
C LEU A 63 9.25 44.86 -13.43
N ASN A 64 10.38 45.56 -13.39
CA ASN A 64 10.95 46.00 -12.12
C ASN A 64 10.20 47.16 -11.46
N THR A 65 9.18 47.71 -12.12
CA THR A 65 8.32 48.68 -11.43
C THR A 65 7.39 47.96 -10.44
N VAL A 66 7.28 46.65 -10.57
CA VAL A 66 6.47 45.84 -9.65
C VAL A 66 7.30 45.33 -8.48
N PRO A 67 6.89 45.60 -7.24
CA PRO A 67 7.63 45.06 -6.10
C PRO A 67 7.67 43.55 -6.15
N GLN A 68 8.87 42.98 -6.10
CA GLN A 68 9.07 41.54 -6.21
C GLN A 68 9.97 41.06 -5.10
N PHE A 69 9.88 39.76 -4.82
CA PHE A 69 10.56 39.15 -3.69
C PHE A 69 10.90 37.71 -4.02
N THR A 70 11.86 37.12 -3.31
CA THR A 70 11.98 35.67 -3.32
C THR A 70 12.00 35.12 -1.89
N THR A 71 11.60 33.86 -1.75
CA THR A 71 11.64 33.20 -0.46
C THR A 71 11.76 31.70 -0.70
N GLU A 72 12.34 30.98 0.24
CA GLU A 72 12.45 29.52 0.07
C GLU A 72 11.29 28.82 0.77
N ILE A 73 10.55 28.00 0.03
CA ILE A 73 9.43 27.26 0.62
C ILE A 73 9.56 25.78 0.26
N ASP A 74 9.60 24.92 1.28
CA ASP A 74 9.59 23.48 1.06
C ASP A 74 10.77 23.11 0.12
N GLY A 75 11.91 23.75 0.35
CA GLY A 75 13.13 23.40 -0.37
C GLY A 75 13.34 24.06 -1.73
N THR A 76 12.36 24.80 -2.23
CA THR A 76 12.55 25.44 -3.55
C THR A 76 12.41 26.95 -3.48
N ASN A 77 13.07 27.63 -4.42
CA ASN A 77 12.97 29.08 -4.52
C ASN A 77 11.62 29.50 -5.09
N VAL A 78 10.96 30.43 -4.41
CA VAL A 78 9.68 30.95 -4.91
C VAL A 78 9.79 32.47 -5.11
N HIS A 79 9.62 32.88 -6.36
CA HIS A 79 9.64 34.30 -6.74
C HIS A 79 8.21 34.80 -6.78
N PHE A 80 7.97 36.01 -6.29
CA PHE A 80 6.61 36.55 -6.35
C PHE A 80 6.57 38.07 -6.35
N HIS A 82 4.38 41.32 -5.09
CA HIS A 82 3.43 41.65 -4.04
C HIS A 82 3.10 43.13 -4.13
N ILE A 83 1.85 43.43 -4.46
CA ILE A 83 1.41 44.80 -4.62
C ILE A 83 0.28 45.12 -3.66
N ARG A 84 0.54 46.02 -2.72
CA ARG A 84 -0.49 46.42 -1.76
C ARG A 84 -1.43 47.47 -2.36
N SER A 85 -2.69 47.39 -1.98
CA SER A 85 -3.66 48.42 -2.32
C SER A 85 -3.50 49.61 -1.41
N ALA A 86 -3.80 50.81 -1.91
CA ALA A 86 -3.87 51.98 -1.05
C ALA A 86 -5.13 51.91 -0.18
N GLU A 87 -6.10 51.09 -0.56
CA GLU A 87 -7.26 50.89 0.29
C GLU A 87 -6.95 49.76 1.27
N PRO A 88 -6.82 50.07 2.56
CA PRO A 88 -6.40 49.05 3.54
C PRO A 88 -7.37 47.86 3.60
N ASP A 89 -8.64 48.13 3.36
CA ASP A 89 -9.72 47.13 3.34
C ASP A 89 -9.70 46.12 2.19
N ALA A 90 -8.66 46.18 1.37
CA ALA A 90 -8.67 45.42 0.12
C ALA A 90 -8.71 43.90 0.32
N LEU A 91 -9.28 43.19 -0.65
CA LEU A 91 -9.28 41.72 -0.67
C LEU A 91 -7.93 41.18 -1.15
N PRO A 92 -7.22 40.44 -0.28
CA PRO A 92 -5.98 39.82 -0.76
C PRO A 92 -6.29 38.72 -1.77
N ILE A 94 -4.34 35.85 -4.53
CA ILE A 94 -3.13 35.28 -5.14
C ILE A 94 -3.49 34.79 -6.54
N ILE A 95 -2.80 35.34 -7.56
CA ILE A 95 -3.09 35.07 -8.96
C ILE A 95 -2.00 34.20 -9.53
N THR A 96 -2.37 33.04 -10.07
CA THR A 96 -1.37 32.15 -10.61
C THR A 96 -1.45 31.96 -12.10
N HIS A 97 -0.31 32.17 -12.77
CA HIS A 97 -0.21 31.95 -14.22
C HIS A 97 -0.13 30.47 -14.53
N GLY A 98 -0.14 30.15 -15.83
CA GLY A 98 0.01 28.77 -16.25
C GLY A 98 1.09 28.64 -17.30
N TRP A 99 0.97 27.64 -18.16
CA TRP A 99 1.97 27.37 -19.18
C TRP A 99 1.34 27.64 -20.55
N PRO A 100 2.05 28.30 -21.49
CA PRO A 100 3.43 28.82 -21.45
C PRO A 100 3.40 30.28 -21.09
N GLY A 101 2.77 30.61 -19.96
CA GLY A 101 2.64 31.99 -19.51
C GLY A 101 3.63 32.34 -18.42
N SER A 102 3.40 33.47 -17.75
CA SER A 102 4.36 34.00 -16.78
C SER A 102 3.71 35.12 -15.99
N VAL A 103 4.44 35.66 -15.01
CA VAL A 103 3.89 36.76 -14.24
C VAL A 103 3.78 38.02 -15.11
N ALA A 104 4.46 38.05 -16.25
CA ALA A 104 4.40 39.22 -17.14
C ALA A 104 3.00 39.41 -17.75
N GLU A 105 2.19 38.37 -17.70
CA GLU A 105 0.83 38.42 -18.22
C GLU A 105 -0.01 39.49 -17.54
N PHE A 106 0.30 39.80 -16.29
CA PHE A 106 -0.60 40.62 -15.45
C PHE A 106 -0.20 42.07 -15.29
N LEU A 107 0.79 42.51 -16.05
CA LEU A 107 1.32 43.84 -15.88
C LEU A 107 0.26 44.92 -16.07
N ASP A 108 -0.70 44.71 -16.96
CA ASP A 108 -1.67 45.76 -17.25
C ASP A 108 -2.89 45.73 -16.34
N VAL A 109 -3.04 44.70 -15.52
CA VAL A 109 -4.19 44.68 -14.62
C VAL A 109 -3.82 45.01 -13.17
N ILE A 110 -2.53 45.10 -12.88
CA ILE A 110 -2.10 45.33 -11.49
C ILE A 110 -2.59 46.67 -10.92
N ASP A 111 -2.33 47.77 -11.62
CA ASP A 111 -2.75 49.06 -11.11
C ASP A 111 -4.29 49.19 -11.01
N PRO A 112 -5.04 48.78 -12.05
CA PRO A 112 -6.51 48.87 -11.87
C PRO A 112 -7.06 48.02 -10.72
N LEU A 113 -6.47 46.85 -10.47
CA LEU A 113 -6.99 46.01 -9.39
C LEU A 113 -6.62 46.57 -8.01
N THR A 114 -5.40 47.11 -7.86
CA THR A 114 -4.96 47.58 -6.54
C THR A 114 -5.29 49.05 -6.25
N ASN A 115 -5.60 49.81 -7.30
CA ASN A 115 -5.97 51.21 -7.13
C ASN A 115 -7.21 51.55 -7.94
N PRO A 116 -8.36 50.91 -7.61
CA PRO A 116 -9.58 51.12 -8.40
C PRO A 116 -10.02 52.58 -8.46
N ARG A 117 -9.70 53.36 -7.44
CA ARG A 117 -10.15 54.76 -7.41
C ARG A 117 -9.61 55.53 -8.61
N ALA A 118 -8.39 55.22 -9.02
CA ALA A 118 -7.78 55.90 -10.16
C ALA A 118 -8.13 55.27 -11.50
N HIS A 119 -8.76 54.09 -11.49
CA HIS A 119 -9.03 53.39 -12.74
C HIS A 119 -10.50 52.97 -12.90
N GLY A 120 -11.40 53.93 -12.71
CA GLY A 120 -12.82 53.73 -12.95
C GLY A 120 -13.52 52.78 -12.01
N GLY A 121 -12.89 52.48 -10.88
CA GLY A 121 -13.44 51.51 -9.96
C GLY A 121 -13.89 52.09 -8.63
N ASP A 122 -14.67 51.29 -7.91
CA ASP A 122 -15.13 51.59 -6.56
C ASP A 122 -14.09 51.10 -5.58
N PRO A 123 -13.69 51.94 -4.61
CA PRO A 123 -12.73 51.56 -3.57
C PRO A 123 -13.09 50.25 -2.86
N ALA A 124 -14.37 49.93 -2.78
CA ALA A 124 -14.80 48.67 -2.20
C ALA A 124 -14.28 47.46 -2.99
N ASP A 125 -13.93 47.68 -4.25
CA ASP A 125 -13.51 46.56 -5.09
C ASP A 125 -12.00 46.45 -5.24
N ALA A 126 -11.26 47.00 -4.29
CA ALA A 126 -9.79 46.96 -4.32
C ALA A 126 -9.23 45.57 -3.93
N PHE A 127 -8.05 45.25 -4.46
CA PHE A 127 -7.33 44.00 -4.13
C PHE A 127 -5.91 44.32 -3.64
N HIS A 128 -5.40 43.50 -2.73
CA HIS A 128 -3.97 43.32 -2.57
C HIS A 128 -3.60 42.14 -3.45
N LEU A 129 -2.52 42.25 -4.23
CA LEU A 129 -2.17 41.17 -5.15
C LEU A 129 -0.88 40.47 -4.79
N VAL A 130 -0.93 39.15 -4.83
CA VAL A 130 0.26 38.32 -4.74
C VAL A 130 0.33 37.53 -6.03
N ILE A 131 1.42 37.66 -6.78
CA ILE A 131 1.50 37.05 -8.10
C ILE A 131 2.79 36.25 -8.20
N PRO A 132 2.71 34.95 -7.86
CA PRO A 132 3.93 34.13 -7.77
C PRO A 132 4.30 33.45 -9.09
N SER A 133 5.59 33.21 -9.29
CA SER A 133 6.01 32.36 -10.42
C SER A 133 5.93 30.91 -9.97
N LEU A 134 5.27 30.06 -10.76
CA LEU A 134 5.18 28.65 -10.43
C LEU A 134 6.56 28.03 -10.21
N PRO A 135 6.67 27.09 -9.25
CA PRO A 135 7.97 26.42 -9.10
C PRO A 135 8.38 25.79 -10.42
N GLY A 136 9.63 25.97 -10.85
CA GLY A 136 10.07 25.45 -12.14
C GLY A 136 9.88 26.46 -13.27
N PHE A 137 9.21 27.56 -12.98
CA PHE A 137 8.94 28.58 -14.01
C PHE A 137 9.65 29.89 -13.71
N GLY A 138 10.02 30.57 -14.78
CA GLY A 138 10.53 31.94 -14.72
C GLY A 138 11.52 32.18 -13.60
N PHE A 139 11.28 33.22 -12.82
CA PHE A 139 12.26 33.64 -11.83
C PHE A 139 12.18 32.83 -10.53
N SER A 140 11.21 31.93 -10.42
CA SER A 140 11.27 30.93 -9.36
C SER A 140 12.36 29.92 -9.70
N GLY A 141 12.43 29.53 -10.96
CA GLY A 141 13.49 28.68 -11.44
C GLY A 141 13.26 27.20 -11.13
N PRO A 142 14.19 26.35 -11.58
CA PRO A 142 14.06 24.90 -11.42
C PRO A 142 13.87 24.43 -9.98
N THR A 143 13.04 23.42 -9.80
CA THR A 143 12.92 22.74 -8.53
C THR A 143 14.07 21.75 -8.37
N PRO A 144 14.45 21.44 -7.13
CA PRO A 144 15.62 20.58 -6.92
C PRO A 144 15.34 19.08 -6.82
N GLU A 145 14.06 18.69 -6.83
CA GLU A 145 13.74 17.29 -6.57
C GLU A 145 12.38 16.91 -7.17
N PRO A 146 12.11 15.60 -7.30
CA PRO A 146 10.78 15.17 -7.76
C PRO A 146 9.66 15.59 -6.79
N GLY A 147 8.43 15.57 -7.28
CA GLY A 147 7.26 15.64 -6.40
C GLY A 147 6.50 16.95 -6.38
N TRP A 148 6.94 17.94 -7.14
CA TRP A 148 6.23 19.21 -7.18
C TRP A 148 5.00 19.11 -8.07
N ASN A 149 3.97 18.47 -7.53
CA ASN A 149 2.67 18.33 -8.18
C ASN A 149 1.68 19.39 -7.68
N LEU A 150 0.41 19.30 -8.07
CA LEU A 150 -0.54 20.34 -7.68
C LEU A 150 -0.68 20.50 -6.15
N PRO A 151 -0.86 19.40 -5.39
CA PRO A 151 -0.93 19.60 -3.92
C PRO A 151 0.32 20.24 -3.32
N ARG A 152 1.50 19.94 -3.86
CA ARG A 152 2.71 20.48 -3.24
C ARG A 152 2.85 21.96 -3.58
N VAL A 153 2.51 22.33 -4.80
CA VAL A 153 2.49 23.75 -5.18
C VAL A 153 1.43 24.50 -4.32
N ALA A 154 0.27 23.89 -4.16
CA ALA A 154 -0.81 24.54 -3.39
C ALA A 154 -0.39 24.77 -1.94
N SER A 155 0.26 23.76 -1.36
CA SER A 155 0.78 23.89 -0.01
CA SER A 155 0.78 23.89 -0.01
C SER A 155 1.81 25.01 0.10
N ALA A 156 2.66 25.13 -0.91
CA ALA A 156 3.68 26.18 -0.92
C ALA A 156 3.03 27.57 -0.93
N TRP A 157 2.00 27.72 -1.75
CA TRP A 157 1.26 28.96 -1.75
C TRP A 157 0.56 29.32 -0.48
N ALA A 158 -0.08 28.33 0.15
CA ALA A 158 -0.71 28.56 1.44
C ALA A 158 0.34 29.09 2.40
N GLU A 159 1.55 28.52 2.31
CA GLU A 159 2.63 28.95 3.19
C GLU A 159 3.05 30.38 2.85
N LEU A 160 3.13 30.71 1.56
CA LEU A 160 3.44 32.09 1.14
C LEU A 160 2.44 33.10 1.72
N ARG A 162 0.53 32.69 4.29
CA ARG A 162 0.71 32.71 5.74
C ARG A 162 1.86 33.61 6.12
N ARG A 163 2.96 33.50 5.38
CA ARG A 163 4.13 34.34 5.66
C ARG A 163 3.85 35.84 5.45
N LEU A 164 3.00 36.16 4.46
CA LEU A 164 2.66 37.56 4.17
C LEU A 164 1.59 38.09 5.14
N GLY A 165 1.04 37.20 5.96
CA GLY A 165 0.09 37.62 6.98
C GLY A 165 -1.35 37.67 6.48
N TYR A 166 -1.62 36.99 5.37
CA TYR A 166 -2.96 36.95 4.80
C TYR A 166 -3.71 35.72 5.29
N SER A 167 -4.57 35.90 6.29
CA SER A 167 -5.32 34.78 6.86
C SER A 167 -6.67 34.59 6.18
N ARG A 168 -7.04 35.53 5.31
CA ARG A 168 -8.23 35.38 4.48
C ARG A 168 -7.93 35.92 3.10
N TYR A 169 -7.95 35.06 2.09
CA TYR A 169 -7.60 35.53 0.76
C TYR A 169 -8.36 34.78 -0.32
N ALA A 170 -8.47 35.41 -1.49
CA ALA A 170 -9.07 34.76 -2.66
C ALA A 170 -7.96 34.21 -3.55
N VAL A 171 -8.30 33.27 -4.44
CA VAL A 171 -7.33 32.66 -5.33
C VAL A 171 -7.86 32.76 -6.76
N GLN A 172 -6.96 33.01 -7.71
CA GLN A 172 -7.37 33.24 -9.09
C GLN A 172 -6.39 32.58 -10.03
N GLY A 173 -6.89 32.01 -11.12
CA GLY A 173 -5.97 31.51 -12.13
C GLY A 173 -6.64 31.08 -13.40
N GLY A 174 -5.83 30.98 -14.45
CA GLY A 174 -6.20 30.41 -15.73
C GLY A 174 -5.23 29.28 -16.05
N ASP A 175 -5.54 28.45 -17.04
CA ASP A 175 -4.65 27.33 -17.40
C ASP A 175 -4.31 26.51 -16.14
N LEU A 176 -3.05 26.09 -15.98
CA LEU A 176 -2.61 25.37 -14.78
C LEU A 176 -2.76 26.18 -13.51
N GLY A 177 -2.81 27.51 -13.65
CA GLY A 177 -3.01 28.33 -12.47
C GLY A 177 -4.41 28.12 -11.91
N ALA A 178 -5.37 27.83 -12.80
CA ALA A 178 -6.73 27.56 -12.33
C ALA A 178 -6.77 26.23 -11.58
N TRP A 179 -6.05 25.22 -12.07
CA TRP A 179 -5.97 23.93 -11.39
CA TRP A 179 -6.01 23.92 -11.38
C TRP A 179 -5.31 24.07 -10.03
N THR A 180 -4.25 24.88 -10.00
CA THR A 180 -3.55 25.12 -8.76
C THR A 180 -4.48 25.83 -7.78
N SER A 181 -5.21 26.84 -8.27
CA SER A 181 -6.14 27.60 -7.42
C SER A 181 -7.24 26.69 -6.85
N LEU A 182 -7.79 25.83 -7.69
CA LEU A 182 -8.85 24.92 -7.22
C LEU A 182 -8.30 23.97 -6.17
N THR A 183 -7.08 23.48 -6.41
CA THR A 183 -6.43 22.59 -5.43
C THR A 183 -6.20 23.33 -4.12
N LEU A 184 -5.69 24.55 -4.22
CA LEU A 184 -5.44 25.38 -3.04
C LEU A 184 -6.71 25.66 -2.24
N SER A 185 -7.82 25.81 -2.94
CA SER A 185 -9.09 26.10 -2.25
C SER A 185 -9.46 24.92 -1.32
N GLY A 186 -9.02 23.72 -1.68
CA GLY A 186 -9.27 22.56 -0.82
C GLY A 186 -8.21 22.41 0.25
N VAL A 187 -6.95 22.57 -0.16
CA VAL A 187 -5.79 22.43 0.72
C VAL A 187 -5.81 23.43 1.86
N ASP A 188 -6.12 24.69 1.55
CA ASP A 188 -6.11 25.74 2.55
C ASP A 188 -7.52 26.31 2.73
N HIS A 189 -8.50 25.40 2.81
CA HIS A 189 -9.92 25.76 2.95
C HIS A 189 -10.20 26.73 4.12
N GLU A 190 -9.43 26.66 5.20
CA GLU A 190 -9.64 27.56 6.34
C GLU A 190 -9.45 29.03 5.99
N HIS A 191 -8.54 29.31 5.06
CA HIS A 191 -8.11 30.69 4.79
C HIS A 191 -8.56 31.22 3.44
N VAL A 192 -8.96 30.32 2.54
CA VAL A 192 -9.40 30.75 1.20
C VAL A 192 -10.87 31.17 1.25
N VAL A 193 -11.15 32.43 0.95
CA VAL A 193 -12.52 32.93 1.05
C VAL A 193 -13.31 32.73 -0.24
N GLY A 194 -12.61 32.51 -1.33
CA GLY A 194 -13.28 32.30 -2.60
C GLY A 194 -12.27 32.06 -3.70
N THR A 195 -12.74 31.47 -4.79
CA THR A 195 -11.89 31.03 -5.90
C THR A 195 -12.49 31.58 -7.17
N HIS A 196 -11.65 32.14 -8.04
CA HIS A 196 -12.09 32.59 -9.36
C HIS A 196 -11.22 31.93 -10.41
N VAL A 197 -11.83 31.30 -11.40
CA VAL A 197 -11.03 30.76 -12.49
C VAL A 197 -11.49 31.34 -13.82
N ASN A 198 -10.56 31.62 -14.73
CA ASN A 198 -10.97 31.99 -16.08
C ASN A 198 -10.68 30.85 -17.07
N PHE A 199 -10.58 29.65 -16.51
CA PHE A 199 -10.38 28.45 -17.32
C PHE A 199 -11.00 27.27 -16.58
N LEU A 200 -11.90 26.56 -17.22
CA LEU A 200 -12.56 25.44 -16.56
C LEU A 200 -13.00 24.39 -17.56
N ILE A 201 -12.56 23.16 -17.37
CA ILE A 201 -12.92 22.04 -18.21
CA ILE A 201 -13.00 22.10 -18.25
C ILE A 201 -14.04 21.24 -17.54
N THR A 202 -15.05 20.82 -18.29
CA THR A 202 -16.11 19.99 -17.76
C THR A 202 -16.28 18.77 -18.66
N PRO A 203 -15.53 17.70 -18.39
CA PRO A 203 -15.62 16.51 -19.23
C PRO A 203 -16.98 15.83 -19.11
N PRO A 204 -17.50 15.24 -20.20
CA PRO A 204 -18.75 14.48 -20.13
C PRO A 204 -18.50 13.13 -19.45
N SER A 205 -19.54 12.51 -18.91
CA SER A 205 -19.36 11.20 -18.29
C SER A 205 -19.09 10.12 -19.33
N GLY A 206 -19.69 10.29 -20.51
CA GLY A 206 -19.61 9.27 -21.55
C GLY A 206 -20.93 8.53 -21.65
N ASP A 207 -21.77 8.69 -20.62
CA ASP A 207 -23.16 8.19 -20.65
C ASP A 207 -23.98 9.14 -21.52
N PRO A 208 -24.45 8.65 -22.68
CA PRO A 208 -25.19 9.49 -23.64
C PRO A 208 -26.34 10.28 -23.01
N ALA A 209 -26.92 9.74 -21.93
CA ALA A 209 -28.07 10.37 -21.29
C ALA A 209 -27.74 11.74 -20.72
N ASP A 210 -26.49 11.95 -20.33
CA ASP A 210 -26.09 13.20 -19.70
C ASP A 210 -25.97 14.36 -20.68
N LEU A 211 -26.08 14.07 -21.97
CA LEU A 211 -26.03 15.10 -23.01
C LEU A 211 -27.43 15.60 -23.34
N ALA A 212 -28.44 14.95 -22.79
CA ALA A 212 -29.83 15.29 -23.07
C ALA A 212 -30.13 16.76 -22.76
N GLY A 213 -30.77 17.43 -23.71
CA GLY A 213 -31.20 18.80 -23.52
C GLY A 213 -30.16 19.87 -23.73
N LEU A 214 -28.89 19.50 -23.84
CA LEU A 214 -27.83 20.47 -24.08
C LEU A 214 -28.00 21.17 -25.43
N GLY A 215 -27.88 22.50 -25.46
CA GLY A 215 -27.98 23.24 -26.70
C GLY A 215 -26.72 23.06 -27.53
N GLU A 216 -26.76 23.50 -28.78
CA GLU A 216 -25.63 23.25 -29.67
C GLU A 216 -24.35 23.93 -29.16
N GLN A 217 -24.48 25.07 -28.47
CA GLN A 217 -23.28 25.75 -27.95
C GLN A 217 -22.57 24.93 -26.87
N ASP A 218 -23.33 24.36 -25.92
CA ASP A 218 -22.72 23.50 -24.91
C ASP A 218 -22.16 22.21 -25.53
N LEU A 219 -22.87 21.64 -26.50
CA LEU A 219 -22.34 20.46 -27.19
C LEU A 219 -21.03 20.79 -27.89
N ALA A 220 -20.92 22.00 -28.43
CA ALA A 220 -19.67 22.40 -29.08
C ALA A 220 -18.52 22.52 -28.08
N ARG A 221 -18.82 22.94 -26.85
CA ARG A 221 -17.80 23.06 -25.82
C ARG A 221 -17.25 21.69 -25.45
N LEU A 222 -18.13 20.69 -25.36
CA LEU A 222 -17.67 19.34 -25.08
C LEU A 222 -16.80 18.82 -26.23
N GLN A 223 -17.23 19.12 -27.44
CA GLN A 223 -16.46 18.69 -28.62
C GLN A 223 -15.10 19.38 -28.70
N LEU A 224 -15.02 20.57 -28.12
CA LEU A 224 -13.76 21.30 -28.01
C LEU A 224 -12.74 20.49 -27.23
N LEU A 225 -13.20 19.83 -26.18
CA LEU A 225 -12.36 18.93 -25.39
C LEU A 225 -11.84 17.77 -26.20
N ALA A 226 -12.73 17.16 -26.99
CA ALA A 226 -12.37 16.05 -27.85
C ALA A 226 -11.33 16.48 -28.88
N GLU A 227 -11.56 17.65 -29.49
CA GLU A 227 -10.63 18.16 -30.49
C GLU A 227 -9.27 18.46 -29.85
N PHE A 228 -9.27 19.00 -28.63
CA PHE A 228 -8.01 19.29 -27.95
C PHE A 228 -7.22 18.02 -27.71
N GLY A 229 -7.89 16.98 -27.18
CA GLY A 229 -7.22 15.71 -27.00
C GLY A 229 -6.67 15.15 -28.31
N ALA A 230 -7.46 15.23 -29.37
CA ALA A 230 -7.08 14.68 -30.66
C ALA A 230 -5.94 15.45 -31.33
N GLU A 231 -6.03 16.78 -31.34
CA GLU A 231 -5.12 17.57 -32.15
C GLU A 231 -4.26 18.59 -31.38
N GLY A 232 -4.68 18.95 -30.18
CA GLY A 232 -3.99 20.02 -29.48
C GLY A 232 -3.07 19.57 -28.38
N SER A 233 -3.04 18.27 -28.09
CA SER A 233 -2.40 17.82 -26.86
C SER A 233 -0.95 17.37 -27.02
N GLY A 234 -0.36 17.57 -28.21
CA GLY A 234 1.01 17.10 -28.43
C GLY A 234 2.01 17.64 -27.41
N TYR A 235 1.99 18.95 -27.18
CA TYR A 235 2.91 19.56 -26.23
C TYR A 235 2.73 18.94 -24.84
N LYS A 237 1.52 15.87 -24.10
CA LYS A 237 1.93 14.47 -24.04
C LYS A 237 3.45 14.34 -23.94
N ILE A 238 4.21 15.16 -24.68
CA ILE A 238 5.66 15.02 -24.60
C ILE A 238 6.17 15.62 -23.27
N GLN A 239 5.64 16.75 -22.83
CA GLN A 239 6.12 17.33 -21.58
C GLN A 239 5.75 16.46 -20.36
N SER A 240 4.63 15.74 -20.44
CA SER A 240 4.21 14.90 -19.32
C SER A 240 4.96 13.57 -19.25
N THR A 241 5.79 13.26 -20.26
CA THR A 241 6.44 11.95 -20.32
C THR A 241 7.96 12.03 -20.47
N ARG A 242 8.45 12.90 -21.34
CA ARG A 242 9.89 13.00 -21.55
C ARG A 242 10.33 14.46 -21.56
N PRO A 243 10.02 15.20 -20.48
CA PRO A 243 10.36 16.62 -20.47
C PRO A 243 11.86 16.86 -20.61
N GLN A 244 12.70 15.97 -20.08
CA GLN A 244 14.14 16.24 -20.13
C GLN A 244 14.67 16.11 -21.56
N THR A 245 14.15 15.16 -22.33
CA THR A 245 14.57 15.03 -23.73
C THR A 245 14.25 16.29 -24.50
N LEU A 246 13.03 16.79 -24.31
CA LEU A 246 12.59 18.03 -24.96
C LEU A 246 13.44 19.24 -24.55
N SER A 247 13.82 19.28 -23.28
CA SER A 247 14.51 20.44 -22.73
C SER A 247 15.80 20.81 -23.47
N TYR A 248 16.51 19.81 -24.00
CA TYR A 248 17.79 20.13 -24.66
C TYR A 248 17.61 21.05 -25.85
N SER A 249 16.61 20.78 -26.67
CA SER A 249 16.48 21.59 -27.87
C SER A 249 15.92 22.97 -27.52
N LEU A 250 14.98 23.02 -26.57
CA LEU A 250 14.36 24.30 -26.22
C LEU A 250 15.33 25.21 -25.46
N THR A 251 16.28 24.61 -24.74
CA THR A 251 17.22 25.38 -23.94
C THR A 251 18.37 25.93 -24.80
N ASP A 252 18.66 25.23 -25.89
CA ASP A 252 19.79 25.57 -26.75
C ASP A 252 19.38 26.48 -27.91
N SER A 253 18.11 26.41 -28.31
CA SER A 253 17.62 27.14 -29.49
C SER A 253 16.57 28.20 -29.19
N PRO A 254 16.93 29.49 -29.35
CA PRO A 254 15.92 30.51 -29.05
C PRO A 254 14.78 30.51 -30.07
N VAL A 255 15.05 30.24 -31.35
CA VAL A 255 13.94 30.15 -32.30
C VAL A 255 13.04 28.96 -31.92
N GLY A 256 13.65 27.87 -31.45
CA GLY A 256 12.85 26.71 -31.05
C GLY A 256 11.97 27.04 -29.85
N GLN A 257 12.58 27.70 -28.86
CA GLN A 257 11.88 28.14 -27.66
C GLN A 257 10.71 29.06 -28.03
N LEU A 258 10.97 29.99 -28.95
CA LEU A 258 9.95 30.90 -29.42
C LEU A 258 8.78 30.17 -30.11
N ALA A 259 9.09 29.29 -31.06
CA ALA A 259 8.04 28.57 -31.78
C ALA A 259 7.18 27.78 -30.81
N TRP A 260 7.83 27.13 -29.86
CA TRP A 260 7.16 26.22 -28.93
C TRP A 260 6.10 26.97 -28.13
N VAL A 261 6.43 28.21 -27.77
CA VAL A 261 5.53 29.02 -26.95
C VAL A 261 4.52 29.80 -27.79
N VAL A 262 4.99 30.42 -28.87
CA VAL A 262 4.13 31.36 -29.59
C VAL A 262 3.00 30.62 -30.33
N GLU A 263 3.21 29.35 -30.65
CA GLU A 263 2.13 28.57 -31.23
C GLU A 263 0.85 28.66 -30.37
N LYS A 264 0.99 28.62 -29.06
CA LYS A 264 -0.19 28.57 -28.17
C LYS A 264 -0.88 29.93 -28.12
N PHE A 265 -0.12 30.98 -28.35
CA PHE A 265 -0.72 32.31 -28.36
C PHE A 265 -1.58 32.44 -29.61
N GLU A 267 -3.05 29.66 -31.20
CA GLU A 267 -4.15 28.68 -31.13
C GLU A 267 -5.14 28.96 -30.02
N TRP A 268 -4.67 29.55 -28.93
CA TRP A 268 -5.54 29.70 -27.76
C TRP A 268 -6.02 31.14 -27.51
N GLY A 269 -5.43 32.10 -28.23
CA GLY A 269 -5.84 33.50 -28.11
C GLY A 269 -7.01 33.83 -29.02
N ASP A 270 -7.62 35.00 -28.83
CA ASP A 270 -8.69 35.44 -29.72
C ASP A 270 -8.05 35.98 -31.00
N THR A 271 -7.68 35.07 -31.90
CA THR A 271 -6.89 35.41 -33.06
C THR A 271 -7.60 35.19 -34.38
N ASP A 272 -7.05 35.75 -35.44
CA ASP A 272 -7.58 35.56 -36.79
C ASP A 272 -6.46 34.96 -37.65
N LYS A 273 -5.50 35.79 -38.03
CA LYS A 273 -4.42 35.34 -38.91
C LYS A 273 -3.06 35.32 -38.18
N SER A 274 -2.99 35.89 -36.99
CA SER A 274 -1.71 36.01 -36.31
C SER A 274 -1.89 36.10 -34.79
N PRO A 275 -0.93 35.56 -34.02
CA PRO A 275 -1.00 35.74 -32.55
C PRO A 275 -1.00 37.20 -32.14
N GLU A 276 -0.40 38.05 -32.97
CA GLU A 276 -0.37 39.49 -32.70
C GLU A 276 -1.76 40.14 -32.84
N ASP A 277 -2.76 39.38 -33.32
CA ASP A 277 -4.13 39.86 -33.31
C ASP A 277 -4.65 40.05 -31.88
N ALA A 278 -4.09 39.30 -30.96
CA ALA A 278 -4.58 39.28 -29.58
C ALA A 278 -3.55 39.81 -28.59
N VAL A 279 -2.27 39.55 -28.86
CA VAL A 279 -1.20 39.99 -27.96
C VAL A 279 -0.08 40.60 -28.80
N ASP A 280 0.26 41.86 -28.57
CA ASP A 280 1.25 42.51 -29.45
C ASP A 280 2.63 41.87 -29.29
N ARG A 281 3.50 42.08 -30.27
CA ARG A 281 4.70 41.26 -30.31
C ARG A 281 5.67 41.59 -29.17
N ASP A 282 5.63 42.80 -28.64
CA ASP A 282 6.53 43.10 -27.52
C ASP A 282 6.16 42.25 -26.31
N ARG A 283 4.87 42.16 -26.01
CA ARG A 283 4.41 41.33 -24.90
C ARG A 283 4.67 39.84 -25.16
N LEU A 284 4.47 39.40 -26.41
CA LEU A 284 4.76 38.03 -26.75
C LEU A 284 6.23 37.68 -26.48
N LEU A 285 7.13 38.56 -26.94
CA LEU A 285 8.55 38.30 -26.78
C LEU A 285 9.00 38.44 -25.33
N THR A 286 8.39 39.35 -24.57
CA THR A 286 8.73 39.48 -23.15
C THR A 286 8.43 38.16 -22.42
N ASN A 287 7.25 37.59 -22.69
CA ASN A 287 6.92 36.31 -22.09
C ASN A 287 7.92 35.22 -22.50
N VAL A 288 8.26 35.16 -23.78
CA VAL A 288 9.25 34.18 -24.25
C VAL A 288 10.62 34.43 -23.60
N ILE A 290 11.24 35.51 -20.69
CA ILE A 290 11.28 34.99 -19.34
C ILE A 290 11.64 33.49 -19.39
N TYR A 291 11.06 32.70 -20.30
CA TYR A 291 11.47 31.29 -20.44
C TYR A 291 12.90 31.15 -20.89
N TRP A 292 13.26 31.90 -21.92
CA TRP A 292 14.61 31.80 -22.48
C TRP A 292 15.70 32.18 -21.47
N LEU A 293 15.57 33.36 -20.85
CA LEU A 293 16.66 33.90 -20.04
C LEU A 293 16.84 33.15 -18.72
N THR A 294 15.75 32.55 -18.22
CA THR A 294 15.84 31.74 -17.01
C THR A 294 16.09 30.27 -17.32
N ALA A 295 16.09 29.91 -18.60
CA ALA A 295 16.34 28.54 -19.03
C ALA A 295 15.39 27.57 -18.32
N THR A 296 14.12 27.90 -18.33
CA THR A 296 13.12 27.10 -17.63
C THR A 296 12.16 26.37 -18.58
N ALA A 297 12.52 26.19 -19.85
CA ALA A 297 11.67 25.37 -20.73
C ALA A 297 11.57 23.95 -20.18
N GLY A 298 12.69 23.41 -19.72
CA GLY A 298 12.74 22.05 -19.21
C GLY A 298 12.07 21.94 -17.86
N SER A 299 12.44 22.81 -16.92
CA SER A 299 11.88 22.71 -15.57
C SER A 299 10.38 23.00 -15.57
N SER A 300 9.92 23.87 -16.48
CA SER A 300 8.47 24.14 -16.55
C SER A 300 7.78 22.92 -17.14
N ALA A 301 8.41 22.29 -18.14
CA ALA A 301 7.90 21.03 -18.69
C ALA A 301 7.78 19.92 -17.64
N HIS A 302 8.71 19.86 -16.68
CA HIS A 302 8.68 18.82 -15.66
C HIS A 302 7.40 18.89 -14.82
N PHE A 303 6.77 20.06 -14.75
CA PHE A 303 5.52 20.21 -14.00
C PHE A 303 4.46 19.25 -14.57
N TYR A 304 4.40 19.18 -15.90
CA TYR A 304 3.45 18.28 -16.57
C TYR A 304 3.72 16.82 -16.21
N TYR A 305 5.00 16.45 -16.13
CA TYR A 305 5.36 15.10 -15.72
C TYR A 305 4.83 14.83 -14.31
N GLU A 306 5.05 15.80 -13.42
CA GLU A 306 4.63 15.62 -12.02
C GLU A 306 3.12 15.47 -11.89
N ILE A 307 2.35 16.06 -12.80
CA ILE A 307 0.89 16.01 -12.66
C ILE A 307 0.23 15.13 -13.73
N SER A 308 1.02 14.26 -14.35
CA SER A 308 0.56 13.54 -15.55
C SER A 308 -0.72 12.75 -15.28
N ASP A 309 -0.85 12.24 -14.06
CA ASP A 309 -1.99 11.44 -13.65
C ASP A 309 -3.34 12.18 -13.67
N VAL A 310 -3.32 13.51 -13.62
CA VAL A 310 -4.60 14.22 -13.63
C VAL A 310 -4.86 15.00 -14.91
N LEU A 311 -3.96 14.88 -15.88
CA LEU A 311 -4.12 15.57 -17.17
C LEU A 311 -5.12 14.83 -18.04
N PRO A 312 -5.68 15.52 -19.04
CA PRO A 312 -6.41 14.92 -20.17
C PRO A 312 -5.61 13.81 -20.87
N THR A 313 -4.29 13.96 -20.93
CA THR A 313 -3.42 12.98 -21.60
C THR A 313 -3.10 11.75 -20.71
N ALA A 314 -3.74 11.66 -19.55
CA ALA A 314 -3.42 10.61 -18.58
C ALA A 314 -3.62 9.20 -19.15
N PRO A 315 -2.69 8.29 -18.81
CA PRO A 315 -2.77 6.85 -19.11
C PRO A 315 -4.19 6.33 -18.95
N THR A 316 -4.78 6.60 -17.80
CA THR A 316 -6.21 6.38 -17.60
C THR A 316 -6.83 7.71 -17.19
N PRO A 317 -7.87 8.15 -17.92
CA PRO A 317 -8.55 9.41 -17.60
C PRO A 317 -8.91 9.48 -16.12
N PRO A 318 -8.60 10.61 -15.47
CA PRO A 318 -8.83 10.74 -14.02
C PRO A 318 -10.30 10.57 -13.66
N PRO A 319 -10.60 9.85 -12.57
CA PRO A 319 -11.98 9.70 -12.11
C PRO A 319 -12.58 11.05 -11.77
N PRO A 320 -13.88 11.24 -12.03
CA PRO A 320 -14.55 12.51 -11.73
C PRO A 320 -14.40 12.86 -10.25
N ALA A 321 -13.83 14.03 -9.98
CA ALA A 321 -13.63 14.47 -8.61
C ALA A 321 -14.98 14.67 -7.92
N PRO A 322 -15.02 14.47 -6.59
CA PRO A 322 -16.21 14.81 -5.81
C PRO A 322 -16.47 16.33 -5.89
N PRO A 323 -17.67 16.77 -5.48
CA PRO A 323 -17.93 18.22 -5.55
C PRO A 323 -17.03 19.00 -4.59
N LEU A 324 -16.58 20.18 -5.02
CA LEU A 324 -15.77 21.07 -4.20
C LEU A 324 -16.60 22.24 -3.66
N PRO A 325 -16.51 22.50 -2.34
CA PRO A 325 -17.40 23.47 -1.72
C PRO A 325 -16.99 24.96 -1.85
N THR A 326 -15.81 25.26 -2.36
CA THR A 326 -15.36 26.66 -2.42
C THR A 326 -16.35 27.58 -3.14
N PRO A 327 -16.59 28.77 -2.58
CA PRO A 327 -17.34 29.77 -3.36
C PRO A 327 -16.59 30.07 -4.66
N LEU A 328 -17.24 29.86 -5.79
CA LEU A 328 -16.54 29.83 -7.07
C LEU A 328 -17.03 30.89 -8.04
N GLY A 329 -16.09 31.63 -8.62
CA GLY A 329 -16.40 32.46 -9.76
C GLY A 329 -15.80 31.85 -11.02
N VAL A 330 -16.53 31.94 -12.14
CA VAL A 330 -16.12 31.34 -13.40
C VAL A 330 -16.24 32.40 -14.49
N ALA A 331 -15.13 32.66 -15.19
CA ALA A 331 -15.17 33.55 -16.34
C ALA A 331 -14.87 32.80 -17.63
N VAL A 332 -15.83 32.82 -18.56
CA VAL A 332 -15.69 32.11 -19.82
C VAL A 332 -15.39 33.09 -20.94
N TYR A 333 -14.15 33.03 -21.42
CA TYR A 333 -13.72 33.83 -22.56
C TYR A 333 -13.95 33.04 -23.83
N PRO A 334 -14.59 33.66 -24.82
CA PRO A 334 -15.20 33.00 -25.98
C PRO A 334 -14.20 32.27 -26.88
N ALA A 335 -12.95 32.73 -26.95
CA ALA A 335 -11.98 32.08 -27.80
C ALA A 335 -11.07 31.12 -27.04
N ASP A 336 -11.41 30.80 -25.80
CA ASP A 336 -10.56 29.93 -24.98
C ASP A 336 -10.44 28.53 -25.60
N SER A 337 -9.36 27.82 -25.27
CA SER A 337 -9.11 26.48 -25.81
C SER A 337 -10.07 25.43 -25.28
N ALA A 338 -10.60 25.68 -24.08
CA ALA A 338 -11.67 24.87 -23.48
C ALA A 338 -12.64 25.79 -22.74
N LYS A 339 -13.90 25.39 -22.67
CA LYS A 339 -14.96 26.19 -22.04
C LYS A 339 -15.92 25.25 -21.35
N PRO A 340 -16.40 25.63 -20.14
CA PRO A 340 -17.25 24.76 -19.33
C PRO A 340 -18.72 24.77 -19.72
N VAL A 341 -19.37 23.62 -19.58
CA VAL A 341 -20.82 23.52 -19.68
C VAL A 341 -21.35 23.81 -18.29
N ARG A 342 -22.21 24.82 -18.15
CA ARG A 342 -22.60 25.26 -16.82
C ARG A 342 -23.33 24.16 -16.02
N ARG A 343 -24.18 23.41 -16.69
CA ARG A 343 -24.91 22.32 -16.02
C ARG A 343 -23.93 21.37 -15.31
N PHE A 344 -22.84 21.03 -16.01
CA PHE A 344 -21.83 20.10 -15.48
C PHE A 344 -20.97 20.79 -14.42
N ALA A 345 -20.63 22.06 -14.65
CA ALA A 345 -19.79 22.77 -13.69
C ALA A 345 -20.51 22.91 -12.33
N GLU A 346 -21.81 23.11 -12.35
CA GLU A 346 -22.52 23.29 -11.09
C GLU A 346 -22.64 21.98 -10.32
N ARG A 347 -22.54 20.83 -11.02
CA ARG A 347 -22.48 19.55 -10.31
C ARG A 347 -21.11 19.36 -9.65
N ALA A 348 -20.04 19.83 -10.30
CA ALA A 348 -18.69 19.73 -9.75
C ALA A 348 -18.42 20.79 -8.66
N PHE A 349 -19.08 21.94 -8.76
CA PHE A 349 -18.88 23.05 -7.85
C PHE A 349 -20.24 23.60 -7.46
N PRO A 350 -20.84 23.06 -6.40
CA PRO A 350 -22.21 23.40 -5.98
C PRO A 350 -22.34 24.81 -5.42
N ASN A 351 -21.22 25.51 -5.22
CA ASN A 351 -21.27 26.87 -4.66
C ASN A 351 -20.72 27.91 -5.61
N ILE A 352 -21.06 27.82 -6.89
CA ILE A 352 -20.73 28.87 -7.85
C ILE A 352 -21.52 30.14 -7.53
N VAL A 353 -20.83 31.25 -7.32
CA VAL A 353 -21.48 32.51 -6.96
C VAL A 353 -21.41 33.55 -8.08
N HIS A 354 -20.62 33.26 -9.11
CA HIS A 354 -20.38 34.23 -10.16
C HIS A 354 -20.07 33.48 -11.45
N TRP A 355 -20.79 33.82 -12.52
CA TRP A 355 -20.56 33.14 -13.81
C TRP A 355 -20.67 34.19 -14.89
N ALA A 356 -19.57 34.47 -15.59
CA ALA A 356 -19.59 35.46 -16.63
C ALA A 356 -19.24 34.84 -17.99
N GLU A 357 -19.99 35.23 -19.00
CA GLU A 357 -19.66 34.85 -20.38
C GLU A 357 -19.19 36.13 -21.09
N LEU A 358 -17.88 36.28 -21.27
CA LEU A 358 -17.35 37.53 -21.84
C LEU A 358 -17.52 37.55 -23.34
N GLU A 359 -17.44 38.72 -23.96
CA GLU A 359 -17.73 38.72 -25.39
C GLU A 359 -16.50 38.86 -26.29
N ARG A 360 -15.33 38.96 -25.69
CA ARG A 360 -14.08 38.98 -26.44
C ARG A 360 -12.99 38.29 -25.66
N GLY A 361 -11.97 37.78 -26.34
CA GLY A 361 -10.80 37.27 -25.66
C GLY A 361 -10.68 35.75 -25.61
N GLY A 362 -9.45 35.27 -25.52
CA GLY A 362 -9.15 33.86 -25.43
C GLY A 362 -8.55 33.45 -24.09
N HIS A 363 -7.59 32.53 -24.17
CA HIS A 363 -7.00 31.84 -23.02
C HIS A 363 -6.21 32.73 -22.08
N PHE A 364 -5.69 33.84 -22.61
CA PHE A 364 -4.79 34.71 -21.85
C PHE A 364 -5.53 36.00 -21.46
N ALA A 365 -6.58 35.83 -20.65
CA ALA A 365 -7.52 36.89 -20.37
C ALA A 365 -6.92 38.20 -19.88
N ALA A 366 -6.11 38.16 -18.83
CA ALA A 366 -5.56 39.41 -18.28
C ALA A 366 -4.69 40.12 -19.32
N LEU A 367 -3.98 39.34 -20.13
CA LEU A 367 -3.12 39.91 -21.14
C LEU A 367 -3.89 40.43 -22.37
N GLU A 368 -4.87 39.67 -22.83
CA GLU A 368 -5.65 40.00 -24.03
C GLU A 368 -6.68 41.09 -23.78
N GLN A 369 -7.36 40.97 -22.65
CA GLN A 369 -8.52 41.81 -22.37
C GLN A 369 -8.42 42.35 -20.95
N PRO A 370 -7.42 43.20 -20.68
CA PRO A 370 -7.24 43.63 -19.29
C PRO A 370 -8.45 44.38 -18.75
N GLY A 371 -9.13 45.15 -19.59
CA GLY A 371 -10.33 45.87 -19.15
C GLY A 371 -11.45 44.92 -18.73
N LEU A 372 -11.70 43.91 -19.56
CA LEU A 372 -12.74 42.94 -19.24
C LEU A 372 -12.39 42.14 -17.99
N PHE A 373 -11.11 41.80 -17.87
CA PHE A 373 -10.63 40.99 -16.76
C PHE A 373 -10.77 41.71 -15.44
N VAL A 374 -10.38 42.98 -15.42
CA VAL A 374 -10.50 43.79 -14.20
C VAL A 374 -11.98 43.94 -13.80
N SER A 375 -12.85 44.21 -14.77
CA SER A 375 -14.26 44.42 -14.45
C SER A 375 -14.87 43.16 -13.90
N ASP A 376 -14.52 42.04 -14.53
CA ASP A 376 -15.00 40.75 -14.08
C ASP A 376 -14.51 40.37 -12.68
N LEU A 377 -13.24 40.64 -12.37
CA LEU A 377 -12.74 40.31 -11.04
C LEU A 377 -13.36 41.21 -9.96
N ARG A 378 -13.63 42.46 -10.31
CA ARG A 378 -14.30 43.35 -9.37
C ARG A 378 -15.72 42.84 -9.12
N ALA A 379 -16.38 42.36 -10.18
CA ALA A 379 -17.72 41.83 -10.06
C ALA A 379 -17.68 40.59 -9.18
N PHE A 380 -16.63 39.79 -9.35
CA PHE A 380 -16.47 38.59 -8.53
C PHE A 380 -16.32 38.95 -7.04
N ALA A 381 -15.54 39.99 -6.75
CA ALA A 381 -15.36 40.43 -5.36
C ALA A 381 -16.69 40.81 -4.74
N ARG A 382 -17.49 41.53 -5.51
CA ARG A 382 -18.80 41.96 -5.06
C ARG A 382 -19.74 40.77 -4.84
N ALA A 383 -19.67 39.79 -5.74
CA ALA A 383 -20.46 38.56 -5.58
C ALA A 383 -20.07 37.82 -4.30
N LEU A 384 -18.76 37.78 -3.99
CA LEU A 384 -18.30 37.15 -2.74
C LEU A 384 -18.79 37.87 -1.50
N ARG A 385 -18.78 39.20 -1.52
CA ARG A 385 -19.20 40.00 -0.38
C ARG A 385 -20.69 39.88 -0.10
N THR A 386 -21.47 39.61 -1.14
CA THR A 386 -22.94 39.66 -1.01
C THR A 386 -23.59 38.28 -0.96
N SER A 387 -22.80 37.23 -1.04
CA SER A 387 -23.41 35.91 -0.99
C SER A 387 -23.09 35.16 0.29
N HIS A 388 -21.82 35.21 0.69
CA HIS A 388 -21.15 34.14 1.45
C HIS A 388 -22.09 33.30 2.32
N GLU B 2 19.59 8.86 -61.45
CA GLU B 2 20.93 9.42 -61.61
C GLU B 2 21.80 9.01 -60.43
N PRO B 3 23.08 8.70 -60.70
CA PRO B 3 24.00 8.36 -59.62
C PRO B 3 24.11 9.48 -58.61
N PHE B 4 24.32 9.09 -57.36
CA PHE B 4 24.36 10.02 -56.25
C PHE B 4 25.50 9.65 -55.32
N ARG B 5 26.19 10.67 -54.82
CA ARG B 5 27.28 10.51 -53.88
C ARG B 5 27.08 11.53 -52.78
N ILE B 6 27.29 11.13 -51.52
CA ILE B 6 27.18 12.06 -50.40
C ILE B 6 28.45 12.90 -50.33
N VAL B 7 28.30 14.22 -50.47
CA VAL B 7 29.44 15.14 -50.39
C VAL B 7 29.07 16.31 -49.48
N ILE B 8 29.44 16.21 -48.22
CA ILE B 8 29.12 17.23 -47.25
C ILE B 8 30.17 18.36 -47.25
N PRO B 9 29.74 19.59 -47.51
CA PRO B 9 30.68 20.72 -47.47
C PRO B 9 31.35 20.84 -46.11
N GLN B 10 32.66 21.10 -46.09
CA GLN B 10 33.36 21.32 -44.83
C GLN B 10 32.68 22.41 -44.00
N ALA B 11 32.09 23.38 -44.67
CA ALA B 11 31.41 24.48 -43.97
C ALA B 11 30.30 23.94 -43.05
N ASP B 12 29.63 22.87 -43.47
CA ASP B 12 28.55 22.29 -42.67
C ASP B 12 29.10 21.68 -41.38
N LEU B 13 30.26 21.04 -41.49
CA LEU B 13 30.90 20.44 -40.33
C LEU B 13 31.41 21.51 -39.38
N ASP B 14 31.99 22.57 -39.93
CA ASP B 14 32.46 23.68 -39.11
C ASP B 14 31.29 24.32 -38.36
N ASP B 15 30.17 24.51 -39.06
CA ASP B 15 28.96 25.03 -38.42
C ASP B 15 28.50 24.11 -37.29
N LEU B 16 28.50 22.81 -37.55
CA LEU B 16 28.09 21.86 -36.52
C LEU B 16 28.97 22.00 -35.27
N HIS B 17 30.28 22.06 -35.45
CA HIS B 17 31.16 22.14 -34.29
C HIS B 17 31.01 23.46 -33.55
N ARG B 18 30.75 24.53 -34.29
CA ARG B 18 30.46 25.85 -33.71
C ARG B 18 29.26 25.76 -32.78
N ARG B 19 28.20 25.11 -33.27
CA ARG B 19 26.96 24.97 -32.50
C ARG B 19 27.21 24.09 -31.27
N LEU B 20 27.94 22.99 -31.46
CA LEU B 20 28.24 22.08 -30.35
C LEU B 20 29.01 22.77 -29.22
N ASP B 21 30.01 23.57 -29.60
CA ASP B 21 30.82 24.30 -28.62
C ASP B 21 29.97 25.31 -27.86
N ALA B 22 28.94 25.82 -28.52
CA ALA B 22 28.12 26.87 -27.90
C ALA B 22 26.88 26.32 -27.19
N THR B 23 26.78 25.00 -27.06
CA THR B 23 25.58 24.39 -26.46
C THR B 23 25.23 25.02 -25.09
N ARG B 24 23.97 25.38 -24.90
CA ARG B 24 23.51 25.81 -23.60
C ARG B 24 22.74 24.66 -22.98
N TRP B 25 23.26 24.11 -21.90
CA TRP B 25 22.70 22.91 -21.27
C TRP B 25 21.59 23.29 -20.29
N PRO B 26 20.55 22.44 -20.18
CA PRO B 26 19.49 22.67 -19.20
C PRO B 26 19.89 22.16 -17.83
N SER B 27 19.12 22.58 -16.84
CA SER B 27 19.14 21.99 -15.52
C SER B 27 18.61 20.57 -15.60
N GLU B 28 18.84 19.80 -14.54
CA GLU B 28 18.21 18.49 -14.41
C GLU B 28 17.68 18.31 -13.00
N ILE B 29 16.74 17.38 -12.84
CA ILE B 29 16.34 16.95 -11.52
C ILE B 29 17.11 15.68 -11.24
N PRO B 30 17.96 15.68 -10.21
CA PRO B 30 18.83 14.54 -9.90
C PRO B 30 18.05 13.30 -9.46
N GLY B 31 18.60 12.12 -9.74
CA GLY B 31 18.03 10.88 -9.23
C GLY B 31 16.93 10.29 -10.08
N THR B 32 16.74 10.81 -11.30
CA THR B 32 15.63 10.35 -12.11
C THR B 32 16.08 9.44 -13.24
N GLY B 33 17.38 9.19 -13.36
CA GLY B 33 17.88 8.26 -14.37
C GLY B 33 17.38 8.62 -15.76
N TRP B 34 16.89 7.62 -16.49
CA TRP B 34 16.37 7.85 -17.84
C TRP B 34 14.85 8.03 -17.86
N SER B 35 14.23 8.06 -16.68
CA SER B 35 12.78 7.98 -16.59
C SER B 35 12.04 9.18 -17.24
N ARG B 36 12.71 10.33 -17.32
CA ARG B 36 12.08 11.55 -17.87
C ARG B 36 12.74 12.02 -19.14
N GLY B 37 13.61 11.18 -19.70
CA GLY B 37 14.31 11.47 -20.93
C GLY B 37 15.82 11.32 -20.80
N VAL B 38 16.55 11.79 -21.80
CA VAL B 38 18.02 11.57 -21.80
C VAL B 38 18.68 12.32 -20.66
N PRO B 39 19.44 11.60 -19.83
CA PRO B 39 20.11 12.24 -18.70
C PRO B 39 21.24 13.14 -19.16
N LEU B 40 21.44 14.21 -18.40
CA LEU B 40 22.41 15.25 -18.69
C LEU B 40 23.84 14.71 -18.78
N ASP B 41 24.25 13.90 -17.81
CA ASP B 41 25.63 13.41 -17.75
C ASP B 41 25.97 12.59 -18.99
N TYR B 42 25.08 11.69 -19.36
CA TYR B 42 25.31 10.87 -20.54
C TYR B 42 25.42 11.72 -21.81
N LEU B 43 24.48 12.64 -21.98
CA LEU B 43 24.45 13.43 -23.21
C LEU B 43 25.69 14.33 -23.32
N LYS B 44 26.10 14.93 -22.21
CA LYS B 44 27.36 15.68 -22.20
C LYS B 44 28.53 14.83 -22.68
N GLU B 45 28.60 13.59 -22.20
CA GLU B 45 29.71 12.72 -22.60
C GLU B 45 29.63 12.34 -24.07
N LEU B 46 28.44 12.03 -24.56
CA LEU B 46 28.28 11.68 -25.97
C LEU B 46 28.57 12.89 -26.88
N VAL B 47 28.12 14.07 -26.47
CA VAL B 47 28.40 15.30 -27.25
C VAL B 47 29.90 15.60 -27.30
N GLY B 48 30.62 15.37 -26.20
CA GLY B 48 32.06 15.59 -26.19
C GLY B 48 32.74 14.70 -27.22
N TYR B 49 32.32 13.44 -27.29
CA TYR B 49 32.87 12.55 -28.32
C TYR B 49 32.49 12.98 -29.73
N TRP B 50 31.24 13.37 -29.91
CA TRP B 50 30.76 13.88 -31.20
C TRP B 50 31.62 15.05 -31.71
N ARG B 51 31.93 15.97 -30.80
CA ARG B 51 32.72 17.17 -31.13
C ARG B 51 34.19 16.85 -31.36
N ASP B 52 34.73 15.95 -30.54
CA ASP B 52 36.15 15.58 -30.64
C ASP B 52 36.33 14.06 -30.52
N GLY B 53 36.21 13.35 -31.64
CA GLY B 53 36.30 11.91 -31.63
C GLY B 53 35.64 11.30 -32.85
N TYR B 54 34.34 11.56 -32.97
CA TYR B 54 33.56 11.07 -34.11
C TYR B 54 34.13 11.54 -35.45
N ASP B 55 34.18 10.63 -36.43
CA ASP B 55 34.77 10.91 -37.74
C ASP B 55 33.72 10.79 -38.84
N TRP B 56 33.09 11.91 -39.20
CA TRP B 56 32.07 11.91 -40.24
C TRP B 56 32.64 11.46 -41.60
N ARG B 57 33.84 11.91 -41.93
CA ARG B 57 34.41 11.58 -43.25
C ARG B 57 34.52 10.07 -43.45
N ALA B 58 34.84 9.32 -42.40
CA ALA B 58 34.93 7.86 -42.53
C ALA B 58 33.54 7.27 -42.75
N ALA B 59 32.55 7.79 -42.01
CA ALA B 59 31.17 7.35 -42.15
C ALA B 59 30.67 7.64 -43.57
N GLU B 60 30.96 8.86 -44.03
CA GLU B 60 30.63 9.30 -45.37
C GLU B 60 31.26 8.38 -46.45
N ASP B 61 32.53 8.05 -46.28
CA ASP B 61 33.18 7.11 -47.17
C ASP B 61 32.46 5.76 -47.20
N ARG B 62 32.11 5.26 -46.02
CA ARG B 62 31.49 3.94 -45.92
C ARG B 62 30.13 3.92 -46.61
N LEU B 63 29.33 4.97 -46.39
CA LEU B 63 28.03 5.09 -47.05
C LEU B 63 28.23 5.13 -48.56
N ASN B 64 29.27 5.82 -49.01
CA ASN B 64 29.53 5.95 -50.43
C ASN B 64 30.13 4.70 -51.08
N THR B 65 30.44 3.68 -50.29
CA THR B 65 30.81 2.39 -50.89
C THR B 65 29.57 1.69 -51.44
N VAL B 66 28.40 2.16 -51.03
CA VAL B 66 27.15 1.61 -51.53
C VAL B 66 26.63 2.44 -52.69
N PRO B 67 26.39 1.81 -53.85
CA PRO B 67 25.80 2.50 -55.00
C PRO B 67 24.50 3.19 -54.61
N GLN B 68 24.44 4.50 -54.83
CA GLN B 68 23.25 5.29 -54.56
C GLN B 68 22.82 6.04 -55.79
N PHE B 69 21.54 6.39 -55.82
CA PHE B 69 20.94 7.07 -56.95
C PHE B 69 19.83 8.00 -56.44
N THR B 70 19.46 9.00 -57.23
CA THR B 70 18.22 9.71 -56.97
C THR B 70 17.35 9.68 -58.22
N THR B 71 16.05 9.82 -58.02
CA THR B 71 15.10 9.84 -59.11
C THR B 71 13.85 10.55 -58.62
N GLU B 72 13.13 11.17 -59.54
CA GLU B 72 11.92 11.86 -59.13
C GLU B 72 10.71 10.96 -59.34
N ILE B 73 9.91 10.82 -58.28
CA ILE B 73 8.71 10.00 -58.33
C ILE B 73 7.55 10.76 -57.73
N ASP B 74 6.48 10.91 -58.52
CA ASP B 74 5.23 11.52 -58.05
C ASP B 74 5.50 12.91 -57.43
N GLY B 75 6.41 13.65 -58.04
CA GLY B 75 6.69 15.01 -57.64
C GLY B 75 7.78 15.18 -56.58
N THR B 76 8.32 14.08 -56.06
CA THR B 76 9.31 14.22 -55.00
C THR B 76 10.59 13.45 -55.27
N ASN B 77 11.67 13.92 -54.67
CA ASN B 77 12.97 13.28 -54.81
C ASN B 77 13.03 12.02 -53.97
N VAL B 78 13.44 10.93 -54.60
CA VAL B 78 13.65 9.67 -53.91
C VAL B 78 15.11 9.25 -54.05
N HIS B 79 15.79 9.19 -52.92
CA HIS B 79 17.15 8.69 -52.85
C HIS B 79 17.11 7.20 -52.50
N PHE B 80 17.99 6.40 -53.09
CA PHE B 80 17.98 4.97 -52.77
C PHE B 80 19.32 4.31 -53.06
N HIS B 82 21.12 0.78 -54.25
CA HIS B 82 20.77 -0.40 -55.01
C HIS B 82 22.00 -1.29 -55.12
N ILE B 83 21.92 -2.47 -54.52
CA ILE B 83 23.07 -3.37 -54.47
C ILE B 83 22.68 -4.68 -55.12
N ARG B 84 23.28 -4.97 -56.28
CA ARG B 84 22.99 -6.20 -57.00
C ARG B 84 23.68 -7.37 -56.34
N SER B 85 23.05 -8.53 -56.33
CA SER B 85 23.66 -9.72 -55.76
C SER B 85 24.82 -10.27 -56.59
N ALA B 86 25.71 -10.98 -55.92
CA ALA B 86 26.78 -11.71 -56.57
C ALA B 86 26.25 -13.03 -57.15
N GLU B 87 25.01 -13.37 -56.85
CA GLU B 87 24.42 -14.63 -57.30
C GLU B 87 23.22 -14.41 -58.21
N PRO B 88 23.12 -15.19 -59.31
CA PRO B 88 22.11 -15.03 -60.36
C PRO B 88 20.65 -14.96 -59.88
N ASP B 89 20.16 -16.05 -59.29
CA ASP B 89 18.74 -16.17 -59.00
C ASP B 89 18.38 -15.60 -57.63
N ALA B 90 18.96 -14.45 -57.31
CA ALA B 90 18.72 -13.85 -56.00
C ALA B 90 17.35 -13.21 -55.91
N LEU B 91 16.82 -13.16 -54.70
CA LEU B 91 15.51 -12.56 -54.47
C LEU B 91 15.61 -11.04 -54.37
N PRO B 92 14.90 -10.32 -55.26
CA PRO B 92 14.93 -8.86 -55.11
C PRO B 92 14.10 -8.47 -53.89
N ILE B 94 13.05 -4.99 -51.30
CA ILE B 94 13.13 -3.58 -50.94
C ILE B 94 12.95 -3.43 -49.44
N ILE B 95 13.98 -2.88 -48.79
CA ILE B 95 14.04 -2.72 -47.34
C ILE B 95 13.83 -1.27 -46.93
N THR B 96 12.87 -1.05 -46.04
CA THR B 96 12.53 0.29 -45.62
C THR B 96 12.73 0.61 -44.17
N HIS B 97 13.46 1.68 -43.90
CA HIS B 97 13.73 2.07 -42.52
C HIS B 97 12.52 2.78 -41.96
N GLY B 98 12.57 3.13 -40.69
CA GLY B 98 11.49 3.91 -40.13
C GLY B 98 12.08 5.11 -39.41
N TRP B 99 11.37 5.58 -38.40
CA TRP B 99 11.78 6.72 -37.58
C TRP B 99 12.17 6.22 -36.20
N PRO B 100 13.28 6.73 -35.63
CA PRO B 100 14.21 7.76 -36.09
C PRO B 100 15.42 7.11 -36.75
N GLY B 101 15.18 6.26 -37.73
CA GLY B 101 16.27 5.57 -38.40
C GLY B 101 16.62 6.13 -39.77
N SER B 102 17.36 5.34 -40.53
CA SER B 102 17.87 5.79 -41.82
C SER B 102 18.44 4.61 -42.58
N VAL B 103 18.86 4.85 -43.82
CA VAL B 103 19.47 3.79 -44.61
C VAL B 103 20.80 3.35 -43.99
N ALA B 104 21.38 4.17 -43.10
CA ALA B 104 22.64 3.79 -42.46
C ALA B 104 22.47 2.58 -41.53
N GLU B 105 21.25 2.30 -41.10
CA GLU B 105 20.98 1.12 -40.27
C GLU B 105 21.44 -0.18 -40.88
N PHE B 106 21.49 -0.22 -42.22
CA PHE B 106 21.66 -1.48 -42.93
C PHE B 106 23.08 -1.76 -43.41
N LEU B 107 24.03 -0.89 -43.07
CA LEU B 107 25.39 -1.02 -43.58
C LEU B 107 26.05 -2.37 -43.28
N ASP B 108 25.76 -2.95 -42.12
CA ASP B 108 26.39 -4.21 -41.76
C ASP B 108 25.66 -5.46 -42.28
N VAL B 109 24.48 -5.30 -42.88
CA VAL B 109 23.80 -6.48 -43.41
C VAL B 109 23.78 -6.52 -44.92
N ILE B 110 24.14 -5.42 -45.58
CA ILE B 110 24.11 -5.40 -47.04
C ILE B 110 24.99 -6.47 -47.70
N ASP B 111 26.26 -6.56 -47.29
CA ASP B 111 27.17 -7.49 -47.96
C ASP B 111 26.81 -8.96 -47.67
N PRO B 112 26.49 -9.32 -46.41
CA PRO B 112 26.09 -10.71 -46.19
C PRO B 112 24.79 -11.10 -46.90
N LEU B 113 23.85 -10.17 -47.07
CA LEU B 113 22.60 -10.49 -47.76
C LEU B 113 22.82 -10.65 -49.26
N THR B 114 23.58 -9.75 -49.85
CA THR B 114 23.77 -9.77 -51.30
C THR B 114 24.92 -10.67 -51.76
N ASN B 115 25.86 -10.97 -50.88
CA ASN B 115 27.02 -11.77 -51.25
C ASN B 115 27.27 -12.85 -50.21
N PRO B 116 26.30 -13.76 -50.02
CA PRO B 116 26.43 -14.76 -48.95
C PRO B 116 27.66 -15.63 -49.09
N ARG B 117 28.09 -15.87 -50.33
CA ARG B 117 29.23 -16.74 -50.57
C ARG B 117 30.50 -16.20 -49.89
N ALA B 118 30.57 -14.89 -49.67
CA ALA B 118 31.74 -14.28 -49.05
C ALA B 118 31.57 -14.09 -47.54
N HIS B 119 30.45 -14.57 -46.99
CA HIS B 119 30.15 -14.41 -45.57
C HIS B 119 29.57 -15.69 -44.98
N GLY B 120 30.02 -16.82 -45.50
CA GLY B 120 29.68 -18.13 -44.96
C GLY B 120 28.22 -18.55 -45.18
N GLY B 121 27.50 -17.83 -46.03
CA GLY B 121 26.14 -18.19 -46.34
C GLY B 121 26.04 -19.12 -47.55
N ASP B 122 24.84 -19.63 -47.77
CA ASP B 122 24.50 -20.44 -48.95
C ASP B 122 24.21 -19.53 -50.14
N PRO B 123 24.90 -19.73 -51.27
CA PRO B 123 24.63 -18.87 -52.44
C PRO B 123 23.16 -18.86 -52.86
N ALA B 124 22.44 -19.93 -52.54
CA ALA B 124 21.02 -20.04 -52.87
C ALA B 124 20.17 -19.02 -52.12
N ASP B 125 20.72 -18.43 -51.06
CA ASP B 125 19.97 -17.53 -50.19
C ASP B 125 20.34 -16.06 -50.40
N ALA B 126 20.70 -15.70 -51.62
CA ALA B 126 21.13 -14.34 -51.91
C ALA B 126 19.96 -13.38 -52.17
N PHE B 127 20.22 -12.10 -51.95
CA PHE B 127 19.26 -11.03 -52.22
C PHE B 127 19.85 -9.99 -53.17
N HIS B 128 19.01 -9.42 -54.03
CA HIS B 128 19.25 -8.09 -54.60
C HIS B 128 18.58 -7.09 -53.67
N LEU B 129 19.27 -6.00 -53.31
CA LEU B 129 18.70 -5.06 -52.35
C LEU B 129 18.45 -3.67 -52.91
N VAL B 130 17.25 -3.16 -52.66
CA VAL B 130 16.91 -1.76 -52.88
C VAL B 130 16.56 -1.17 -51.52
N ILE B 131 17.29 -0.15 -51.09
CA ILE B 131 17.12 0.44 -49.77
C ILE B 131 16.89 1.94 -49.95
N PRO B 132 15.61 2.35 -50.04
CA PRO B 132 15.27 3.75 -50.31
C PRO B 132 15.21 4.60 -49.06
N SER B 133 15.50 5.89 -49.17
CA SER B 133 15.21 6.82 -48.07
C SER B 133 13.74 7.26 -48.15
N LEU B 134 13.00 7.13 -47.05
CA LEU B 134 11.60 7.57 -47.02
C LEU B 134 11.46 9.02 -47.49
N PRO B 135 10.38 9.33 -48.22
CA PRO B 135 10.17 10.72 -48.62
C PRO B 135 10.12 11.59 -47.38
N GLY B 136 10.85 12.71 -47.35
CA GLY B 136 10.93 13.50 -46.14
C GLY B 136 12.10 13.15 -45.23
N PHE B 137 12.80 12.05 -45.52
CA PHE B 137 13.87 11.59 -44.64
C PHE B 137 15.20 11.64 -45.36
N GLY B 138 16.25 11.91 -44.59
CA GLY B 138 17.62 11.77 -45.05
C GLY B 138 17.86 12.37 -46.42
N PHE B 139 18.47 11.59 -47.31
CA PHE B 139 18.89 12.14 -48.58
C PHE B 139 17.77 12.18 -49.62
N SER B 140 16.59 11.66 -49.28
CA SER B 140 15.42 11.92 -50.11
C SER B 140 15.00 13.36 -49.90
N GLY B 141 15.06 13.81 -48.65
CA GLY B 141 14.75 15.18 -48.32
C GLY B 141 13.27 15.51 -48.27
N PRO B 142 12.94 16.77 -47.94
CA PRO B 142 11.56 17.22 -47.77
C PRO B 142 10.68 16.93 -48.99
N THR B 143 9.43 16.55 -48.74
CA THR B 143 8.43 16.47 -49.79
C THR B 143 7.92 17.89 -50.04
N PRO B 144 7.42 18.16 -51.25
CA PRO B 144 7.01 19.53 -51.60
C PRO B 144 5.56 19.86 -51.30
N GLU B 145 4.76 18.86 -50.93
CA GLU B 145 3.32 19.08 -50.81
C GLU B 145 2.70 18.10 -49.81
N PRO B 146 1.48 18.38 -49.35
CA PRO B 146 0.77 17.43 -48.48
C PRO B 146 0.42 16.11 -49.18
N GLY B 147 0.15 15.09 -48.37
CA GLY B 147 -0.43 13.86 -48.88
C GLY B 147 0.49 12.65 -48.95
N TRP B 148 1.73 12.78 -48.51
CA TRP B 148 2.64 11.64 -48.52
C TRP B 148 2.41 10.71 -47.33
N ASN B 149 1.36 9.90 -47.44
CA ASN B 149 0.98 8.93 -46.41
C ASN B 149 1.41 7.51 -46.81
N LEU B 150 0.91 6.48 -46.12
CA LEU B 150 1.41 5.14 -46.40
C LEU B 150 1.15 4.69 -47.86
N PRO B 151 -0.10 4.82 -48.36
CA PRO B 151 -0.29 4.39 -49.75
C PRO B 151 0.45 5.22 -50.79
N ARG B 152 0.69 6.51 -50.55
CA ARG B 152 1.45 7.29 -51.54
C ARG B 152 2.92 6.88 -51.55
N VAL B 153 3.50 6.64 -50.37
CA VAL B 153 4.87 6.11 -50.30
C VAL B 153 4.95 4.74 -50.97
N ALA B 154 3.95 3.90 -50.73
CA ALA B 154 3.93 2.56 -51.30
C ALA B 154 3.89 2.61 -52.82
N SER B 155 3.06 3.50 -53.36
CA SER B 155 2.97 3.63 -54.81
C SER B 155 4.28 4.13 -55.41
N ALA B 156 4.95 5.03 -54.70
CA ALA B 156 6.29 5.49 -55.14
C ALA B 156 7.24 4.32 -55.21
N TRP B 157 7.20 3.48 -54.18
CA TRP B 157 8.10 2.36 -54.15
C TRP B 157 7.84 1.36 -55.25
N ALA B 158 6.57 1.13 -55.54
CA ALA B 158 6.21 0.22 -56.63
C ALA B 158 6.78 0.75 -57.92
N GLU B 159 6.72 2.07 -58.08
CA GLU B 159 7.24 2.71 -59.29
C GLU B 159 8.78 2.63 -59.34
N LEU B 160 9.42 2.76 -58.19
CA LEU B 160 10.86 2.56 -58.11
C LEU B 160 11.27 1.17 -58.60
N ARG B 162 9.60 -0.83 -60.50
CA ARG B 162 9.28 -0.93 -61.92
C ARG B 162 10.41 -0.33 -62.74
N ARG B 163 10.88 0.84 -62.33
CA ARG B 163 11.95 1.52 -63.05
C ARG B 163 13.22 0.69 -63.01
N LEU B 164 13.43 -0.01 -61.91
CA LEU B 164 14.62 -0.83 -61.75
C LEU B 164 14.50 -2.15 -62.51
N GLY B 165 13.30 -2.47 -62.96
CA GLY B 165 13.05 -3.66 -63.74
C GLY B 165 12.78 -4.91 -62.91
N TYR B 166 12.40 -4.72 -61.66
CA TYR B 166 12.01 -5.86 -60.82
C TYR B 166 10.50 -6.07 -60.85
N SER B 167 10.07 -7.10 -61.57
CA SER B 167 8.64 -7.39 -61.70
C SER B 167 8.16 -8.33 -60.60
N ARG B 168 9.12 -8.90 -59.87
CA ARG B 168 8.82 -9.79 -58.76
C ARG B 168 9.81 -9.50 -57.64
N TYR B 169 9.30 -8.98 -56.52
CA TYR B 169 10.18 -8.61 -55.41
C TYR B 169 9.52 -8.82 -54.06
N ALA B 170 10.34 -8.98 -53.03
CA ALA B 170 9.85 -9.04 -51.66
C ALA B 170 10.02 -7.69 -50.98
N VAL B 171 9.30 -7.48 -49.89
CA VAL B 171 9.37 -6.23 -49.16
C VAL B 171 9.70 -6.52 -47.69
N GLN B 172 10.46 -5.63 -47.06
CA GLN B 172 10.95 -5.87 -45.70
C GLN B 172 10.97 -4.57 -44.93
N GLY B 173 10.63 -4.62 -43.66
CA GLY B 173 10.81 -3.43 -42.85
C GLY B 173 10.53 -3.61 -41.37
N GLY B 174 11.00 -2.63 -40.61
CA GLY B 174 10.63 -2.47 -39.21
C GLY B 174 10.07 -1.08 -39.01
N ASP B 175 9.56 -0.81 -37.80
CA ASP B 175 8.98 0.48 -37.47
C ASP B 175 8.00 0.87 -38.59
N LEU B 176 8.05 2.13 -39.01
CA LEU B 176 7.24 2.64 -40.11
C LEU B 176 7.50 1.94 -41.43
N GLY B 177 8.69 1.36 -41.57
CA GLY B 177 9.02 0.63 -42.78
C GLY B 177 8.22 -0.65 -42.90
N ALA B 178 7.87 -1.23 -41.76
CA ALA B 178 7.02 -2.42 -41.76
C ALA B 178 5.60 -2.07 -42.22
N TRP B 179 5.08 -0.95 -41.73
CA TRP B 179 3.76 -0.48 -42.15
CA TRP B 179 3.76 -0.48 -42.15
C TRP B 179 3.77 -0.14 -43.63
N THR B 180 4.85 0.46 -44.12
CA THR B 180 4.91 0.78 -45.54
C THR B 180 4.97 -0.52 -46.32
N SER B 181 5.75 -1.49 -45.85
CA SER B 181 5.88 -2.79 -46.52
C SER B 181 4.53 -3.52 -46.59
N LEU B 182 3.81 -3.57 -45.49
CA LEU B 182 2.51 -4.22 -45.49
C LEU B 182 1.55 -3.52 -46.46
N THR B 183 1.61 -2.19 -46.48
CA THR B 183 0.77 -1.40 -47.38
C THR B 183 1.10 -1.71 -48.85
N LEU B 184 2.40 -1.74 -49.14
CA LEU B 184 2.90 -2.03 -50.48
C LEU B 184 2.49 -3.42 -50.97
N SER B 185 2.45 -4.39 -50.06
CA SER B 185 2.06 -5.75 -50.46
C SER B 185 0.63 -5.79 -51.00
N GLY B 186 -0.21 -4.88 -50.53
CA GLY B 186 -1.55 -4.72 -51.07
C GLY B 186 -1.62 -3.80 -52.29
N VAL B 187 -0.92 -2.67 -52.22
CA VAL B 187 -0.93 -1.67 -53.30
C VAL B 187 -0.32 -2.23 -54.59
N ASP B 188 0.77 -2.97 -54.47
CA ASP B 188 1.44 -3.54 -55.64
C ASP B 188 1.37 -5.07 -55.63
N HIS B 189 0.18 -5.62 -55.37
CA HIS B 189 0.03 -7.06 -55.14
C HIS B 189 0.41 -7.93 -56.34
N GLU B 190 0.34 -7.37 -57.53
CA GLU B 190 0.73 -8.12 -58.73
C GLU B 190 2.24 -8.41 -58.77
N HIS B 191 3.05 -7.60 -58.09
CA HIS B 191 4.50 -7.70 -58.21
C HIS B 191 5.22 -8.14 -56.95
N VAL B 192 4.55 -8.03 -55.79
CA VAL B 192 5.16 -8.37 -54.50
C VAL B 192 4.96 -9.84 -54.21
N VAL B 193 6.03 -10.58 -53.96
CA VAL B 193 5.92 -12.03 -53.82
C VAL B 193 5.95 -12.51 -52.37
N GLY B 194 6.28 -11.59 -51.46
CA GLY B 194 6.35 -11.93 -50.05
C GLY B 194 6.74 -10.72 -49.22
N THR B 195 6.38 -10.75 -47.95
CA THR B 195 6.59 -9.63 -47.03
C THR B 195 7.25 -10.17 -45.78
N HIS B 196 8.28 -9.47 -45.30
CA HIS B 196 8.88 -9.80 -44.01
C HIS B 196 8.89 -8.55 -43.14
N VAL B 197 8.32 -8.63 -41.94
CA VAL B 197 8.44 -7.52 -40.99
C VAL B 197 9.17 -7.95 -39.72
N ASN B 198 9.99 -7.06 -39.15
CA ASN B 198 10.57 -7.37 -37.85
C ASN B 198 9.94 -6.50 -36.78
N PHE B 199 8.77 -5.96 -37.11
CA PHE B 199 7.99 -5.14 -36.18
C PHE B 199 6.52 -5.34 -36.52
N LEU B 200 5.75 -5.82 -35.57
CA LEU B 200 4.34 -6.09 -35.85
C LEU B 200 3.51 -5.85 -34.60
N ILE B 201 2.51 -4.99 -34.74
CA ILE B 201 1.60 -4.69 -33.65
C ILE B 201 0.29 -5.42 -33.88
N THR B 202 -0.20 -6.07 -32.83
CA THR B 202 -1.48 -6.74 -32.88
C THR B 202 -2.39 -6.25 -31.75
N PRO B 203 -3.12 -5.15 -31.99
CA PRO B 203 -4.00 -4.64 -30.93
C PRO B 203 -5.15 -5.60 -30.64
N PRO B 204 -5.63 -5.63 -29.39
CA PRO B 204 -6.78 -6.47 -29.07
C PRO B 204 -8.07 -5.86 -29.62
N SER B 205 -9.16 -6.61 -29.61
CA SER B 205 -10.43 -6.13 -30.15
C SER B 205 -11.11 -5.09 -29.26
N GLY B 206 -10.86 -5.18 -27.96
CA GLY B 206 -11.56 -4.36 -26.99
C GLY B 206 -12.61 -5.20 -26.28
N ASP B 207 -12.86 -6.38 -26.84
CA ASP B 207 -13.75 -7.37 -26.26
C ASP B 207 -12.94 -8.32 -25.37
N PRO B 208 -13.25 -8.35 -24.07
CA PRO B 208 -12.50 -9.19 -23.12
C PRO B 208 -12.53 -10.69 -23.45
N ALA B 209 -13.26 -11.06 -24.51
CA ALA B 209 -13.42 -12.45 -24.89
C ALA B 209 -12.25 -12.98 -25.70
N ASP B 210 -11.64 -12.11 -26.51
CA ASP B 210 -10.56 -12.55 -27.39
C ASP B 210 -9.24 -12.72 -26.64
N LEU B 211 -9.27 -12.52 -25.32
CA LEU B 211 -8.07 -12.69 -24.50
C LEU B 211 -8.06 -14.06 -23.83
N ALA B 212 -9.17 -14.78 -23.96
CA ALA B 212 -9.33 -16.09 -23.33
C ALA B 212 -8.25 -17.07 -23.78
N GLY B 213 -7.63 -17.75 -22.81
CA GLY B 213 -6.61 -18.73 -23.12
C GLY B 213 -5.20 -18.19 -23.41
N LEU B 214 -5.06 -16.88 -23.56
CA LEU B 214 -3.75 -16.30 -23.78
C LEU B 214 -2.85 -16.51 -22.57
N GLY B 215 -1.59 -16.84 -22.82
CA GLY B 215 -0.64 -17.06 -21.75
C GLY B 215 0.02 -15.78 -21.29
N GLU B 216 0.84 -15.90 -20.25
CA GLU B 216 1.49 -14.73 -19.63
C GLU B 216 2.28 -13.88 -20.64
N GLN B 217 3.01 -14.51 -21.55
CA GLN B 217 3.82 -13.72 -22.48
C GLN B 217 2.95 -12.90 -23.45
N ASP B 218 1.92 -13.51 -24.01
CA ASP B 218 1.02 -12.77 -24.90
C ASP B 218 0.29 -11.63 -24.18
N LEU B 219 -0.16 -11.86 -22.96
CA LEU B 219 -0.77 -10.80 -22.18
C LEU B 219 0.22 -9.68 -21.89
N ALA B 220 1.48 -10.02 -21.66
CA ALA B 220 2.52 -9.00 -21.47
C ALA B 220 2.76 -8.19 -22.75
N ARG B 221 2.59 -8.83 -23.90
CA ARG B 221 2.79 -8.12 -25.17
C ARG B 221 1.68 -7.09 -25.36
N LEU B 222 0.47 -7.46 -25.00
CA LEU B 222 -0.64 -6.52 -25.06
C LEU B 222 -0.42 -5.37 -24.07
N GLN B 223 0.13 -5.69 -22.91
CA GLN B 223 0.42 -4.67 -21.91
C GLN B 223 1.48 -3.68 -22.42
N LEU B 224 2.43 -4.18 -23.20
CA LEU B 224 3.47 -3.35 -23.79
C LEU B 224 2.88 -2.26 -24.67
N LEU B 225 1.86 -2.63 -25.44
CA LEU B 225 1.13 -1.67 -26.27
C LEU B 225 0.50 -0.57 -25.42
N ALA B 226 -0.13 -0.98 -24.33
CA ALA B 226 -0.81 -0.03 -23.46
C ALA B 226 0.20 0.89 -22.79
N GLU B 227 1.34 0.31 -22.40
CA GLU B 227 2.41 1.11 -21.79
C GLU B 227 2.97 2.11 -22.78
N PHE B 228 3.18 1.67 -24.03
CA PHE B 228 3.68 2.56 -25.05
C PHE B 228 2.73 3.74 -25.25
N GLY B 229 1.44 3.45 -25.32
CA GLY B 229 0.46 4.49 -25.48
C GLY B 229 0.48 5.49 -24.33
N ALA B 230 0.58 4.97 -23.12
CA ALA B 230 0.51 5.79 -21.91
C ALA B 230 1.79 6.61 -21.69
N GLU B 231 2.95 5.98 -21.90
CA GLU B 231 4.23 6.56 -21.50
C GLU B 231 5.19 6.84 -22.63
N GLY B 232 5.10 6.10 -23.73
CA GLY B 232 6.15 6.20 -24.74
C GLY B 232 5.78 6.95 -26.01
N SER B 233 4.55 7.47 -26.07
CA SER B 233 4.00 8.02 -27.31
C SER B 233 4.14 9.53 -27.47
N GLY B 234 4.88 10.18 -26.57
CA GLY B 234 5.02 11.64 -26.62
C GLY B 234 5.54 12.13 -27.95
N TYR B 235 6.66 11.56 -28.40
CA TYR B 235 7.25 11.96 -29.68
C TYR B 235 6.23 11.83 -30.80
N LYS B 237 2.83 11.84 -30.58
CA LYS B 237 1.70 12.77 -30.52
C LYS B 237 2.10 14.15 -31.05
N ILE B 238 3.29 14.63 -30.69
CA ILE B 238 3.69 15.98 -31.14
C ILE B 238 4.04 15.96 -32.64
N GLN B 239 4.70 14.91 -33.13
CA GLN B 239 5.05 14.87 -34.54
C GLN B 239 3.81 14.65 -35.41
N SER B 240 2.80 13.95 -34.88
CA SER B 240 1.60 13.72 -35.67
C SER B 240 0.63 14.93 -35.69
N THR B 241 0.92 15.97 -34.90
CA THR B 241 -0.02 17.09 -34.82
C THR B 241 0.61 18.44 -35.17
N ARG B 242 1.78 18.74 -34.61
CA ARG B 242 2.46 20.01 -34.88
C ARG B 242 3.92 19.80 -35.23
N PRO B 243 4.18 19.05 -36.32
CA PRO B 243 5.57 18.74 -36.64
C PRO B 243 6.38 20.00 -36.96
N GLN B 244 5.76 21.00 -37.56
CA GLN B 244 6.49 22.21 -37.93
C GLN B 244 6.97 22.97 -36.69
N THR B 245 6.15 23.04 -35.65
CA THR B 245 6.56 23.75 -34.44
C THR B 245 7.81 23.11 -33.83
N LEU B 246 7.77 21.79 -33.74
CA LEU B 246 8.90 21.01 -33.23
C LEU B 246 10.17 21.19 -34.08
N SER B 247 9.99 21.32 -35.40
CA SER B 247 11.13 21.32 -36.32
C SER B 247 12.11 22.46 -36.09
N TYR B 248 11.66 23.60 -35.56
CA TYR B 248 12.56 24.75 -35.41
C TYR B 248 13.65 24.42 -34.39
N SER B 249 13.30 23.78 -33.28
CA SER B 249 14.32 23.56 -32.27
C SER B 249 15.25 22.42 -32.72
N LEU B 250 14.69 21.41 -33.37
CA LEU B 250 15.51 20.27 -33.80
C LEU B 250 16.43 20.63 -34.97
N THR B 251 16.02 21.58 -35.80
CA THR B 251 16.86 21.96 -36.94
C THR B 251 17.98 22.92 -36.50
N ASP B 252 17.73 23.67 -35.43
CA ASP B 252 18.66 24.72 -35.00
C ASP B 252 19.70 24.19 -34.00
N SER B 253 19.32 23.15 -33.26
CA SER B 253 20.11 22.65 -32.15
C SER B 253 20.59 21.23 -32.35
N PRO B 254 21.90 21.05 -32.55
CA PRO B 254 22.37 19.66 -32.73
C PRO B 254 22.25 18.83 -31.45
N VAL B 255 22.50 19.41 -30.28
CA VAL B 255 22.30 18.62 -29.05
C VAL B 255 20.83 18.22 -28.90
N GLY B 256 19.93 19.11 -29.30
CA GLY B 256 18.50 18.82 -29.20
C GLY B 256 18.11 17.72 -30.18
N GLN B 257 18.65 17.80 -31.40
CA GLN B 257 18.44 16.77 -32.43
C GLN B 257 18.95 15.41 -31.95
N LEU B 258 20.15 15.42 -31.37
CA LEU B 258 20.74 14.21 -30.79
C LEU B 258 19.90 13.60 -29.67
N ALA B 259 19.51 14.41 -28.69
CA ALA B 259 18.68 13.88 -27.59
C ALA B 259 17.37 13.27 -28.09
N TRP B 260 16.73 13.97 -29.02
CA TRP B 260 15.42 13.56 -29.54
C TRP B 260 15.48 12.17 -30.16
N VAL B 261 16.57 11.90 -30.86
CA VAL B 261 16.73 10.63 -31.54
C VAL B 261 17.33 9.58 -30.63
N VAL B 262 18.38 9.93 -29.87
CA VAL B 262 19.13 8.90 -29.15
C VAL B 262 18.30 8.31 -28.00
N GLU B 263 17.30 9.07 -27.52
CA GLU B 263 16.42 8.54 -26.48
C GLU B 263 15.79 7.23 -26.92
N LYS B 264 15.44 7.13 -28.20
CA LYS B 264 14.73 5.95 -28.68
C LYS B 264 15.67 4.76 -28.83
N PHE B 265 16.95 5.01 -29.07
CA PHE B 265 17.88 3.89 -29.11
C PHE B 265 18.07 3.32 -27.72
N GLU B 267 15.54 3.44 -25.30
CA GLU B 267 14.29 2.84 -24.86
C GLU B 267 13.82 1.68 -25.73
N TRP B 268 14.25 1.62 -26.99
CA TRP B 268 13.73 0.57 -27.87
C TRP B 268 14.80 -0.47 -28.23
N GLY B 269 16.03 -0.19 -27.84
CA GLY B 269 17.12 -1.10 -28.13
C GLY B 269 17.30 -2.13 -27.02
N ASP B 270 18.09 -3.17 -27.29
CA ASP B 270 18.35 -4.18 -26.26
C ASP B 270 19.44 -3.64 -25.33
N THR B 271 19.03 -2.81 -24.37
CA THR B 271 19.96 -2.01 -23.58
C THR B 271 19.85 -2.26 -22.09
N ASP B 272 20.83 -1.75 -21.34
CA ASP B 272 20.79 -1.85 -19.89
C ASP B 272 21.16 -0.55 -19.18
N LYS B 273 22.32 0.03 -19.51
CA LYS B 273 22.72 1.29 -18.88
C LYS B 273 22.79 2.44 -19.88
N SER B 274 22.92 2.10 -21.16
CA SER B 274 23.22 3.09 -22.18
C SER B 274 22.74 2.61 -23.55
N PRO B 275 22.42 3.54 -24.46
CA PRO B 275 22.09 3.13 -25.83
C PRO B 275 23.25 2.41 -26.52
N GLU B 276 24.47 2.71 -26.07
CA GLU B 276 25.69 2.10 -26.62
C GLU B 276 25.86 0.62 -26.26
N ASP B 277 25.00 0.12 -25.37
CA ASP B 277 24.89 -1.30 -25.10
C ASP B 277 24.45 -2.05 -26.35
N ALA B 278 23.67 -1.38 -27.18
CA ALA B 278 23.06 -2.06 -28.32
C ALA B 278 23.59 -1.54 -29.64
N VAL B 279 23.89 -0.25 -29.69
CA VAL B 279 24.42 0.40 -30.89
C VAL B 279 25.61 1.29 -30.49
N ASP B 280 26.81 1.03 -31.01
CA ASP B 280 27.96 1.83 -30.56
C ASP B 280 27.81 3.31 -30.95
N ARG B 281 28.60 4.18 -30.33
CA ARG B 281 28.37 5.61 -30.51
C ARG B 281 28.66 6.12 -31.92
N ASP B 282 29.55 5.47 -32.66
CA ASP B 282 29.77 5.92 -34.03
C ASP B 282 28.56 5.68 -34.93
N ARG B 283 27.95 4.52 -34.79
CA ARG B 283 26.71 4.24 -35.53
C ARG B 283 25.56 5.14 -35.05
N LEU B 284 25.47 5.37 -33.74
CA LEU B 284 24.44 6.26 -33.22
C LEU B 284 24.61 7.65 -33.83
N LEU B 285 25.84 8.12 -33.89
CA LEU B 285 26.06 9.50 -34.35
C LEU B 285 25.91 9.60 -35.85
N THR B 286 26.31 8.58 -36.58
CA THR B 286 26.11 8.58 -38.03
C THR B 286 24.63 8.69 -38.38
N ASN B 287 23.78 7.93 -37.69
CA ASN B 287 22.34 8.05 -37.93
C ASN B 287 21.83 9.47 -37.61
N VAL B 288 22.24 10.01 -36.47
CA VAL B 288 21.87 11.39 -36.13
C VAL B 288 22.41 12.40 -37.14
N ILE B 290 22.77 12.01 -40.28
CA ILE B 290 21.95 12.02 -41.48
C ILE B 290 20.76 12.98 -41.27
N TYR B 291 20.10 12.90 -40.10
CA TYR B 291 19.04 13.86 -39.75
C TYR B 291 19.60 15.29 -39.72
N TRP B 292 20.70 15.49 -39.01
CA TRP B 292 21.22 16.85 -38.84
C TRP B 292 21.65 17.48 -40.16
N LEU B 293 22.48 16.75 -40.92
CA LEU B 293 23.10 17.36 -42.08
C LEU B 293 22.08 17.65 -43.19
N THR B 294 21.04 16.83 -43.28
CA THR B 294 20.04 16.99 -44.32
C THR B 294 18.92 17.88 -43.80
N ALA B 295 18.99 18.20 -42.51
CA ALA B 295 18.00 19.04 -41.85
C ALA B 295 16.59 18.50 -42.08
N THR B 296 16.41 17.22 -41.78
CA THR B 296 15.15 16.57 -42.06
C THR B 296 14.38 16.18 -40.79
N ALA B 297 14.71 16.79 -39.65
CA ALA B 297 13.93 16.50 -38.44
C ALA B 297 12.46 16.82 -38.67
N GLY B 298 12.21 17.95 -39.34
CA GLY B 298 10.86 18.44 -39.51
C GLY B 298 10.15 17.70 -40.63
N SER B 299 10.81 17.58 -41.78
CA SER B 299 10.18 16.88 -42.90
C SER B 299 9.91 15.42 -42.53
N SER B 300 10.77 14.81 -41.71
CA SER B 300 10.51 13.43 -41.30
C SER B 300 9.34 13.39 -40.31
N ALA B 301 9.25 14.40 -39.45
CA ALA B 301 8.12 14.45 -38.52
C ALA B 301 6.78 14.59 -39.27
N HIS B 302 6.77 15.33 -40.38
CA HIS B 302 5.51 15.54 -41.13
C HIS B 302 4.91 14.21 -41.59
N PHE B 303 5.73 13.17 -41.75
CA PHE B 303 5.20 11.84 -42.11
C PHE B 303 4.15 11.36 -41.09
N TYR B 304 4.43 11.60 -39.81
CA TYR B 304 3.52 11.20 -38.73
C TYR B 304 2.19 11.93 -38.83
N TYR B 305 2.25 13.20 -39.21
CA TYR B 305 1.04 13.99 -39.43
C TYR B 305 0.24 13.39 -40.60
N GLU B 306 0.92 13.06 -41.70
CA GLU B 306 0.23 12.47 -42.86
C GLU B 306 -0.48 11.14 -42.54
N ILE B 307 0.04 10.38 -41.59
CA ILE B 307 -0.53 9.07 -41.27
C ILE B 307 -1.17 9.04 -39.88
N SER B 308 -1.57 10.20 -39.36
CA SER B 308 -2.02 10.30 -37.97
C SER B 308 -3.23 9.41 -37.68
N ASP B 309 -4.07 9.19 -38.68
CA ASP B 309 -5.30 8.42 -38.52
C ASP B 309 -5.07 6.91 -38.34
N VAL B 310 -3.89 6.41 -38.67
CA VAL B 310 -3.64 4.97 -38.52
C VAL B 310 -2.64 4.66 -37.42
N LEU B 311 -2.15 5.70 -36.73
CA LEU B 311 -1.24 5.51 -35.60
C LEU B 311 -1.98 5.05 -34.35
N PRO B 312 -1.25 4.48 -33.38
CA PRO B 312 -1.86 4.25 -32.06
C PRO B 312 -2.28 5.52 -31.33
N THR B 313 -1.70 6.68 -31.71
CA THR B 313 -2.11 7.96 -31.15
C THR B 313 -3.41 8.50 -31.78
N ALA B 314 -3.97 7.79 -32.76
CA ALA B 314 -5.22 8.24 -33.38
C ALA B 314 -6.31 8.32 -32.30
N PRO B 315 -7.24 9.29 -32.44
CA PRO B 315 -8.34 9.44 -31.49
C PRO B 315 -9.17 8.16 -31.41
N THR B 316 -9.68 7.73 -32.56
CA THR B 316 -10.41 6.48 -32.67
C THR B 316 -9.60 5.52 -33.53
N PRO B 317 -9.68 4.21 -33.23
CA PRO B 317 -8.91 3.25 -34.02
C PRO B 317 -9.42 3.18 -35.45
N PRO B 318 -8.53 2.90 -36.41
CA PRO B 318 -8.98 2.67 -37.78
C PRO B 318 -9.82 1.40 -37.86
N PRO B 319 -10.75 1.32 -38.83
CA PRO B 319 -11.61 0.15 -38.96
C PRO B 319 -10.79 -1.10 -39.23
N PRO B 320 -11.26 -2.27 -38.76
CA PRO B 320 -10.52 -3.52 -38.97
C PRO B 320 -10.27 -3.77 -40.45
N ALA B 321 -9.06 -4.22 -40.80
CA ALA B 321 -8.71 -4.47 -42.19
C ALA B 321 -9.19 -5.85 -42.64
N PRO B 322 -9.41 -6.03 -43.95
CA PRO B 322 -9.59 -7.39 -44.48
C PRO B 322 -8.26 -8.12 -44.36
N PRO B 323 -8.26 -9.46 -44.36
CA PRO B 323 -6.98 -10.16 -44.22
C PRO B 323 -6.00 -9.79 -45.33
N LEU B 324 -4.72 -9.64 -44.99
CA LEU B 324 -3.69 -9.44 -46.00
C LEU B 324 -3.13 -10.79 -46.44
N PRO B 325 -3.31 -11.14 -47.71
CA PRO B 325 -2.95 -12.47 -48.19
C PRO B 325 -1.48 -12.65 -48.55
N THR B 326 -0.65 -11.64 -48.36
CA THR B 326 0.77 -11.74 -48.74
C THR B 326 1.48 -12.82 -47.93
N PRO B 327 2.27 -13.68 -48.61
CA PRO B 327 3.12 -14.61 -47.85
C PRO B 327 3.96 -13.81 -46.87
N LEU B 328 3.84 -14.10 -45.57
CA LEU B 328 4.38 -13.22 -44.54
C LEU B 328 5.41 -13.88 -43.64
N GLY B 329 6.54 -13.20 -43.47
CA GLY B 329 7.50 -13.56 -42.44
C GLY B 329 7.47 -12.55 -41.31
N VAL B 330 7.51 -13.05 -40.07
CA VAL B 330 7.52 -12.21 -38.91
C VAL B 330 8.70 -12.53 -38.02
N ALA B 331 9.47 -11.51 -37.66
CA ALA B 331 10.60 -11.69 -36.77
C ALA B 331 10.36 -10.88 -35.49
N VAL B 332 10.34 -11.56 -34.34
CA VAL B 332 10.07 -10.90 -33.07
C VAL B 332 11.34 -10.77 -32.23
N TYR B 333 11.80 -9.53 -32.07
CA TYR B 333 13.02 -9.27 -31.30
C TYR B 333 12.64 -8.93 -29.86
N PRO B 334 13.32 -9.57 -28.88
CA PRO B 334 12.79 -9.61 -27.51
C PRO B 334 12.76 -8.29 -26.77
N ALA B 335 13.61 -7.33 -27.16
CA ALA B 335 13.62 -6.05 -26.49
C ALA B 335 12.84 -5.00 -27.27
N ASP B 336 12.08 -5.44 -28.27
CA ASP B 336 11.37 -4.49 -29.11
C ASP B 336 10.31 -3.72 -28.28
N SER B 337 9.86 -2.58 -28.80
CA SER B 337 8.92 -1.71 -28.09
C SER B 337 7.48 -2.20 -28.19
N ALA B 338 7.25 -3.08 -29.16
CA ALA B 338 5.96 -3.75 -29.35
C ALA B 338 6.24 -5.11 -29.99
N LYS B 339 5.42 -6.10 -29.63
CA LYS B 339 5.59 -7.47 -30.10
C LYS B 339 4.20 -8.04 -30.35
N PRO B 340 4.05 -8.83 -31.42
CA PRO B 340 2.76 -9.37 -31.85
C PRO B 340 2.33 -10.60 -31.07
N VAL B 341 1.02 -10.74 -30.89
CA VAL B 341 0.41 -11.97 -30.39
C VAL B 341 0.10 -12.85 -31.58
N ARG B 342 0.70 -14.03 -31.64
CA ARG B 342 0.61 -14.85 -32.84
C ARG B 342 -0.83 -15.22 -33.18
N ARG B 343 -1.68 -15.49 -32.19
CA ARG B 343 -3.09 -15.82 -32.45
C ARG B 343 -3.77 -14.72 -33.26
N PHE B 344 -3.50 -13.48 -32.86
CA PHE B 344 -4.07 -12.32 -33.52
C PHE B 344 -3.44 -12.14 -34.90
N ALA B 345 -2.14 -12.39 -34.99
CA ALA B 345 -1.46 -12.26 -36.26
C ALA B 345 -2.02 -13.25 -37.26
N GLU B 346 -2.30 -14.47 -36.81
CA GLU B 346 -2.85 -15.52 -37.68
C GLU B 346 -4.18 -15.12 -38.30
N ARG B 347 -4.99 -14.36 -37.55
CA ARG B 347 -6.28 -13.92 -38.04
C ARG B 347 -6.14 -12.89 -39.15
N ALA B 348 -5.20 -11.97 -38.97
CA ALA B 348 -5.02 -10.84 -39.88
C ALA B 348 -4.21 -11.25 -41.10
N PHE B 349 -3.36 -12.25 -40.93
CA PHE B 349 -2.51 -12.71 -42.02
C PHE B 349 -2.62 -14.23 -42.20
N PRO B 350 -3.42 -14.67 -43.17
CA PRO B 350 -3.73 -16.09 -43.34
C PRO B 350 -2.60 -16.90 -43.95
N ASN B 351 -1.57 -16.23 -44.46
CA ASN B 351 -0.48 -16.92 -45.14
C ASN B 351 0.87 -16.64 -44.49
N ILE B 352 0.98 -16.86 -43.19
CA ILE B 352 2.28 -16.73 -42.55
C ILE B 352 3.14 -17.94 -42.91
N VAL B 353 4.30 -17.68 -43.50
CA VAL B 353 5.18 -18.73 -43.98
C VAL B 353 6.40 -18.87 -43.07
N HIS B 354 6.61 -17.87 -42.22
CA HIS B 354 7.81 -17.79 -41.41
C HIS B 354 7.55 -16.99 -40.14
N TRP B 355 7.85 -17.57 -39.00
CA TRP B 355 7.70 -16.85 -37.72
C TRP B 355 8.89 -17.18 -36.85
N ALA B 356 9.60 -16.16 -36.39
CA ALA B 356 10.77 -16.39 -35.56
C ALA B 356 10.77 -15.52 -34.31
N GLU B 357 11.13 -16.14 -33.19
CA GLU B 357 11.30 -15.42 -31.93
C GLU B 357 12.79 -15.44 -31.59
N LEU B 358 13.43 -14.29 -31.75
CA LEU B 358 14.89 -14.24 -31.59
C LEU B 358 15.33 -14.07 -30.14
N GLU B 359 16.57 -14.40 -29.87
CA GLU B 359 17.08 -14.47 -28.51
C GLU B 359 17.60 -13.14 -27.98
N ARG B 360 17.89 -12.19 -28.87
CA ARG B 360 18.42 -10.90 -28.43
C ARG B 360 18.18 -9.81 -29.47
N GLY B 361 18.37 -8.56 -29.07
CA GLY B 361 18.12 -7.44 -29.95
C GLY B 361 16.78 -6.76 -29.71
N GLY B 362 16.72 -5.48 -30.02
CA GLY B 362 15.50 -4.72 -29.85
C GLY B 362 14.95 -4.25 -31.18
N HIS B 363 14.53 -2.99 -31.20
CA HIS B 363 13.77 -2.40 -32.30
C HIS B 363 14.56 -2.20 -33.58
N PHE B 364 15.88 -2.05 -33.46
CA PHE B 364 16.73 -1.77 -34.65
C PHE B 364 17.52 -3.02 -35.03
N ALA B 365 16.81 -4.04 -35.51
CA ALA B 365 17.38 -5.38 -35.66
C ALA B 365 18.64 -5.47 -36.53
N ALA B 366 18.59 -4.92 -37.74
CA ALA B 366 19.73 -5.00 -38.63
C ALA B 366 20.96 -4.33 -38.03
N LEU B 367 20.75 -3.22 -37.33
CA LEU B 367 21.82 -2.47 -36.71
C LEU B 367 22.33 -3.14 -35.42
N GLU B 368 21.41 -3.61 -34.57
CA GLU B 368 21.75 -4.23 -33.30
C GLU B 368 22.30 -5.65 -33.45
N GLN B 369 21.68 -6.42 -34.32
CA GLN B 369 22.00 -7.85 -34.43
C GLN B 369 22.10 -8.25 -35.89
N PRO B 370 23.13 -7.76 -36.60
CA PRO B 370 23.13 -8.01 -38.05
C PRO B 370 23.23 -9.49 -38.38
N GLY B 371 23.95 -10.24 -37.56
CA GLY B 371 24.09 -11.68 -37.75
C GLY B 371 22.75 -12.38 -37.68
N LEU B 372 21.98 -12.05 -36.65
CA LEU B 372 20.65 -12.63 -36.48
C LEU B 372 19.70 -12.20 -37.59
N PHE B 373 19.74 -10.91 -37.92
CA PHE B 373 18.90 -10.36 -38.99
C PHE B 373 19.14 -11.09 -40.32
N VAL B 374 20.41 -11.25 -40.66
CA VAL B 374 20.78 -11.91 -41.91
C VAL B 374 20.33 -13.37 -41.92
N SER B 375 20.57 -14.08 -40.81
CA SER B 375 20.19 -15.48 -40.72
C SER B 375 18.67 -15.61 -40.81
N ASP B 376 17.97 -14.65 -40.21
CA ASP B 376 16.52 -14.72 -40.21
C ASP B 376 15.93 -14.46 -41.61
N LEU B 377 16.48 -13.47 -42.32
CA LEU B 377 15.99 -13.13 -43.65
C LEU B 377 16.29 -14.24 -44.64
N ARG B 378 17.41 -14.92 -44.44
CA ARG B 378 17.71 -16.06 -45.29
C ARG B 378 16.70 -17.18 -45.06
N ALA B 379 16.37 -17.44 -43.80
CA ALA B 379 15.42 -18.49 -43.49
C ALA B 379 14.04 -18.14 -44.07
N PHE B 380 13.70 -16.86 -44.06
CA PHE B 380 12.48 -16.38 -44.68
C PHE B 380 12.46 -16.62 -46.19
N ALA B 381 13.58 -16.34 -46.85
CA ALA B 381 13.69 -16.56 -48.29
C ALA B 381 13.54 -18.06 -48.60
N ARG B 382 14.16 -18.89 -47.77
CA ARG B 382 14.03 -20.35 -47.89
C ARG B 382 12.57 -20.80 -47.69
N ALA B 383 11.88 -20.17 -46.73
CA ALA B 383 10.48 -20.52 -46.45
C ALA B 383 9.59 -20.08 -47.60
N LEU B 384 9.91 -18.93 -48.19
CA LEU B 384 9.20 -18.43 -49.36
C LEU B 384 9.31 -19.39 -50.53
N ARG B 385 10.52 -19.87 -50.80
CA ARG B 385 10.76 -20.80 -51.91
C ARG B 385 10.01 -22.09 -51.67
N THR B 386 10.02 -22.51 -50.41
CA THR B 386 9.33 -23.73 -50.01
C THR B 386 7.82 -23.61 -50.17
N SER B 387 7.27 -22.48 -49.75
CA SER B 387 5.82 -22.28 -49.80
C SER B 387 5.35 -22.12 -51.24
N HIS B 388 6.15 -21.48 -52.10
CA HIS B 388 5.72 -21.34 -53.49
C HIS B 388 5.66 -22.70 -54.24
N HIS B 389 6.70 -23.55 -54.21
CA HIS B 389 6.45 -24.82 -54.96
C HIS B 389 5.62 -25.94 -54.26
N HIS B 390 5.68 -26.12 -52.94
CA HIS B 390 4.77 -27.12 -52.36
C HIS B 390 3.31 -26.71 -52.58
N GLU C 2 -38.85 -6.79 -7.84
CA GLU C 2 -39.77 -7.88 -7.54
C GLU C 2 -39.66 -8.23 -6.07
N PRO C 3 -40.78 -8.57 -5.44
CA PRO C 3 -40.71 -9.03 -4.05
C PRO C 3 -39.78 -10.24 -3.91
N PHE C 4 -39.13 -10.37 -2.77
CA PHE C 4 -38.16 -11.44 -2.54
C PHE C 4 -38.37 -12.09 -1.19
N ARG C 5 -38.24 -13.41 -1.14
N ARG C 5 -38.24 -13.40 -1.15
CA ARG C 5 -38.37 -14.13 0.12
CA ARG C 5 -38.37 -14.15 0.10
C ARG C 5 -37.28 -15.20 0.23
C ARG C 5 -37.24 -15.17 0.21
N ILE C 6 -36.66 -15.30 1.40
CA ILE C 6 -35.62 -16.30 1.63
C ILE C 6 -36.25 -17.66 1.90
N VAL C 7 -35.98 -18.64 1.04
CA VAL C 7 -36.42 -20.02 1.27
C VAL C 7 -35.28 -20.95 0.93
N ILE C 8 -34.53 -21.36 1.95
CA ILE C 8 -33.35 -22.16 1.77
C ILE C 8 -33.78 -23.61 1.65
N PRO C 9 -33.36 -24.31 0.59
CA PRO C 9 -33.75 -25.72 0.41
C PRO C 9 -33.24 -26.59 1.54
N GLN C 10 -34.03 -27.55 1.98
CA GLN C 10 -33.59 -28.47 3.02
C GLN C 10 -32.30 -29.17 2.63
N ALA C 11 -32.13 -29.47 1.34
CA ALA C 11 -30.91 -30.16 0.88
C ALA C 11 -29.65 -29.37 1.24
N ASP C 12 -29.77 -28.04 1.22
CA ASP C 12 -28.64 -27.17 1.57
C ASP C 12 -28.28 -27.31 3.04
N LEU C 13 -29.29 -27.43 3.91
CA LEU C 13 -29.03 -27.64 5.34
C LEU C 13 -28.48 -29.05 5.61
N ASP C 14 -28.99 -30.05 4.88
CA ASP C 14 -28.51 -31.42 5.01
C ASP C 14 -27.02 -31.45 4.67
N ASP C 15 -26.68 -30.76 3.58
CA ASP C 15 -25.32 -30.71 3.08
C ASP C 15 -24.42 -30.06 4.11
N LEU C 16 -24.89 -28.96 4.68
CA LEU C 16 -24.11 -28.26 5.69
C LEU C 16 -23.83 -29.17 6.88
N HIS C 17 -24.85 -29.88 7.33
CA HIS C 17 -24.68 -30.77 8.47
C HIS C 17 -23.70 -31.88 8.15
N ARG C 18 -23.79 -32.42 6.94
CA ARG C 18 -22.86 -33.42 6.47
C ARG C 18 -21.42 -32.91 6.58
N ARG C 19 -21.20 -31.69 6.10
CA ARG C 19 -19.87 -31.10 6.10
C ARG C 19 -19.37 -30.85 7.52
N LEU C 20 -20.24 -30.32 8.37
CA LEU C 20 -19.88 -30.07 9.77
C LEU C 20 -19.49 -31.35 10.49
N ASP C 21 -20.29 -32.39 10.29
CA ASP C 21 -19.99 -33.70 10.87
C ASP C 21 -18.64 -34.26 10.42
N ALA C 22 -18.25 -33.88 9.22
CA ALA C 22 -17.05 -34.43 8.60
C ALA C 22 -15.82 -33.56 8.78
N THR C 23 -15.93 -32.49 9.58
CA THR C 23 -14.85 -31.50 9.75
C THR C 23 -13.54 -32.17 10.15
N ARG C 24 -12.46 -31.87 9.42
CA ARG C 24 -11.15 -32.35 9.82
C ARG C 24 -10.46 -31.18 10.49
N TRP C 25 -10.17 -31.31 11.78
CA TRP C 25 -9.65 -30.19 12.55
C TRP C 25 -8.11 -30.13 12.47
N PRO C 26 -7.54 -28.90 12.46
CA PRO C 26 -6.08 -28.75 12.45
C PRO C 26 -5.47 -28.94 13.81
N SER C 27 -4.14 -28.97 13.83
CA SER C 27 -3.39 -28.88 15.06
C SER C 27 -3.51 -27.47 15.60
N GLU C 28 -3.05 -27.29 16.84
CA GLU C 28 -2.94 -25.97 17.44
C GLU C 28 -1.65 -25.89 18.23
N ILE C 29 -1.21 -24.68 18.50
CA ILE C 29 -0.14 -24.46 19.47
C ILE C 29 -0.81 -23.97 20.74
N PRO C 30 -0.84 -24.82 21.79
CA PRO C 30 -1.58 -24.45 23.00
C PRO C 30 -0.99 -23.22 23.67
N GLY C 31 -1.84 -22.46 24.36
CA GLY C 31 -1.39 -21.32 25.12
C GLY C 31 -1.21 -20.02 24.33
N THR C 32 -1.63 -20.00 23.07
CA THR C 32 -1.48 -18.79 22.26
C THR C 32 -2.76 -17.96 22.24
N GLY C 33 -3.82 -18.48 22.87
CA GLY C 33 -5.07 -17.75 22.97
C GLY C 33 -5.62 -17.40 21.60
N TRP C 34 -6.09 -16.16 21.44
CA TRP C 34 -6.55 -15.66 20.14
C TRP C 34 -5.45 -14.98 19.31
N SER C 35 -4.21 -14.98 19.78
CA SER C 35 -3.19 -14.12 19.16
C SER C 35 -2.82 -14.50 17.73
N ARG C 36 -3.07 -15.75 17.34
CA ARG C 36 -2.74 -16.18 15.98
C ARG C 36 -3.99 -16.57 15.19
N GLY C 37 -5.15 -16.18 15.69
CA GLY C 37 -6.41 -16.50 15.04
C GLY C 37 -7.36 -17.28 15.93
N VAL C 38 -8.44 -17.77 15.35
CA VAL C 38 -9.50 -18.42 16.14
C VAL C 38 -8.96 -19.68 16.82
N PRO C 39 -9.08 -19.76 18.15
CA PRO C 39 -8.51 -20.89 18.89
C PRO C 39 -9.36 -22.13 18.72
N LEU C 40 -8.72 -23.29 18.80
CA LEU C 40 -9.35 -24.57 18.48
C LEU C 40 -10.54 -24.89 19.38
N ASP C 41 -10.36 -24.81 20.69
CA ASP C 41 -11.40 -25.20 21.64
C ASP C 41 -12.65 -24.35 21.48
N TYR C 42 -12.48 -23.03 21.35
CA TYR C 42 -13.63 -22.16 21.12
C TYR C 42 -14.38 -22.57 19.86
N LEU C 43 -13.65 -22.76 18.76
CA LEU C 43 -14.31 -23.04 17.48
C LEU C 43 -15.03 -24.39 17.48
N LYS C 44 -14.43 -25.39 18.13
CA LYS C 44 -15.08 -26.69 18.27
C LYS C 44 -16.42 -26.57 18.98
N GLU C 45 -16.46 -25.76 20.05
CA GLU C 45 -17.69 -25.55 20.79
C GLU C 45 -18.74 -24.82 19.97
N LEU C 46 -18.32 -23.81 19.22
CA LEU C 46 -19.27 -23.03 18.44
C LEU C 46 -19.80 -23.87 17.29
N VAL C 47 -18.95 -24.68 16.69
CA VAL C 47 -19.40 -25.59 15.64
C VAL C 47 -20.39 -26.61 16.22
N GLY C 48 -20.11 -27.08 17.43
CA GLY C 48 -21.03 -28.01 18.10
C GLY C 48 -22.42 -27.41 18.21
N TYR C 49 -22.48 -26.14 18.61
CA TYR C 49 -23.74 -25.43 18.70
C TYR C 49 -24.38 -25.21 17.33
N TRP C 50 -23.56 -24.79 16.37
CA TRP C 50 -23.99 -24.63 14.97
C TRP C 50 -24.67 -25.90 14.47
N ARG C 51 -24.07 -27.05 14.77
CA ARG C 51 -24.57 -28.32 14.27
C ARG C 51 -25.83 -28.76 15.01
N ASP C 52 -25.85 -28.61 16.34
CA ASP C 52 -26.90 -29.23 17.16
C ASP C 52 -27.98 -28.29 17.68
N GLY C 53 -27.65 -27.04 17.94
CA GLY C 53 -28.59 -26.14 18.62
C GLY C 53 -29.11 -24.98 17.79
N TYR C 54 -28.30 -24.52 16.85
CA TYR C 54 -28.67 -23.35 16.04
C TYR C 54 -29.88 -23.66 15.14
N ASP C 55 -30.82 -22.71 15.07
CA ASP C 55 -32.08 -22.92 14.34
C ASP C 55 -32.18 -21.98 13.15
N TRP C 56 -31.79 -22.46 11.97
CA TRP C 56 -31.81 -21.61 10.79
C TRP C 56 -33.21 -21.14 10.44
N ARG C 57 -34.17 -22.04 10.53
CA ARG C 57 -35.56 -21.73 10.15
C ARG C 57 -36.12 -20.57 10.97
N ALA C 58 -35.75 -20.48 12.24
CA ALA C 58 -36.20 -19.34 13.06
C ALA C 58 -35.54 -18.04 12.58
N ALA C 59 -34.26 -18.10 12.22
CA ALA C 59 -33.56 -16.94 11.65
C ALA C 59 -34.14 -16.52 10.30
N GLU C 60 -34.39 -17.51 9.45
CA GLU C 60 -35.05 -17.31 8.16
C GLU C 60 -36.43 -16.61 8.35
N ASP C 61 -37.22 -17.12 9.29
CA ASP C 61 -38.50 -16.51 9.63
C ASP C 61 -38.34 -15.03 10.00
N ARG C 62 -37.34 -14.73 10.82
CA ARG C 62 -37.17 -13.36 11.30
C ARG C 62 -36.73 -12.44 10.16
N LEU C 63 -35.81 -12.91 9.33
CA LEU C 63 -35.37 -12.14 8.18
C LEU C 63 -36.57 -11.88 7.25
N ASN C 64 -37.45 -12.86 7.12
CA ASN C 64 -38.59 -12.71 6.22
C ASN C 64 -39.73 -11.84 6.80
N THR C 65 -39.61 -11.38 8.05
CA THR C 65 -40.57 -10.39 8.55
C THR C 65 -40.27 -9.02 7.94
N VAL C 66 -39.11 -8.89 7.32
CA VAL C 66 -38.70 -7.63 6.69
C VAL C 66 -39.03 -7.66 5.19
N PRO C 67 -39.80 -6.68 4.72
CA PRO C 67 -40.10 -6.67 3.27
C PRO C 67 -38.81 -6.60 2.46
N GLN C 68 -38.65 -7.49 1.49
CA GLN C 68 -37.44 -7.55 0.66
C GLN C 68 -37.80 -7.65 -0.81
N PHE C 69 -36.83 -7.24 -1.64
CA PHE C 69 -37.02 -7.11 -3.07
C PHE C 69 -35.71 -7.39 -3.80
N THR C 70 -35.78 -7.73 -5.08
CA THR C 70 -34.60 -7.72 -5.94
C THR C 70 -34.86 -6.90 -7.19
N THR C 71 -33.80 -6.36 -7.77
CA THR C 71 -33.92 -5.59 -8.98
C THR C 71 -32.57 -5.62 -9.68
N GLU C 72 -32.55 -5.43 -10.99
CA GLU C 72 -31.28 -5.47 -11.70
C GLU C 72 -30.81 -4.06 -11.98
N ILE C 73 -29.60 -3.73 -11.52
CA ILE C 73 -29.03 -2.41 -11.76
C ILE C 73 -27.64 -2.56 -12.38
N ASP C 74 -27.45 -1.92 -13.53
CA ASP C 74 -26.14 -1.89 -14.19
C ASP C 74 -25.62 -3.32 -14.37
N GLY C 75 -26.53 -4.23 -14.69
CA GLY C 75 -26.15 -5.58 -15.08
C GLY C 75 -26.04 -6.58 -13.95
N THR C 76 -26.24 -6.14 -12.70
CA THR C 76 -26.12 -7.07 -11.58
C THR C 76 -27.37 -7.10 -10.72
N ASN C 77 -27.59 -8.22 -10.05
CA ASN C 77 -28.73 -8.37 -9.16
C ASN C 77 -28.50 -7.63 -7.85
N VAL C 78 -29.48 -6.83 -7.44
CA VAL C 78 -29.39 -6.08 -6.19
C VAL C 78 -30.56 -6.46 -5.30
N HIS C 79 -30.25 -7.09 -4.17
CA HIS C 79 -31.24 -7.43 -3.15
C HIS C 79 -31.31 -6.31 -2.12
N PHE C 80 -32.49 -5.98 -1.64
CA PHE C 80 -32.62 -4.95 -0.61
C PHE C 80 -33.89 -5.11 0.22
N HIS C 82 -36.81 -3.01 2.21
CA HIS C 82 -37.40 -1.68 2.17
C HIS C 82 -38.50 -1.60 3.21
N ILE C 83 -38.28 -0.81 4.24
CA ILE C 83 -39.27 -0.72 5.32
C ILE C 83 -39.77 0.71 5.45
N ARG C 84 -41.03 0.89 5.09
CA ARG C 84 -41.66 2.20 5.20
C ARG C 84 -42.01 2.51 6.64
N SER C 85 -41.92 3.78 7.01
CA SER C 85 -42.42 4.23 8.30
C SER C 85 -43.93 4.46 8.24
N ALA C 86 -44.58 4.39 9.40
CA ALA C 86 -45.97 4.80 9.51
C ALA C 86 -46.09 6.32 9.55
N GLU C 87 -45.01 6.99 9.92
CA GLU C 87 -45.03 8.45 10.03
C GLU C 87 -44.77 9.08 8.66
N PRO C 88 -45.64 10.02 8.25
CA PRO C 88 -45.56 10.66 6.93
C PRO C 88 -44.24 11.39 6.66
N ASP C 89 -43.86 12.32 7.55
CA ASP C 89 -42.65 13.11 7.35
C ASP C 89 -41.34 12.37 7.68
N ALA C 90 -41.35 11.04 7.63
CA ALA C 90 -40.16 10.25 7.95
C ALA C 90 -38.99 10.50 6.98
N LEU C 91 -37.78 10.43 7.51
CA LEU C 91 -36.59 10.63 6.68
C LEU C 91 -36.15 9.34 6.01
N PRO C 92 -36.08 9.33 4.67
CA PRO C 92 -35.57 8.16 3.96
C PRO C 92 -34.07 8.04 4.16
N ILE C 94 -30.67 5.25 3.35
CA ILE C 94 -30.16 3.98 2.85
C ILE C 94 -28.95 3.59 3.69
N ILE C 95 -29.05 2.38 4.28
CA ILE C 95 -28.05 1.87 5.21
C ILE C 95 -27.24 0.75 4.59
N THR C 96 -25.92 0.88 4.57
CA THR C 96 -25.06 -0.13 3.95
C THR C 96 -24.09 -0.85 4.85
N HIS C 97 -24.19 -2.18 4.84
CA HIS C 97 -23.29 -3.03 5.63
C HIS C 97 -21.91 -3.09 4.99
N GLY C 98 -20.98 -3.73 5.68
CA GLY C 98 -19.65 -3.95 5.12
C GLY C 98 -19.26 -5.41 5.17
N TRP C 99 -17.96 -5.67 5.22
CA TRP C 99 -17.42 -7.02 5.27
C TRP C 99 -16.83 -7.21 6.66
N PRO C 100 -17.07 -8.36 7.32
CA PRO C 100 -17.83 -9.54 6.90
C PRO C 100 -19.26 -9.52 7.47
N GLY C 101 -19.97 -8.43 7.29
CA GLY C 101 -21.35 -8.34 7.75
C GLY C 101 -22.39 -8.57 6.68
N SER C 102 -23.62 -8.12 6.95
CA SER C 102 -24.76 -8.42 6.08
C SER C 102 -25.96 -7.60 6.51
N VAL C 103 -27.03 -7.68 5.73
CA VAL C 103 -28.27 -6.97 6.11
C VAL C 103 -28.85 -7.52 7.43
N ALA C 104 -28.46 -8.72 7.83
CA ALA C 104 -28.94 -9.27 9.09
C ALA C 104 -28.46 -8.46 10.28
N GLU C 105 -27.38 -7.68 10.11
CA GLU C 105 -26.90 -6.80 11.19
C GLU C 105 -27.96 -5.87 11.76
N PHE C 106 -28.94 -5.51 10.94
CA PHE C 106 -29.84 -4.40 11.28
C PHE C 106 -31.19 -4.82 11.82
N LEU C 107 -31.37 -6.12 12.02
CA LEU C 107 -32.67 -6.64 12.44
C LEU C 107 -33.23 -5.98 13.71
N ASP C 108 -32.36 -5.63 14.65
CA ASP C 108 -32.82 -5.11 15.93
C ASP C 108 -33.06 -3.61 15.94
N VAL C 109 -32.65 -2.90 14.88
CA VAL C 109 -32.88 -1.46 14.83
C VAL C 109 -33.97 -1.05 13.84
N ILE C 110 -34.43 -1.97 13.01
CA ILE C 110 -35.41 -1.62 11.99
C ILE C 110 -36.73 -1.09 12.55
N ASP C 111 -37.32 -1.77 13.52
CA ASP C 111 -38.59 -1.32 14.05
C ASP C 111 -38.47 -0.02 14.87
N PRO C 112 -37.46 0.09 15.75
CA PRO C 112 -37.36 1.38 16.47
C PRO C 112 -37.08 2.57 15.53
N LEU C 113 -36.38 2.33 14.42
CA LEU C 113 -36.08 3.43 13.50
C LEU C 113 -37.32 3.80 12.68
N THR C 114 -38.05 2.81 12.18
CA THR C 114 -39.19 3.10 11.33
C THR C 114 -40.49 3.34 12.12
N ASN C 115 -40.56 2.86 13.36
CA ASN C 115 -41.77 3.03 14.18
C ASN C 115 -41.46 3.52 15.59
N PRO C 116 -40.89 4.73 15.71
CA PRO C 116 -40.43 5.19 17.02
C PRO C 116 -41.56 5.33 18.02
N ARG C 117 -42.74 5.68 17.53
CA ARG C 117 -43.92 5.87 18.37
C ARG C 117 -44.18 4.64 19.23
N ALA C 118 -43.86 3.47 18.69
CA ALA C 118 -44.10 2.22 19.39
C ALA C 118 -42.86 1.70 20.12
N HIS C 119 -41.74 2.38 19.97
CA HIS C 119 -40.48 1.89 20.54
C HIS C 119 -39.74 2.95 21.35
N GLY C 120 -40.46 3.56 22.28
CA GLY C 120 -39.89 4.53 23.22
C GLY C 120 -39.22 5.72 22.58
N GLY C 121 -39.69 6.12 21.40
CA GLY C 121 -39.12 7.27 20.72
C GLY C 121 -40.16 8.27 20.25
N ASP C 122 -39.69 9.35 19.64
CA ASP C 122 -40.53 10.43 19.17
C ASP C 122 -40.91 10.22 17.70
N PRO C 123 -42.21 10.36 17.36
CA PRO C 123 -42.70 10.20 15.99
C PRO C 123 -41.97 11.12 15.00
N ALA C 124 -41.41 12.21 15.51
CA ALA C 124 -40.69 13.17 14.68
C ALA C 124 -39.32 12.64 14.22
N ASP C 125 -38.84 11.58 14.87
CA ASP C 125 -37.52 11.04 14.54
C ASP C 125 -37.58 9.77 13.71
N ALA C 126 -38.67 9.59 12.97
CA ALA C 126 -38.87 8.36 12.18
C ALA C 126 -38.05 8.34 10.89
N PHE C 127 -37.76 7.12 10.43
CA PHE C 127 -37.07 6.85 9.18
C PHE C 127 -37.86 5.91 8.28
N HIS C 128 -37.73 6.11 6.97
CA HIS C 128 -37.98 5.07 5.97
C HIS C 128 -36.62 4.44 5.73
N LEU C 129 -36.53 3.12 5.74
CA LEU C 129 -35.23 2.46 5.57
C LEU C 129 -35.11 1.65 4.29
N VAL C 130 -33.98 1.85 3.60
CA VAL C 130 -33.57 1.00 2.49
C VAL C 130 -32.27 0.35 2.89
N ILE C 131 -32.26 -0.98 2.92
CA ILE C 131 -31.08 -1.73 3.37
C ILE C 131 -30.66 -2.74 2.32
N PRO C 132 -29.74 -2.33 1.42
CA PRO C 132 -29.31 -3.19 0.31
C PRO C 132 -28.16 -4.11 0.66
N SER C 133 -28.12 -5.26 0.01
CA SER C 133 -26.99 -6.16 0.08
C SER C 133 -25.97 -5.73 -0.96
N LEU C 134 -24.72 -5.52 -0.54
CA LEU C 134 -23.68 -5.07 -1.48
C LEU C 134 -23.59 -6.02 -2.66
N PRO C 135 -23.28 -5.48 -3.84
CA PRO C 135 -23.09 -6.40 -4.97
C PRO C 135 -21.96 -7.37 -4.66
N GLY C 136 -22.21 -8.65 -4.91
CA GLY C 136 -21.26 -9.68 -4.58
C GLY C 136 -21.45 -10.26 -3.19
N PHE C 137 -22.37 -9.69 -2.42
CA PHE C 137 -22.60 -10.12 -1.04
C PHE C 137 -23.97 -10.76 -0.90
N GLY C 138 -24.06 -11.77 -0.04
CA GLY C 138 -25.34 -12.30 0.42
C GLY C 138 -26.34 -12.53 -0.69
N PHE C 139 -27.55 -12.00 -0.51
CA PHE C 139 -28.63 -12.32 -1.42
C PHE C 139 -28.61 -11.47 -2.69
N SER C 140 -27.69 -10.51 -2.76
CA SER C 140 -27.42 -9.88 -4.03
C SER C 140 -26.65 -10.84 -4.94
N GLY C 141 -25.71 -11.57 -4.35
CA GLY C 141 -24.98 -12.61 -5.06
C GLY C 141 -23.86 -12.08 -5.94
N PRO C 142 -23.10 -12.99 -6.53
CA PRO C 142 -21.94 -12.65 -7.37
C PRO C 142 -22.26 -11.63 -8.47
N THR C 143 -21.35 -10.68 -8.69
CA THR C 143 -21.43 -9.80 -9.84
C THR C 143 -20.93 -10.57 -11.06
N PRO C 144 -21.36 -10.18 -12.27
CA PRO C 144 -21.00 -10.99 -13.44
C PRO C 144 -19.77 -10.52 -14.19
N GLU C 145 -19.17 -9.40 -13.76
CA GLU C 145 -18.06 -8.82 -14.52
C GLU C 145 -17.16 -7.98 -13.62
N PRO C 146 -15.94 -7.68 -14.08
CA PRO C 146 -15.07 -6.77 -13.31
C PRO C 146 -15.65 -5.35 -13.25
N GLY C 147 -15.14 -4.53 -12.33
CA GLY C 147 -15.45 -3.11 -12.34
C GLY C 147 -16.37 -2.62 -11.22
N TRP C 148 -16.83 -3.51 -10.35
CA TRP C 148 -17.72 -3.10 -9.27
C TRP C 148 -16.91 -2.52 -8.09
N ASN C 149 -16.46 -1.28 -8.27
CA ASN C 149 -15.71 -0.57 -7.24
C ASN C 149 -16.63 0.37 -6.49
N LEU C 150 -16.08 1.31 -5.71
CA LEU C 150 -16.94 2.17 -4.89
C LEU C 150 -17.81 3.13 -5.75
N PRO C 151 -17.20 3.80 -6.76
CA PRO C 151 -18.08 4.64 -7.61
C PRO C 151 -19.19 3.85 -8.29
N ARG C 152 -18.93 2.60 -8.68
CA ARG C 152 -19.97 1.86 -9.40
C ARG C 152 -21.08 1.39 -8.44
N VAL C 153 -20.72 0.99 -7.23
CA VAL C 153 -21.73 0.66 -6.20
C VAL C 153 -22.56 1.90 -5.82
N ALA C 154 -21.89 3.03 -5.64
CA ALA C 154 -22.57 4.28 -5.31
C ALA C 154 -23.58 4.66 -6.38
N SER C 155 -23.17 4.55 -7.64
CA SER C 155 -24.04 4.87 -8.75
C SER C 155 -25.27 3.96 -8.74
N ALA C 156 -25.06 2.68 -8.43
CA ALA C 156 -26.18 1.72 -8.39
C ALA C 156 -27.18 2.07 -7.29
N TRP C 157 -26.67 2.51 -6.17
CA TRP C 157 -27.56 2.88 -5.09
C TRP C 157 -28.33 4.13 -5.35
N ALA C 158 -27.64 5.11 -5.93
CA ALA C 158 -28.30 6.32 -6.39
C ALA C 158 -29.49 5.92 -7.26
N GLU C 159 -29.29 4.92 -8.12
CA GLU C 159 -30.32 4.48 -9.04
C GLU C 159 -31.41 3.72 -8.28
N LEU C 160 -31.01 2.98 -7.25
CA LEU C 160 -31.99 2.27 -6.41
C LEU C 160 -32.93 3.28 -5.74
N ARG C 162 -33.58 6.26 -6.68
CA ARG C 162 -34.38 6.92 -7.71
C ARG C 162 -35.59 6.05 -8.10
N ARG C 163 -35.34 4.76 -8.27
CA ARG C 163 -36.42 3.82 -8.61
C ARG C 163 -37.47 3.78 -7.51
N LEU C 164 -37.04 3.90 -6.26
CA LEU C 164 -37.94 3.91 -5.11
C LEU C 164 -38.64 5.25 -4.90
N GLY C 165 -38.26 6.27 -5.67
CA GLY C 165 -38.93 7.56 -5.61
C GLY C 165 -38.44 8.48 -4.50
N TYR C 166 -37.25 8.20 -4.00
CA TYR C 166 -36.64 8.99 -2.94
C TYR C 166 -35.66 10.03 -3.50
N SER C 167 -36.13 11.26 -3.67
CA SER C 167 -35.29 12.29 -4.27
C SER C 167 -34.56 13.13 -3.21
N ARG C 168 -34.90 12.90 -1.94
CA ARG C 168 -34.15 13.47 -0.83
C ARG C 168 -33.99 12.41 0.24
N TYR C 169 -32.76 11.94 0.40
CA TYR C 169 -32.54 10.85 1.36
C TYR C 169 -31.20 11.01 2.07
N ALA C 170 -31.07 10.33 3.21
CA ALA C 170 -29.82 10.30 3.95
C ALA C 170 -29.11 8.98 3.69
N VAL C 171 -27.80 8.93 3.95
CA VAL C 171 -27.02 7.70 3.75
C VAL C 171 -26.29 7.36 5.05
N GLN C 172 -26.19 6.07 5.33
CA GLN C 172 -25.60 5.60 6.58
C GLN C 172 -24.75 4.37 6.31
N GLY C 173 -23.62 4.25 6.99
CA GLY C 173 -22.84 3.04 6.90
C GLY C 173 -21.66 2.93 7.85
N GLY C 174 -21.24 1.68 8.09
CA GLY C 174 -20.01 1.38 8.80
C GLY C 174 -19.14 0.54 7.87
N ASP C 175 -17.88 0.33 8.24
CA ASP C 175 -16.96 -0.49 7.44
C ASP C 175 -16.99 0.00 5.98
N LEU C 176 -16.99 -0.92 5.00
CA LEU C 176 -17.04 -0.53 3.58
C LEU C 176 -18.33 0.20 3.23
N GLY C 177 -19.37 -0.04 4.03
CA GLY C 177 -20.63 0.66 3.87
C GLY C 177 -20.48 2.15 4.11
N ALA C 178 -19.56 2.53 5.01
CA ALA C 178 -19.27 3.93 5.27
C ALA C 178 -18.56 4.53 4.07
N TRP C 179 -17.61 3.80 3.51
CA TRP C 179 -16.90 4.29 2.33
CA TRP C 179 -16.90 4.28 2.33
C TRP C 179 -17.85 4.43 1.17
N THR C 180 -18.78 3.49 1.04
CA THR C 180 -19.76 3.58 -0.03
C THR C 180 -20.65 4.80 0.16
N SER C 181 -21.06 5.07 1.40
CA SER C 181 -21.94 6.20 1.72
C SER C 181 -21.27 7.53 1.41
N LEU C 182 -19.98 7.65 1.76
CA LEU C 182 -19.26 8.88 1.48
C LEU C 182 -19.11 9.05 -0.03
N THR C 183 -18.88 7.95 -0.73
CA THR C 183 -18.79 8.02 -2.18
C THR C 183 -20.13 8.48 -2.76
N LEU C 184 -21.21 7.84 -2.30
CA LEU C 184 -22.56 8.21 -2.72
C LEU C 184 -22.87 9.69 -2.44
N SER C 185 -22.42 10.22 -1.30
CA SER C 185 -22.65 11.61 -0.92
CA SER C 185 -22.72 11.60 -0.95
C SER C 185 -22.15 12.56 -1.98
N GLY C 186 -21.07 12.15 -2.65
CA GLY C 186 -20.50 12.97 -3.70
C GLY C 186 -21.15 12.70 -5.04
N VAL C 187 -21.22 11.42 -5.39
CA VAL C 187 -21.83 10.97 -6.64
C VAL C 187 -23.28 11.44 -6.83
N ASP C 188 -24.06 11.43 -5.76
CA ASP C 188 -25.47 11.83 -5.86
C ASP C 188 -25.77 13.00 -4.93
N HIS C 189 -24.85 13.96 -4.91
CA HIS C 189 -24.92 15.16 -4.06
C HIS C 189 -26.26 15.90 -4.20
N GLU C 190 -26.83 15.88 -5.39
CA GLU C 190 -28.13 16.48 -5.66
C GLU C 190 -29.25 15.95 -4.75
N HIS C 191 -29.25 14.65 -4.48
CA HIS C 191 -30.36 14.02 -3.77
C HIS C 191 -30.04 13.65 -2.32
N VAL C 192 -28.76 13.61 -1.97
CA VAL C 192 -28.36 13.23 -0.61
C VAL C 192 -28.44 14.42 0.34
N VAL C 193 -29.30 14.31 1.37
CA VAL C 193 -29.51 15.45 2.27
C VAL C 193 -28.57 15.40 3.46
N GLY C 194 -27.95 14.25 3.68
CA GLY C 194 -27.08 14.09 4.82
C GLY C 194 -26.43 12.71 4.85
N THR C 195 -25.26 12.66 5.49
CA THR C 195 -24.47 11.44 5.58
C THR C 195 -24.10 11.15 7.04
N HIS C 196 -24.30 9.91 7.47
CA HIS C 196 -23.90 9.49 8.80
C HIS C 196 -23.02 8.26 8.69
N VAL C 197 -21.82 8.32 9.28
CA VAL C 197 -20.96 7.15 9.30
C VAL C 197 -20.62 6.75 10.74
N ASN C 198 -20.61 5.45 11.03
CA ASN C 198 -20.12 5.00 12.32
C ASN C 198 -18.74 4.36 12.16
N PHE C 199 -18.07 4.73 11.08
CA PHE C 199 -16.70 4.27 10.81
C PHE C 199 -15.98 5.32 9.99
N LEU C 200 -14.93 5.89 10.54
CA LEU C 200 -14.22 6.96 9.83
C LEU C 200 -12.73 6.90 10.11
N ILE C 201 -11.96 6.68 9.06
CA ILE C 201 -10.51 6.73 9.13
C ILE C 201 -10.03 8.11 8.71
N THR C 202 -9.13 8.69 9.50
CA THR C 202 -8.51 9.97 9.19
C THR C 202 -6.99 9.85 9.21
N PRO C 203 -6.41 9.50 8.05
CA PRO C 203 -4.97 9.30 7.91
C PRO C 203 -4.19 10.57 8.13
N PRO C 204 -3.00 10.46 8.74
CA PRO C 204 -2.09 11.61 8.90
C PRO C 204 -1.51 12.00 7.55
N SER C 205 -1.10 13.26 7.38
CA SER C 205 -0.56 13.70 6.11
C SER C 205 0.88 13.24 5.89
N GLY C 206 1.59 12.95 6.97
CA GLY C 206 2.98 12.55 6.88
C GLY C 206 3.95 13.65 7.28
N ASP C 207 3.43 14.86 7.45
CA ASP C 207 4.22 15.96 7.99
C ASP C 207 4.00 16.02 9.51
N PRO C 208 5.04 15.70 10.28
CA PRO C 208 5.00 15.68 11.75
C PRO C 208 4.39 16.93 12.36
N ALA C 209 4.45 18.05 11.65
CA ALA C 209 3.84 19.29 12.11
C ALA C 209 2.34 19.11 12.26
N ASP C 210 1.76 18.22 11.46
CA ASP C 210 0.33 17.91 11.54
C ASP C 210 -0.06 17.34 12.89
N LEU C 211 0.89 16.70 13.58
CA LEU C 211 0.58 15.99 14.81
C LEU C 211 0.63 16.90 16.03
N ALA C 212 1.14 18.11 15.83
CA ALA C 212 1.36 19.05 16.92
C ALA C 212 0.09 19.39 17.70
N GLY C 213 0.17 19.28 19.01
CA GLY C 213 -0.93 19.66 19.88
C GLY C 213 -1.98 18.59 20.10
N LEU C 214 -1.82 17.43 19.48
CA LEU C 214 -2.81 16.36 19.63
C LEU C 214 -2.64 15.66 20.97
N GLY C 215 -3.74 15.37 21.64
CA GLY C 215 -3.71 14.64 22.89
C GLY C 215 -3.41 13.17 22.64
N GLU C 216 -3.10 12.43 23.70
CA GLU C 216 -2.74 11.02 23.57
C GLU C 216 -3.85 10.17 22.95
N GLN C 217 -5.11 10.51 23.22
CA GLN C 217 -6.20 9.72 22.66
C GLN C 217 -6.19 9.80 21.13
N ASP C 218 -6.00 10.99 20.60
CA ASP C 218 -6.00 11.17 19.15
C ASP C 218 -4.75 10.54 18.53
N LEU C 219 -3.60 10.69 19.18
CA LEU C 219 -2.38 10.05 18.70
C LEU C 219 -2.53 8.52 18.73
N ALA C 220 -3.21 8.01 19.75
CA ALA C 220 -3.49 6.59 19.84
C ALA C 220 -4.43 6.14 18.72
N ARG C 221 -5.31 7.03 18.28
CA ARG C 221 -6.21 6.71 17.17
C ARG C 221 -5.40 6.59 15.87
N LEU C 222 -4.39 7.44 15.71
CA LEU C 222 -3.50 7.36 14.53
C LEU C 222 -2.68 6.04 14.50
N GLN C 223 -1.93 5.79 15.58
CA GLN C 223 -1.37 4.47 15.92
C GLN C 223 -2.29 3.26 15.62
N LEU C 224 -3.58 3.43 15.80
CA LEU C 224 -4.53 2.33 15.60
C LEU C 224 -4.43 1.90 14.16
N LEU C 225 -4.30 2.90 13.28
CA LEU C 225 -4.19 2.65 11.86
C LEU C 225 -2.93 1.88 11.55
N ALA C 226 -1.83 2.27 12.21
CA ALA C 226 -0.56 1.61 12.01
C ALA C 226 -0.61 0.16 12.52
N GLU C 227 -1.26 -0.03 13.66
CA GLU C 227 -1.36 -1.38 14.23
C GLU C 227 -2.21 -2.31 13.36
N PHE C 228 -3.34 -1.80 12.87
CA PHE C 228 -4.16 -2.57 11.93
C PHE C 228 -3.35 -3.00 10.69
N GLY C 229 -2.56 -2.06 10.16
CA GLY C 229 -1.76 -2.36 8.99
C GLY C 229 -0.74 -3.45 9.27
N ALA C 230 -0.08 -3.35 10.41
CA ALA C 230 0.96 -4.30 10.80
C ALA C 230 0.39 -5.68 11.14
N GLU C 231 -0.73 -5.72 11.83
CA GLU C 231 -1.20 -6.98 12.41
C GLU C 231 -2.58 -7.44 11.96
N GLY C 232 -3.42 -6.52 11.52
CA GLY C 232 -4.82 -6.85 11.31
C GLY C 232 -5.25 -6.96 9.86
N SER C 233 -4.30 -6.74 8.95
CA SER C 233 -4.65 -6.55 7.54
C SER C 233 -4.46 -7.78 6.66
N GLY C 234 -4.17 -8.94 7.27
CA GLY C 234 -3.97 -10.15 6.49
C GLY C 234 -5.18 -10.51 5.63
N TYR C 235 -6.37 -10.46 6.19
CA TYR C 235 -7.57 -10.81 5.42
C TYR C 235 -7.72 -9.84 4.24
N LYS C 237 -5.20 -8.04 2.76
CA LYS C 237 -4.16 -8.25 1.75
C LYS C 237 -4.50 -9.42 0.81
N ILE C 238 -4.99 -10.53 1.36
CA ILE C 238 -5.23 -11.68 0.48
C ILE C 238 -6.51 -11.45 -0.32
N GLN C 239 -7.56 -10.89 0.28
CA GLN C 239 -8.79 -10.66 -0.49
C GLN C 239 -8.61 -9.62 -1.60
N SER C 240 -7.74 -8.63 -1.39
CA SER C 240 -7.53 -7.59 -2.41
C SER C 240 -6.58 -8.01 -3.53
N THR C 241 -6.01 -9.21 -3.44
CA THR C 241 -5.01 -9.64 -4.44
C THR C 241 -5.33 -10.97 -5.11
N ARG C 242 -5.66 -11.97 -4.30
CA ARG C 242 -6.01 -13.31 -4.83
C ARG C 242 -7.31 -13.83 -4.23
N PRO C 243 -8.41 -13.09 -4.41
CA PRO C 243 -9.66 -13.55 -3.79
C PRO C 243 -10.15 -14.89 -4.32
N GLN C 244 -9.86 -15.21 -5.59
CA GLN C 244 -10.35 -16.46 -6.15
C GLN C 244 -9.66 -17.65 -5.49
N THR C 245 -8.36 -17.55 -5.28
CA THR C 245 -7.62 -18.62 -4.60
C THR C 245 -8.21 -18.90 -3.24
N LEU C 246 -8.50 -17.84 -2.49
CA LEU C 246 -9.10 -17.96 -1.16
C LEU C 246 -10.48 -18.57 -1.22
N SER C 247 -11.25 -18.21 -2.25
CA SER C 247 -12.66 -18.63 -2.35
C SER C 247 -12.85 -20.14 -2.34
N TYR C 248 -11.88 -20.89 -2.84
CA TYR C 248 -12.06 -22.35 -2.91
C TYR C 248 -12.20 -22.95 -1.52
N SER C 249 -11.35 -22.51 -0.61
CA SER C 249 -11.39 -23.14 0.70
C SER C 249 -12.63 -22.66 1.47
N LEU C 250 -12.96 -21.37 1.39
CA LEU C 250 -14.08 -20.82 2.16
C LEU C 250 -15.43 -21.33 1.62
N THR C 251 -15.47 -21.66 0.33
CA THR C 251 -16.74 -22.11 -0.28
C THR C 251 -16.98 -23.59 0.01
N ASP C 252 -15.88 -24.34 0.15
CA ASP C 252 -15.97 -25.78 0.38
C ASP C 252 -16.08 -26.14 1.87
N SER C 253 -15.53 -25.30 2.75
CA SER C 253 -15.42 -25.62 4.18
C SER C 253 -16.27 -24.72 5.08
N PRO C 254 -17.35 -25.26 5.67
CA PRO C 254 -18.12 -24.37 6.54
C PRO C 254 -17.36 -23.95 7.80
N VAL C 255 -16.54 -24.83 8.39
CA VAL C 255 -15.78 -24.41 9.56
C VAL C 255 -14.76 -23.34 9.13
N GLY C 256 -14.22 -23.47 7.92
CA GLY C 256 -13.24 -22.52 7.44
C GLY C 256 -13.89 -21.18 7.26
N GLN C 257 -15.12 -21.20 6.72
CA GLN C 257 -15.90 -19.98 6.49
C GLN C 257 -16.23 -19.30 7.81
N LEU C 258 -16.59 -20.12 8.80
CA LEU C 258 -16.95 -19.61 10.11
C LEU C 258 -15.75 -18.95 10.76
N ALA C 259 -14.60 -19.63 10.76
CA ALA C 259 -13.39 -19.09 11.38
C ALA C 259 -13.00 -17.76 10.72
N TRP C 260 -13.03 -17.74 9.39
CA TRP C 260 -12.67 -16.55 8.62
C TRP C 260 -13.47 -15.30 9.04
N VAL C 261 -14.76 -15.49 9.30
CA VAL C 261 -15.64 -14.38 9.64
C VAL C 261 -15.65 -14.09 11.15
N VAL C 262 -15.75 -15.13 11.97
CA VAL C 262 -15.98 -14.91 13.41
C VAL C 262 -14.75 -14.27 14.06
N GLU C 263 -13.58 -14.49 13.50
CA GLU C 263 -12.37 -13.82 14.00
C GLU C 263 -12.57 -12.30 14.12
N LYS C 264 -13.23 -11.71 13.14
CA LYS C 264 -13.38 -10.25 13.12
C LYS C 264 -14.41 -9.75 14.15
N PHE C 265 -15.36 -10.61 14.50
CA PHE C 265 -16.30 -10.21 15.55
C PHE C 265 -15.60 -10.21 16.90
N GLU C 267 -12.14 -9.62 17.15
CA GLU C 267 -11.12 -8.57 17.14
C GLU C 267 -11.69 -7.16 16.99
N TRP C 268 -12.82 -7.00 16.31
CA TRP C 268 -13.32 -5.65 16.08
C TRP C 268 -14.53 -5.31 16.95
N GLY C 269 -15.04 -6.27 17.71
CA GLY C 269 -16.19 -5.99 18.57
C GLY C 269 -15.72 -5.57 19.94
N ASP C 270 -16.64 -5.11 20.76
CA ASP C 270 -16.33 -4.72 22.13
C ASP C 270 -16.33 -5.99 22.97
N THR C 271 -15.19 -6.68 22.99
CA THR C 271 -15.11 -8.04 23.50
C THR C 271 -14.07 -8.15 24.60
N ASP C 272 -14.21 -9.21 25.40
CA ASP C 272 -13.22 -9.52 26.43
C ASP C 272 -12.53 -10.84 26.08
N LYS C 273 -13.21 -11.96 26.32
CA LYS C 273 -12.61 -13.27 26.07
C LYS C 273 -13.24 -14.01 24.89
N SER C 274 -14.33 -13.47 24.34
CA SER C 274 -15.10 -14.18 23.33
C SER C 274 -15.87 -13.22 22.44
N PRO C 275 -16.04 -13.56 21.15
CA PRO C 275 -16.88 -12.73 20.29
C PRO C 275 -18.32 -12.65 20.82
N GLU C 276 -18.74 -13.65 21.59
CA GLU C 276 -20.10 -13.69 22.15
C GLU C 276 -20.29 -12.70 23.29
N ASP C 277 -19.20 -12.04 23.70
CA ASP C 277 -19.29 -10.95 24.67
C ASP C 277 -20.06 -9.77 24.06
N ALA C 278 -19.97 -9.63 22.76
CA ALA C 278 -20.58 -8.49 22.06
C ALA C 278 -21.73 -8.88 21.15
N VAL C 279 -21.66 -10.06 20.55
CA VAL C 279 -22.71 -10.51 19.64
C VAL C 279 -23.04 -11.98 19.93
N ASP C 280 -24.26 -12.27 20.34
CA ASP C 280 -24.57 -13.65 20.76
C ASP C 280 -24.42 -14.62 19.59
N ARG C 281 -24.27 -15.90 19.88
CA ARG C 281 -23.87 -16.83 18.83
C ARG C 281 -24.96 -17.11 17.79
N ASP C 282 -26.22 -16.91 18.12
CA ASP C 282 -27.26 -17.09 17.11
C ASP C 282 -27.14 -16.03 16.04
N ARG C 283 -26.91 -14.78 16.47
CA ARG C 283 -26.66 -13.69 15.54
C ARG C 283 -25.36 -13.86 14.76
N LEU C 284 -24.30 -14.29 15.43
CA LEU C 284 -23.04 -14.60 14.75
C LEU C 284 -23.25 -15.63 13.66
N LEU C 285 -23.99 -16.69 13.98
CA LEU C 285 -24.14 -17.79 13.02
C LEU C 285 -25.08 -17.40 11.91
N THR C 286 -26.09 -16.59 12.20
CA THR C 286 -27.01 -16.15 11.15
C THR C 286 -26.24 -15.36 10.09
N ASN C 287 -25.36 -14.49 10.54
CA ASN C 287 -24.54 -13.72 9.62
C ASN C 287 -23.64 -14.63 8.79
N VAL C 288 -23.01 -15.61 9.43
CA VAL C 288 -22.16 -16.57 8.72
C VAL C 288 -22.97 -17.42 7.73
N ILE C 290 -25.50 -16.52 6.02
CA ILE C 290 -25.76 -15.78 4.79
C ILE C 290 -24.57 -15.93 3.85
N TYR C 291 -23.34 -15.86 4.37
CA TYR C 291 -22.18 -16.09 3.53
C TYR C 291 -22.14 -17.54 3.03
N TRP C 292 -22.35 -18.49 3.93
CA TRP C 292 -22.27 -19.89 3.54
C TRP C 292 -23.33 -20.25 2.50
N LEU C 293 -24.59 -19.95 2.80
CA LEU C 293 -25.69 -20.48 2.00
C LEU C 293 -25.75 -19.84 0.61
N THR C 294 -25.34 -18.58 0.50
CA THR C 294 -25.29 -17.90 -0.78
C THR C 294 -23.96 -18.12 -1.51
N ALA C 295 -23.01 -18.79 -0.84
CA ALA C 295 -21.68 -19.06 -1.38
C ALA C 295 -20.99 -17.79 -1.88
N THR C 296 -20.99 -16.74 -1.06
CA THR C 296 -20.45 -15.45 -1.47
C THR C 296 -19.14 -15.08 -0.76
N ALA C 297 -18.44 -16.05 -0.20
CA ALA C 297 -17.14 -15.74 0.41
C ALA C 297 -16.20 -15.19 -0.66
N GLY C 298 -16.22 -15.81 -1.84
CA GLY C 298 -15.37 -15.40 -2.94
C GLY C 298 -15.82 -14.11 -3.60
N SER C 299 -17.11 -14.01 -3.94
CA SER C 299 -17.57 -12.80 -4.62
C SER C 299 -17.47 -11.56 -3.72
N SER C 300 -17.61 -11.74 -2.40
CA SER C 300 -17.49 -10.60 -1.51
C SER C 300 -16.02 -10.20 -1.38
N ALA C 301 -15.12 -11.18 -1.34
CA ALA C 301 -13.68 -10.90 -1.34
C ALA C 301 -13.25 -10.12 -2.59
N HIS C 302 -13.86 -10.43 -3.74
CA HIS C 302 -13.52 -9.72 -4.97
C HIS C 302 -13.76 -8.22 -4.88
N PHE C 303 -14.67 -7.78 -4.00
CA PHE C 303 -14.88 -6.34 -3.79
C PHE C 303 -13.56 -5.64 -3.39
N TYR C 304 -12.83 -6.28 -2.48
CA TYR C 304 -11.54 -5.77 -2.03
C TYR C 304 -10.55 -5.66 -3.19
N TYR C 305 -10.63 -6.61 -4.11
CA TYR C 305 -9.78 -6.57 -5.27
C TYR C 305 -10.14 -5.33 -6.10
N GLU C 306 -11.44 -5.06 -6.24
CA GLU C 306 -11.88 -3.97 -7.11
C GLU C 306 -11.53 -2.60 -6.53
N ILE C 307 -11.40 -2.51 -5.21
CA ILE C 307 -11.07 -1.25 -4.57
C ILE C 307 -9.66 -1.22 -3.99
N SER C 308 -8.78 -2.07 -4.48
CA SER C 308 -7.48 -2.26 -3.85
C SER C 308 -6.66 -0.95 -3.80
N ASP C 309 -6.84 -0.09 -4.80
CA ASP C 309 -6.05 1.12 -4.88
CA ASP C 309 -6.07 1.14 -4.90
C ASP C 309 -6.43 2.15 -3.81
N VAL C 310 -7.58 1.99 -3.17
CA VAL C 310 -7.97 2.95 -2.14
C VAL C 310 -7.92 2.39 -0.73
N LEU C 311 -7.51 1.14 -0.60
CA LEU C 311 -7.39 0.50 0.71
C LEU C 311 -6.15 0.98 1.46
N PRO C 312 -6.13 0.80 2.79
CA PRO C 312 -4.88 0.99 3.53
C PRO C 312 -3.78 -0.03 3.16
N THR C 313 -4.13 -1.16 2.53
CA THR C 313 -3.09 -2.08 2.09
C THR C 313 -2.52 -1.67 0.72
N ALA C 314 -2.97 -0.54 0.20
CA ALA C 314 -2.46 -0.06 -1.09
C ALA C 314 -0.98 0.26 -1.00
N PRO C 315 -0.20 -0.15 -2.01
CA PRO C 315 1.24 0.05 -2.02
C PRO C 315 1.58 1.53 -1.80
N THR C 316 0.94 2.39 -2.57
CA THR C 316 0.93 3.81 -2.26
C THR C 316 -0.50 4.21 -1.94
N PRO C 317 -0.74 4.67 -0.71
CA PRO C 317 -2.10 5.02 -0.31
C PRO C 317 -2.56 6.29 -1.02
N PRO C 318 -3.88 6.46 -1.16
CA PRO C 318 -4.36 7.72 -1.73
C PRO C 318 -4.19 8.84 -0.72
N PRO C 319 -4.00 10.07 -1.19
CA PRO C 319 -3.93 11.20 -0.24
C PRO C 319 -5.29 11.40 0.43
N PRO C 320 -5.31 12.11 1.58
CA PRO C 320 -6.64 12.56 2.04
C PRO C 320 -7.34 13.33 0.93
N ALA C 321 -8.59 12.96 0.65
CA ALA C 321 -9.35 13.58 -0.43
C ALA C 321 -9.65 15.04 -0.14
N PRO C 322 -9.97 15.83 -1.18
CA PRO C 322 -10.41 17.22 -0.95
C PRO C 322 -11.63 17.27 -0.02
N PRO C 323 -11.91 18.44 0.57
CA PRO C 323 -13.05 18.56 1.51
C PRO C 323 -14.35 18.14 0.83
N LEU C 324 -15.21 17.42 1.53
CA LEU C 324 -16.51 17.03 1.00
C LEU C 324 -17.62 17.83 1.68
N PRO C 325 -18.51 18.44 0.90
CA PRO C 325 -19.43 19.41 1.51
C PRO C 325 -20.68 18.79 2.16
N THR C 326 -20.81 17.47 2.14
CA THR C 326 -22.01 16.81 2.66
C THR C 326 -22.21 17.10 4.16
N PRO C 327 -23.46 17.39 4.57
CA PRO C 327 -23.73 17.51 6.00
C PRO C 327 -23.45 16.16 6.65
N LEU C 328 -22.51 16.11 7.59
CA LEU C 328 -22.00 14.83 8.05
C LEU C 328 -22.25 14.58 9.52
N GLY C 329 -22.63 13.34 9.83
CA GLY C 329 -22.70 12.89 11.20
C GLY C 329 -21.67 11.80 11.41
N VAL C 330 -21.01 11.83 12.57
CA VAL C 330 -19.98 10.85 12.85
C VAL C 330 -20.27 10.23 14.21
N ALA C 331 -20.34 8.90 14.24
CA ALA C 331 -20.47 8.16 15.48
C ALA C 331 -19.22 7.33 15.71
N VAL C 332 -18.54 7.59 16.82
CA VAL C 332 -17.30 6.88 17.12
C VAL C 332 -17.52 5.84 18.22
N TYR C 333 -17.46 4.56 17.86
CA TYR C 333 -17.66 3.52 18.86
C TYR C 333 -16.32 3.12 19.45
N PRO C 334 -16.25 3.00 20.78
CA PRO C 334 -14.95 2.98 21.47
C PRO C 334 -14.08 1.76 21.20
N ALA C 335 -14.66 0.61 20.84
CA ALA C 335 -13.86 -0.57 20.58
C ALA C 335 -13.63 -0.79 19.09
N ASP C 336 -13.90 0.23 18.28
CA ASP C 336 -13.79 0.06 16.84
C ASP C 336 -12.32 -0.13 16.41
N SER C 337 -12.13 -0.73 15.24
CA SER C 337 -10.81 -1.05 14.73
C SER C 337 -10.05 0.17 14.23
N ALA C 338 -10.79 1.21 13.86
CA ALA C 338 -10.23 2.50 13.51
C ALA C 338 -11.17 3.61 13.97
N LYS C 339 -10.61 4.76 14.35
CA LYS C 339 -11.36 5.89 14.88
C LYS C 339 -10.79 7.21 14.35
N PRO C 340 -11.67 8.17 14.07
CA PRO C 340 -11.26 9.46 13.48
C PRO C 340 -10.69 10.44 14.50
N VAL C 341 -9.71 11.22 14.07
CA VAL C 341 -9.20 12.35 14.82
C VAL C 341 -10.05 13.54 14.41
N ARG C 342 -10.71 14.18 15.37
CA ARG C 342 -11.68 15.21 15.03
C ARG C 342 -11.05 16.38 14.26
N ARG C 343 -9.85 16.80 14.66
CA ARG C 343 -9.17 17.87 13.94
C ARG C 343 -9.01 17.56 12.43
N PHE C 344 -8.69 16.31 12.13
CA PHE C 344 -8.48 15.90 10.74
C PHE C 344 -9.82 15.70 10.01
N ALA C 345 -10.84 15.21 10.72
CA ALA C 345 -12.17 15.03 10.12
C ALA C 345 -12.75 16.37 9.72
N GLU C 346 -12.54 17.38 10.55
CA GLU C 346 -13.13 18.69 10.30
C GLU C 346 -12.48 19.34 9.08
N ARG C 347 -11.23 18.97 8.82
CA ARG C 347 -10.57 19.43 7.61
C ARG C 347 -11.17 18.76 6.37
N ALA C 348 -11.42 17.46 6.47
CA ALA C 348 -11.93 16.71 5.33
C ALA C 348 -13.41 16.92 5.11
N PHE C 349 -14.11 17.37 6.14
CA PHE C 349 -15.56 17.56 6.09
C PHE C 349 -15.95 18.84 6.79
N PRO C 350 -16.04 19.94 6.04
CA PRO C 350 -16.27 21.24 6.67
C PRO C 350 -17.70 21.42 7.18
N ASN C 351 -18.59 20.45 6.94
CA ASN C 351 -19.97 20.58 7.38
CA ASN C 351 -19.97 20.58 7.38
C ASN C 351 -20.42 19.41 8.27
N ILE C 352 -19.67 19.17 9.35
CA ILE C 352 -20.06 18.19 10.34
C ILE C 352 -21.17 18.79 11.22
N VAL C 353 -22.30 18.12 11.28
CA VAL C 353 -23.44 18.62 12.04
C VAL C 353 -23.68 17.80 13.30
N HIS C 354 -23.01 16.66 13.40
CA HIS C 354 -23.23 15.73 14.49
C HIS C 354 -21.96 14.94 14.77
N TRP C 355 -21.52 14.94 16.01
CA TRP C 355 -20.35 14.16 16.39
C TRP C 355 -20.60 13.50 17.75
N ALA C 356 -20.55 12.17 17.77
CA ALA C 356 -20.86 11.45 18.98
C ALA C 356 -19.74 10.46 19.33
N GLU C 357 -19.25 10.56 20.56
CA GLU C 357 -18.31 9.59 21.09
C GLU C 357 -19.05 8.61 21.99
N LEU C 358 -19.34 7.43 21.48
CA LEU C 358 -20.23 6.52 22.21
C LEU C 358 -19.46 5.79 23.30
N GLU C 359 -20.18 5.17 24.22
CA GLU C 359 -19.54 4.73 25.46
C GLU C 359 -19.23 3.24 25.47
N ARG C 360 -19.92 2.47 24.62
CA ARG C 360 -19.66 1.04 24.48
C ARG C 360 -19.86 0.63 23.04
N GLY C 361 -19.25 -0.48 22.66
CA GLY C 361 -19.48 -1.03 21.34
C GLY C 361 -18.27 -0.92 20.44
N GLY C 362 -18.20 -1.82 19.46
CA GLY C 362 -17.13 -1.76 18.48
C GLY C 362 -17.65 -1.53 17.07
N HIS C 363 -17.06 -2.26 16.13
CA HIS C 363 -17.23 -2.10 14.69
C HIS C 363 -18.64 -2.36 14.19
N PHE C 364 -19.38 -3.23 14.87
CA PHE C 364 -20.70 -3.65 14.40
C PHE C 364 -21.78 -2.98 15.21
N ALA C 365 -21.90 -1.67 15.08
CA ALA C 365 -22.67 -0.88 16.05
C ALA C 365 -24.15 -1.28 16.16
N ALA C 366 -24.84 -1.40 15.03
CA ALA C 366 -26.27 -1.72 15.08
C ALA C 366 -26.51 -3.10 15.70
N LEU C 367 -25.59 -4.02 15.44
CA LEU C 367 -25.71 -5.37 15.96
C LEU C 367 -25.33 -5.45 17.44
N GLU C 368 -24.24 -4.77 17.81
CA GLU C 368 -23.74 -4.83 19.19
C GLU C 368 -24.54 -3.96 20.16
N GLN C 369 -24.92 -2.78 19.69
CA GLN C 369 -25.53 -1.78 20.55
C GLN C 369 -26.71 -1.14 19.85
N PRO C 370 -27.77 -1.92 19.63
CA PRO C 370 -28.88 -1.37 18.85
C PRO C 370 -29.55 -0.18 19.53
N GLY C 371 -29.57 -0.16 20.86
CA GLY C 371 -30.16 0.97 21.57
C GLY C 371 -29.38 2.25 21.33
N LEU C 372 -28.05 2.13 21.38
CA LEU C 372 -27.17 3.28 21.16
C LEU C 372 -27.28 3.78 19.73
N PHE C 373 -27.27 2.84 18.81
CA PHE C 373 -27.31 3.13 17.37
C PHE C 373 -28.58 3.89 17.05
N VAL C 374 -29.70 3.37 17.55
CA VAL C 374 -30.99 4.03 17.33
C VAL C 374 -31.02 5.44 17.93
N SER C 375 -30.56 5.58 19.18
CA SER C 375 -30.58 6.91 19.82
C SER C 375 -29.69 7.90 19.07
N ASP C 376 -28.54 7.41 18.63
CA ASP C 376 -27.59 8.23 17.90
C ASP C 376 -28.10 8.66 16.52
N LEU C 377 -28.77 7.75 15.81
CA LEU C 377 -29.31 8.09 14.49
C LEU C 377 -30.50 9.05 14.62
N ARG C 378 -31.27 8.90 15.69
CA ARG C 378 -32.38 9.83 15.97
C ARG C 378 -31.78 11.21 16.26
N ALA C 379 -30.70 11.22 17.04
CA ALA C 379 -30.00 12.46 17.35
C ALA C 379 -29.46 13.09 16.07
N PHE C 380 -28.97 12.26 15.16
CA PHE C 380 -28.42 12.75 13.89
C PHE C 380 -29.49 13.41 13.03
N ALA C 381 -30.63 12.75 12.91
CA ALA C 381 -31.75 13.31 12.18
C ALA C 381 -32.16 14.67 12.76
N ARG C 382 -32.17 14.79 14.09
CA ARG C 382 -32.54 16.05 14.73
C ARG C 382 -31.52 17.13 14.40
N ALA C 383 -30.23 16.79 14.47
CA ALA C 383 -29.16 17.73 14.13
C ALA C 383 -29.32 18.20 12.68
N LEU C 384 -29.64 17.25 11.82
CA LEU C 384 -29.79 17.52 10.39
C LEU C 384 -30.93 18.49 10.13
N ARG C 385 -32.05 18.31 10.85
CA ARG C 385 -33.18 19.20 10.70
C ARG C 385 -32.83 20.62 11.14
N THR C 386 -32.09 20.72 12.24
CA THR C 386 -31.79 22.01 12.84
C THR C 386 -30.77 22.85 12.04
N SER C 387 -29.88 22.19 11.31
CA SER C 387 -28.83 22.90 10.57
C SER C 387 -29.39 23.61 9.34
N GLU D 2 15.44 -42.84 14.69
CA GLU D 2 14.75 -44.05 14.26
C GLU D 2 14.52 -44.03 12.76
N PRO D 3 14.69 -45.19 12.10
CA PRO D 3 14.30 -45.30 10.68
C PRO D 3 12.82 -44.98 10.51
N PHE D 4 12.44 -44.43 9.36
CA PHE D 4 11.08 -43.98 9.11
C PHE D 4 10.63 -44.34 7.71
N ARG D 5 9.36 -44.69 7.58
CA ARG D 5 8.78 -45.05 6.29
CA ARG D 5 8.78 -45.05 6.29
C ARG D 5 7.38 -44.45 6.17
N ILE D 6 7.09 -43.82 5.04
CA ILE D 6 5.76 -43.27 4.81
C ILE D 6 4.76 -44.39 4.57
N VAL D 7 3.77 -44.50 5.45
CA VAL D 7 2.73 -45.49 5.31
C VAL D 7 1.38 -44.87 5.61
N ILE D 8 0.75 -44.34 4.56
CA ILE D 8 -0.55 -43.71 4.69
C ILE D 8 -1.67 -44.75 4.74
N PRO D 9 -2.46 -44.77 5.82
CA PRO D 9 -3.55 -45.73 5.94
C PRO D 9 -4.62 -45.49 4.88
N GLN D 10 -5.23 -46.59 4.40
CA GLN D 10 -6.18 -46.51 3.30
C GLN D 10 -7.33 -45.57 3.64
N ALA D 11 -7.71 -45.55 4.92
CA ALA D 11 -8.80 -44.70 5.39
C ALA D 11 -8.56 -43.21 5.11
N ASP D 12 -7.29 -42.80 5.09
CA ASP D 12 -6.95 -41.41 4.80
C ASP D 12 -7.25 -41.09 3.33
N LEU D 13 -6.91 -42.00 2.44
CA LEU D 13 -7.20 -41.83 1.03
C LEU D 13 -8.71 -41.89 0.78
N ASP D 14 -9.41 -42.83 1.43
CA ASP D 14 -10.86 -42.92 1.26
C ASP D 14 -11.52 -41.60 1.66
N ASP D 15 -11.06 -41.05 2.78
CA ASP D 15 -11.57 -39.77 3.28
C ASP D 15 -11.31 -38.65 2.29
N LEU D 16 -10.07 -38.56 1.81
CA LEU D 16 -9.70 -37.56 0.80
C LEU D 16 -10.63 -37.63 -0.41
N HIS D 17 -10.92 -38.84 -0.88
CA HIS D 17 -11.72 -39.01 -2.09
C HIS D 17 -13.19 -38.64 -1.84
N ARG D 18 -13.66 -38.92 -0.63
CA ARG D 18 -14.99 -38.49 -0.20
C ARG D 18 -15.13 -36.96 -0.24
N ARG D 19 -14.11 -36.28 0.26
CA ARG D 19 -14.10 -34.81 0.26
C ARG D 19 -14.04 -34.23 -1.15
N LEU D 20 -13.18 -34.81 -1.98
CA LEU D 20 -13.04 -34.35 -3.36
C LEU D 20 -14.37 -34.46 -4.10
N ASP D 21 -15.01 -35.61 -3.94
CA ASP D 21 -16.31 -35.85 -4.58
C ASP D 21 -17.38 -34.85 -4.14
N ALA D 22 -17.25 -34.34 -2.90
CA ALA D 22 -18.29 -33.47 -2.35
C ALA D 22 -17.95 -31.99 -2.47
N THR D 23 -16.90 -31.68 -3.23
CA THR D 23 -16.43 -30.29 -3.37
C THR D 23 -17.56 -29.36 -3.78
N ARG D 24 -17.72 -28.27 -3.04
CA ARG D 24 -18.63 -27.22 -3.45
C ARG D 24 -17.77 -26.12 -4.09
N TRP D 25 -17.97 -25.90 -5.38
CA TRP D 25 -17.17 -24.95 -6.14
C TRP D 25 -17.74 -23.54 -6.05
N PRO D 26 -16.85 -22.53 -6.05
CA PRO D 26 -17.30 -21.14 -6.04
C PRO D 26 -17.67 -20.65 -7.42
N SER D 27 -18.33 -19.50 -7.46
CA SER D 27 -18.49 -18.71 -8.67
C SER D 27 -17.16 -18.18 -9.14
N GLU D 28 -17.16 -17.63 -10.35
CA GLU D 28 -15.97 -16.96 -10.87
CA GLU D 28 -15.97 -16.95 -10.87
C GLU D 28 -16.37 -15.73 -11.67
N ILE D 29 -15.49 -14.74 -11.74
CA ILE D 29 -15.73 -13.61 -12.62
C ILE D 29 -15.00 -13.92 -13.92
N PRO D 30 -15.76 -14.05 -15.02
CA PRO D 30 -15.18 -14.42 -16.33
C PRO D 30 -14.18 -13.39 -16.86
N GLY D 31 -13.20 -13.87 -17.63
CA GLY D 31 -12.26 -12.99 -18.33
C GLY D 31 -11.12 -12.45 -17.49
N THR D 32 -10.87 -13.04 -16.33
CA THR D 32 -9.80 -12.54 -15.46
C THR D 32 -8.54 -13.43 -15.44
N GLY D 33 -8.58 -14.58 -16.11
CA GLY D 33 -7.40 -15.44 -16.20
C GLY D 33 -6.88 -15.87 -14.84
N TRP D 34 -5.58 -15.75 -14.63
CA TRP D 34 -4.96 -16.09 -13.34
C TRP D 34 -4.81 -14.85 -12.43
N SER D 35 -5.27 -13.68 -12.90
CA SER D 35 -4.95 -12.41 -12.23
C SER D 35 -5.48 -12.32 -10.80
N ARG D 36 -6.57 -13.03 -10.50
CA ARG D 36 -7.13 -12.96 -9.17
C ARG D 36 -7.00 -14.27 -8.40
N GLY D 37 -6.19 -15.18 -8.92
CA GLY D 37 -5.96 -16.45 -8.28
C GLY D 37 -6.23 -17.62 -9.20
N VAL D 38 -6.30 -18.83 -8.65
CA VAL D 38 -6.41 -20.03 -9.47
C VAL D 38 -7.74 -20.04 -10.21
N PRO D 39 -7.71 -20.13 -11.54
CA PRO D 39 -8.93 -20.14 -12.34
C PRO D 39 -9.75 -21.41 -12.12
N LEU D 40 -11.07 -21.23 -12.19
CA LEU D 40 -12.01 -22.32 -11.96
C LEU D 40 -11.82 -23.51 -12.91
N ASP D 41 -11.70 -23.25 -14.22
CA ASP D 41 -11.58 -24.34 -15.19
C ASP D 41 -10.32 -25.20 -14.97
N TYR D 42 -9.20 -24.55 -14.66
CA TYR D 42 -7.96 -25.29 -14.48
C TYR D 42 -8.04 -26.16 -13.23
N LEU D 43 -8.55 -25.61 -12.14
CA LEU D 43 -8.59 -26.34 -10.88
C LEU D 43 -9.53 -27.52 -10.99
N LYS D 44 -10.64 -27.35 -11.72
CA LYS D 44 -11.58 -28.45 -11.93
C LYS D 44 -10.89 -29.59 -12.70
N GLU D 45 -10.06 -29.24 -13.67
CA GLU D 45 -9.33 -30.25 -14.44
C GLU D 45 -8.34 -30.99 -13.58
N LEU D 46 -7.57 -30.24 -12.79
CA LEU D 46 -6.55 -30.83 -11.93
C LEU D 46 -7.20 -31.75 -10.88
N VAL D 47 -8.26 -31.26 -10.25
CA VAL D 47 -8.96 -32.03 -9.23
C VAL D 47 -9.53 -33.31 -9.85
N GLY D 48 -10.00 -33.21 -11.09
CA GLY D 48 -10.48 -34.38 -11.81
C GLY D 48 -9.42 -35.46 -11.96
N TYR D 49 -8.21 -35.04 -12.28
CA TYR D 49 -7.09 -35.97 -12.39
C TYR D 49 -6.69 -36.50 -11.01
N TRP D 50 -6.69 -35.62 -10.02
CA TRP D 50 -6.36 -35.98 -8.64
C TRP D 50 -7.28 -37.10 -8.15
N ARG D 51 -8.57 -36.97 -8.44
CA ARG D 51 -9.56 -37.93 -7.97
C ARG D 51 -9.52 -39.24 -8.75
N ASP D 52 -9.23 -39.15 -10.05
CA ASP D 52 -9.16 -40.33 -10.91
C ASP D 52 -8.00 -40.24 -11.91
N GLY D 53 -6.83 -40.72 -11.49
CA GLY D 53 -5.69 -40.73 -12.37
C GLY D 53 -4.42 -40.70 -11.55
N TYR D 54 -4.37 -39.77 -10.60
CA TYR D 54 -3.24 -39.64 -9.70
C TYR D 54 -3.09 -40.90 -8.84
N ASP D 55 -1.86 -41.37 -8.71
CA ASP D 55 -1.54 -42.62 -8.00
C ASP D 55 -0.64 -42.34 -6.79
N TRP D 56 -1.24 -42.14 -5.61
CA TRP D 56 -0.46 -41.82 -4.41
C TRP D 56 0.49 -42.96 -4.00
N ARG D 57 0.04 -44.19 -4.10
CA ARG D 57 0.86 -45.32 -3.69
C ARG D 57 2.18 -45.40 -4.46
N ALA D 58 2.16 -44.98 -5.72
CA ALA D 58 3.39 -45.03 -6.51
C ALA D 58 4.32 -43.90 -6.07
N ALA D 59 3.74 -42.76 -5.69
CA ALA D 59 4.52 -41.66 -5.15
C ALA D 59 5.10 -42.07 -3.81
N GLU D 60 4.27 -42.72 -3.01
CA GLU D 60 4.69 -43.22 -1.69
C GLU D 60 5.87 -44.14 -1.82
N ASP D 61 5.80 -45.03 -2.81
CA ASP D 61 6.88 -45.97 -3.14
C ASP D 61 8.16 -45.26 -3.54
N ARG D 62 8.06 -44.28 -4.42
CA ARG D 62 9.25 -43.55 -4.84
C ARG D 62 9.92 -42.84 -3.66
N LEU D 63 9.12 -42.17 -2.84
CA LEU D 63 9.63 -41.50 -1.65
C LEU D 63 10.33 -42.48 -0.71
N ASN D 64 9.73 -43.66 -0.56
CA ASN D 64 10.28 -44.65 0.35
C ASN D 64 11.55 -45.33 -0.16
N THR D 65 11.97 -45.01 -1.39
CA THR D 65 13.25 -45.54 -1.85
C THR D 65 14.39 -44.71 -1.29
N VAL D 66 14.04 -43.56 -0.71
CA VAL D 66 15.02 -42.69 -0.05
C VAL D 66 15.05 -42.99 1.43
N PRO D 67 16.25 -43.30 1.98
CA PRO D 67 16.39 -43.55 3.41
C PRO D 67 15.89 -42.38 4.24
N GLN D 68 14.93 -42.63 5.13
CA GLN D 68 14.32 -41.59 5.94
C GLN D 68 14.40 -41.92 7.42
N PHE D 69 14.43 -40.89 8.25
CA PHE D 69 14.59 -41.04 9.68
C PHE D 69 13.81 -39.98 10.44
N THR D 70 13.53 -40.23 11.72
CA THR D 70 13.00 -39.20 12.60
C THR D 70 13.84 -39.15 13.87
N THR D 71 13.93 -37.97 14.47
CA THR D 71 14.62 -37.83 15.75
C THR D 71 14.01 -36.64 16.47
N GLU D 72 14.19 -36.57 17.79
CA GLU D 72 13.67 -35.43 18.53
C GLU D 72 14.79 -34.43 18.84
N ILE D 73 14.56 -33.18 18.44
CA ILE D 73 15.50 -32.11 18.71
C ILE D 73 14.78 -30.92 19.34
N ASP D 74 15.23 -30.53 20.53
CA ASP D 74 14.71 -29.32 21.17
C ASP D 74 13.19 -29.38 21.33
N GLY D 75 12.69 -30.59 21.60
CA GLY D 75 11.29 -30.82 21.92
C GLY D 75 10.34 -31.06 20.76
N THR D 76 10.85 -31.13 19.53
CA THR D 76 9.96 -31.39 18.40
C THR D 76 10.49 -32.49 17.50
N ASN D 77 9.58 -33.14 16.80
CA ASN D 77 9.95 -34.20 15.85
C ASN D 77 10.58 -33.61 14.60
N VAL D 78 11.74 -34.13 14.23
CA VAL D 78 12.39 -33.76 12.99
C VAL D 78 12.53 -34.95 12.06
N HIS D 79 11.86 -34.88 10.92
CA HIS D 79 11.95 -35.92 9.91
C HIS D 79 13.02 -35.51 8.89
N PHE D 80 13.83 -36.47 8.44
CA PHE D 80 14.85 -36.16 7.45
C PHE D 80 15.25 -37.34 6.58
N HIS D 82 18.44 -39.04 4.57
CA HIS D 82 19.89 -39.08 4.61
C HIS D 82 20.38 -40.04 3.52
N ILE D 83 21.06 -39.50 2.52
CA ILE D 83 21.58 -40.32 1.43
C ILE D 83 23.10 -40.20 1.34
N ARG D 84 23.79 -41.26 1.75
CA ARG D 84 25.23 -41.33 1.68
C ARG D 84 25.70 -41.51 0.24
N SER D 85 26.80 -40.85 -0.10
CA SER D 85 27.44 -41.01 -1.40
C SER D 85 28.28 -42.28 -1.45
N ALA D 86 28.48 -42.80 -2.66
CA ALA D 86 29.41 -43.90 -2.86
C ALA D 86 30.86 -43.40 -2.73
N GLU D 87 31.10 -42.18 -3.22
CA GLU D 87 32.41 -41.55 -3.06
C GLU D 87 32.56 -41.13 -1.61
N PRO D 88 33.49 -41.76 -0.89
CA PRO D 88 33.63 -41.59 0.57
C PRO D 88 33.91 -40.15 1.00
N ASP D 89 34.78 -39.45 0.27
CA ASP D 89 35.14 -38.07 0.60
C ASP D 89 34.16 -37.03 0.06
N ALA D 90 32.89 -37.42 -0.07
CA ALA D 90 31.88 -36.50 -0.55
C ALA D 90 31.70 -35.33 0.41
N LEU D 91 31.20 -34.22 -0.11
CA LEU D 91 30.89 -33.07 0.72
C LEU D 91 29.51 -33.24 1.35
N PRO D 92 29.43 -33.21 2.69
CA PRO D 92 28.11 -33.27 3.33
C PRO D 92 27.36 -31.97 3.10
N ILE D 94 23.45 -30.04 3.78
CA ILE D 94 22.06 -30.08 4.24
C ILE D 94 21.26 -29.15 3.33
N ILE D 95 20.26 -29.73 2.67
CA ILE D 95 19.42 -29.01 1.71
C ILE D 95 18.03 -28.75 2.27
N THR D 96 17.58 -27.51 2.23
CA THR D 96 16.30 -27.20 2.85
C THR D 96 15.25 -26.60 1.99
N HIS D 97 14.08 -27.21 2.02
CA HIS D 97 12.94 -26.70 1.26
C HIS D 97 12.34 -25.50 1.97
N GLY D 98 11.43 -24.82 1.28
CA GLY D 98 10.66 -23.75 1.88
C GLY D 98 9.16 -24.00 1.80
N TRP D 99 8.41 -22.91 1.71
CA TRP D 99 6.95 -22.96 1.60
C TRP D 99 6.55 -22.48 0.20
N PRO D 100 5.58 -23.14 -0.45
CA PRO D 100 4.81 -24.34 -0.06
C PRO D 100 5.38 -25.61 -0.67
N GLY D 101 6.67 -25.83 -0.42
CA GLY D 101 7.35 -26.99 -0.98
C GLY D 101 7.54 -28.08 0.06
N SER D 102 8.47 -29.00 -0.20
CA SER D 102 8.66 -30.16 0.65
C SER D 102 9.89 -30.95 0.20
N VAL D 103 10.26 -31.97 0.96
CA VAL D 103 11.41 -32.77 0.61
C VAL D 103 11.21 -33.52 -0.72
N ALA D 104 9.96 -33.62 -1.18
CA ALA D 104 9.69 -34.29 -2.45
C ALA D 104 10.21 -33.49 -3.65
N GLU D 105 10.52 -32.21 -3.42
CA GLU D 105 11.11 -31.36 -4.45
C GLU D 105 12.43 -31.93 -5.00
N PHE D 106 13.14 -32.70 -4.19
CA PHE D 106 14.52 -33.03 -4.51
C PHE D 106 14.75 -34.47 -5.00
N LEU D 107 13.67 -35.18 -5.26
CA LEU D 107 13.79 -36.59 -5.66
C LEU D 107 14.70 -36.80 -6.88
N ASP D 108 14.62 -35.91 -7.86
CA ASP D 108 15.33 -36.12 -9.13
C ASP D 108 16.78 -35.63 -9.13
N VAL D 109 17.21 -34.95 -8.07
CA VAL D 109 18.60 -34.52 -7.97
C VAL D 109 19.42 -35.36 -6.97
N ILE D 110 18.74 -36.22 -6.21
CA ILE D 110 19.40 -37.04 -5.19
C ILE D 110 20.49 -37.93 -5.77
N ASP D 111 20.12 -38.76 -6.74
CA ASP D 111 21.07 -39.70 -7.34
C ASP D 111 22.26 -38.99 -8.06
N PRO D 112 21.98 -37.96 -8.89
CA PRO D 112 23.12 -37.29 -9.54
C PRO D 112 24.06 -36.62 -8.54
N LEU D 113 23.52 -36.11 -7.44
CA LEU D 113 24.35 -35.43 -6.45
C LEU D 113 25.21 -36.41 -5.68
N THR D 114 24.63 -37.55 -5.30
CA THR D 114 25.32 -38.51 -4.44
C THR D 114 26.14 -39.53 -5.22
N ASN D 115 25.80 -39.71 -6.49
CA ASN D 115 26.53 -40.66 -7.32
C ASN D 115 26.90 -40.03 -8.66
N PRO D 116 27.77 -39.00 -8.62
CA PRO D 116 28.15 -38.27 -9.84
C PRO D 116 28.73 -39.18 -10.91
N ARG D 117 29.50 -40.18 -10.50
CA ARG D 117 30.18 -41.09 -11.42
C ARG D 117 29.21 -41.68 -12.45
N ALA D 118 28.02 -42.07 -11.99
CA ALA D 118 27.04 -42.70 -12.86
C ALA D 118 26.05 -41.71 -13.46
N HIS D 119 26.37 -40.42 -13.36
CA HIS D 119 25.47 -39.38 -13.87
C HIS D 119 26.20 -38.23 -14.53
N GLY D 120 27.23 -38.55 -15.32
CA GLY D 120 28.00 -37.55 -16.04
C GLY D 120 28.76 -36.60 -15.13
N GLY D 121 29.02 -37.05 -13.91
CA GLY D 121 29.70 -36.22 -12.94
C GLY D 121 31.10 -36.67 -12.59
N ASP D 122 31.87 -35.73 -12.06
CA ASP D 122 33.21 -36.00 -11.55
C ASP D 122 33.08 -36.54 -10.13
N PRO D 123 33.71 -37.68 -9.84
CA PRO D 123 33.69 -38.29 -8.50
C PRO D 123 34.00 -37.31 -7.37
N ALA D 124 34.91 -36.36 -7.62
CA ALA D 124 35.24 -35.34 -6.63
C ALA D 124 34.09 -34.35 -6.40
N ASP D 125 33.08 -34.40 -7.25
CA ASP D 125 31.95 -33.48 -7.12
C ASP D 125 30.77 -34.13 -6.40
N ALA D 126 31.05 -35.17 -5.62
CA ALA D 126 30.01 -35.93 -4.93
C ALA D 126 29.56 -35.26 -3.63
N PHE D 127 28.30 -35.48 -3.26
CA PHE D 127 27.76 -34.98 -2.01
C PHE D 127 27.20 -36.09 -1.13
N HIS D 128 27.30 -35.92 0.18
CA HIS D 128 26.44 -36.65 1.11
C HIS D 128 25.26 -35.72 1.39
N LEU D 129 24.04 -36.22 1.25
CA LEU D 129 22.87 -35.33 1.36
C LEU D 129 22.06 -35.58 2.63
N VAL D 130 21.74 -34.49 3.31
CA VAL D 130 20.79 -34.50 4.41
C VAL D 130 19.63 -33.58 4.05
N ILE D 131 18.43 -34.13 3.96
CA ILE D 131 17.29 -33.34 3.50
C ILE D 131 16.14 -33.37 4.51
N PRO D 132 16.12 -32.39 5.44
CA PRO D 132 15.17 -32.41 6.54
C PRO D 132 13.84 -31.75 6.22
N SER D 133 12.76 -32.23 6.84
CA SER D 133 11.47 -31.53 6.76
C SER D 133 11.45 -30.43 7.81
N LEU D 134 11.20 -29.19 7.39
CA LEU D 134 11.11 -28.07 8.33
C LEU D 134 10.16 -28.38 9.47
N PRO D 135 10.52 -27.93 10.69
CA PRO D 135 9.60 -28.11 11.82
C PRO D 135 8.26 -27.50 11.44
N GLY D 136 7.17 -28.23 11.67
CA GLY D 136 5.85 -27.75 11.30
C GLY D 136 5.44 -28.13 9.88
N PHE D 137 6.36 -28.71 9.12
CA PHE D 137 6.10 -29.09 7.73
C PHE D 137 6.13 -30.58 7.55
N GLY D 138 5.33 -31.07 6.60
CA GLY D 138 5.37 -32.44 6.15
C GLY D 138 5.45 -33.48 7.25
N PHE D 139 6.42 -34.39 7.12
CA PHE D 139 6.49 -35.51 8.04
C PHE D 139 7.24 -35.16 9.32
N SER D 140 7.83 -33.98 9.39
CA SER D 140 8.28 -33.45 10.68
C SER D 140 7.03 -33.16 11.53
N GLY D 141 6.03 -32.55 10.90
CA GLY D 141 4.76 -32.34 11.58
C GLY D 141 4.77 -31.15 12.51
N PRO D 142 3.61 -30.85 13.12
CA PRO D 142 3.41 -29.64 13.93
C PRO D 142 4.40 -29.50 15.10
N THR D 143 4.85 -28.28 15.37
CA THR D 143 5.67 -28.03 16.56
C THR D 143 4.73 -27.92 17.75
N PRO D 144 5.21 -28.23 18.97
CA PRO D 144 4.34 -28.21 20.14
C PRO D 144 4.28 -26.88 20.89
N GLU D 145 5.10 -25.90 20.51
CA GLU D 145 5.22 -24.68 21.28
C GLU D 145 5.69 -23.50 20.45
N PRO D 146 5.47 -22.27 20.96
CA PRO D 146 5.97 -21.08 20.25
C PRO D 146 7.50 -21.04 20.16
N GLY D 147 8.03 -20.20 19.29
CA GLY D 147 9.45 -19.88 19.28
C GLY D 147 10.27 -20.51 18.18
N TRP D 148 9.65 -21.29 17.30
CA TRP D 148 10.40 -21.92 16.22
C TRP D 148 10.57 -20.94 15.05
N ASN D 149 11.53 -20.03 15.23
CA ASN D 149 11.89 -19.05 14.23
C ASN D 149 13.18 -19.50 13.54
N LEU D 150 13.84 -18.59 12.83
CA LEU D 150 15.01 -19.00 12.05
C LEU D 150 16.18 -19.48 12.91
N PRO D 151 16.57 -18.72 13.95
CA PRO D 151 17.69 -19.24 14.72
C PRO D 151 17.38 -20.58 15.39
N ARG D 152 16.15 -20.79 15.82
CA ARG D 152 15.82 -22.06 16.48
C ARG D 152 15.84 -23.22 15.51
N VAL D 153 15.30 -23.04 14.31
CA VAL D 153 15.44 -24.04 13.26
C VAL D 153 16.91 -24.30 12.94
N ALA D 154 17.68 -23.22 12.80
CA ALA D 154 19.12 -23.36 12.53
C ALA D 154 19.84 -24.16 13.62
N SER D 155 19.49 -23.89 14.88
CA SER D 155 20.10 -24.62 15.98
C SER D 155 19.76 -26.10 15.91
N ALA D 156 18.53 -26.41 15.53
CA ALA D 156 18.09 -27.79 15.40
C ALA D 156 18.86 -28.53 14.31
N TRP D 157 19.15 -27.84 13.21
CA TRP D 157 19.88 -28.48 12.13
C TRP D 157 21.34 -28.71 12.46
N ALA D 158 21.93 -27.73 13.14
CA ALA D 158 23.30 -27.86 13.61
C ALA D 158 23.40 -29.10 14.49
N GLU D 159 22.36 -29.33 15.27
CA GLU D 159 22.29 -30.48 16.16
C GLU D 159 22.10 -31.78 15.37
N LEU D 160 21.25 -31.73 14.34
CA LEU D 160 21.08 -32.86 13.45
C LEU D 160 22.40 -33.27 12.81
N ARG D 162 25.42 -32.62 13.86
CA ARG D 162 26.29 -33.12 14.92
C ARG D 162 25.96 -34.59 15.20
N ARG D 163 24.68 -34.90 15.33
CA ARG D 163 24.26 -36.27 15.59
C ARG D 163 24.64 -37.21 14.44
N LEU D 164 24.68 -36.68 13.22
CA LEU D 164 25.03 -37.48 12.06
C LEU D 164 26.54 -37.65 11.91
N GLY D 165 27.30 -36.89 12.71
CA GLY D 165 28.76 -37.01 12.72
C GLY D 165 29.44 -36.07 11.73
N TYR D 166 28.69 -35.09 11.24
CA TYR D 166 29.18 -34.17 10.21
C TYR D 166 29.77 -32.92 10.83
N SER D 167 31.09 -32.86 10.93
CA SER D 167 31.77 -31.76 11.58
C SER D 167 32.13 -30.65 10.60
N ARG D 168 32.00 -30.95 9.31
CA ARG D 168 32.22 -29.95 8.26
C ARG D 168 31.18 -30.16 7.16
N TYR D 169 30.28 -29.22 7.00
CA TYR D 169 29.23 -29.39 6.03
C TYR D 169 28.85 -28.09 5.33
N ALA D 170 28.26 -28.23 4.14
CA ALA D 170 27.72 -27.10 3.41
C ALA D 170 26.21 -27.05 3.63
N VAL D 171 25.61 -25.89 3.35
CA VAL D 171 24.17 -25.68 3.50
C VAL D 171 23.60 -25.14 2.19
N GLN D 172 22.37 -25.56 1.85
CA GLN D 172 21.76 -25.16 0.60
C GLN D 172 20.29 -24.90 0.81
N GLY D 173 19.75 -23.87 0.16
CA GLY D 173 18.32 -23.63 0.24
C GLY D 173 17.76 -22.65 -0.78
N GLY D 174 16.47 -22.78 -1.02
CA GLY D 174 15.69 -21.79 -1.76
C GLY D 174 14.58 -21.35 -0.83
N ASP D 175 13.88 -20.26 -1.14
CA ASP D 175 12.74 -19.79 -0.33
C ASP D 175 13.17 -19.65 1.13
N LEU D 176 12.29 -20.01 2.07
CA LEU D 176 12.62 -20.01 3.50
C LEU D 176 13.82 -20.89 3.84
N GLY D 177 14.09 -21.88 2.98
CA GLY D 177 15.26 -22.72 3.16
C GLY D 177 16.57 -21.95 2.95
N ALA D 178 16.55 -20.98 2.05
CA ALA D 178 17.69 -20.09 1.85
C ALA D 178 17.95 -19.26 3.11
N TRP D 179 16.88 -18.75 3.70
CA TRP D 179 16.98 -17.94 4.91
CA TRP D 179 17.01 -17.92 4.89
C TRP D 179 17.51 -18.75 6.07
N THR D 180 17.02 -19.97 6.17
CA THR D 180 17.47 -20.85 7.23
C THR D 180 18.94 -21.18 7.04
N SER D 181 19.34 -21.42 5.79
CA SER D 181 20.74 -21.75 5.47
C SER D 181 21.67 -20.60 5.85
N LEU D 182 21.31 -19.38 5.48
CA LEU D 182 22.12 -18.21 5.82
C LEU D 182 22.23 -18.04 7.33
N THR D 183 21.11 -18.25 8.02
CA THR D 183 21.08 -18.16 9.47
C THR D 183 22.00 -19.22 10.08
N LEU D 184 21.91 -20.43 9.56
CA LEU D 184 22.74 -21.56 10.00
C LEU D 184 24.24 -21.26 9.78
N SER D 185 24.55 -20.53 8.71
CA SER D 185 25.91 -20.07 8.43
C SER D 185 26.54 -19.36 9.63
N GLY D 186 25.73 -18.57 10.34
CA GLY D 186 26.21 -17.83 11.49
C GLY D 186 26.09 -18.60 12.79
N VAL D 187 24.96 -19.28 12.98
CA VAL D 187 24.71 -20.06 14.19
C VAL D 187 25.76 -21.15 14.40
N ASP D 188 26.08 -21.87 13.33
CA ASP D 188 27.04 -22.96 13.43
C ASP D 188 28.27 -22.67 12.57
N HIS D 189 28.81 -21.47 12.71
CA HIS D 189 29.89 -21.00 11.85
C HIS D 189 31.16 -21.85 11.97
N GLU D 190 31.28 -22.58 13.07
CA GLU D 190 32.45 -23.43 13.29
C GLU D 190 32.41 -24.71 12.46
N HIS D 191 31.23 -25.09 11.98
CA HIS D 191 31.12 -26.34 11.22
C HIS D 191 30.65 -26.15 9.78
N VAL D 192 30.04 -25.02 9.48
CA VAL D 192 29.60 -24.75 8.11
C VAL D 192 30.74 -24.23 7.24
N VAL D 193 31.02 -24.93 6.14
CA VAL D 193 32.16 -24.60 5.30
C VAL D 193 31.76 -23.83 4.04
N GLY D 194 30.46 -23.71 3.81
CA GLY D 194 29.98 -23.04 2.62
C GLY D 194 28.47 -23.00 2.52
N THR D 195 27.97 -21.94 1.90
CA THR D 195 26.53 -21.71 1.79
C THR D 195 26.15 -21.48 0.35
N HIS D 196 25.12 -22.16 -0.12
CA HIS D 196 24.60 -21.93 -1.44
C HIS D 196 23.11 -21.66 -1.37
N VAL D 197 22.68 -20.53 -1.92
CA VAL D 197 21.26 -20.24 -1.99
C VAL D 197 20.85 -20.04 -3.44
N ASN D 198 19.67 -20.54 -3.81
CA ASN D 198 19.11 -20.26 -5.13
C ASN D 198 17.96 -19.27 -4.99
N PHE D 199 18.01 -18.50 -3.91
CA PHE D 199 17.02 -17.45 -3.66
C PHE D 199 17.67 -16.39 -2.79
N LEU D 200 17.72 -15.15 -3.28
CA LEU D 200 18.37 -14.10 -2.51
C LEU D 200 17.67 -12.76 -2.75
N ILE D 201 17.17 -12.18 -1.66
CA ILE D 201 16.56 -10.86 -1.67
C ILE D 201 17.60 -9.81 -1.33
N THR D 202 17.65 -8.73 -2.11
CA THR D 202 18.47 -7.58 -1.75
C THR D 202 17.65 -6.29 -1.78
N PRO D 203 16.98 -5.96 -0.67
CA PRO D 203 16.22 -4.70 -0.67
C PRO D 203 17.12 -3.48 -0.74
N PRO D 204 16.63 -2.39 -1.34
CA PRO D 204 17.39 -1.15 -1.33
C PRO D 204 17.37 -0.53 0.07
N SER D 205 18.33 0.32 0.38
CA SER D 205 18.39 0.96 1.70
C SER D 205 17.34 2.05 1.81
N GLY D 206 16.78 2.44 0.68
CA GLY D 206 15.81 3.54 0.64
C GLY D 206 16.52 4.83 0.31
N ASP D 207 17.83 4.84 0.52
CA ASP D 207 18.67 5.98 0.18
C ASP D 207 18.92 6.02 -1.33
N PRO D 208 18.47 7.10 -1.99
CA PRO D 208 18.60 7.31 -3.44
C PRO D 208 20.01 7.01 -3.97
N ALA D 209 21.02 7.38 -3.19
CA ALA D 209 22.42 7.27 -3.61
C ALA D 209 22.81 5.85 -4.05
N ASP D 210 22.28 4.83 -3.37
CA ASP D 210 22.63 3.45 -3.68
C ASP D 210 22.01 2.97 -4.99
N LEU D 211 21.08 3.75 -5.54
CA LEU D 211 20.47 3.40 -6.83
C LEU D 211 21.28 3.91 -8.02
N ALA D 212 22.10 4.93 -7.79
CA ALA D 212 22.91 5.52 -8.85
C ALA D 212 23.81 4.48 -9.52
N GLY D 213 23.79 4.46 -10.85
CA GLY D 213 24.67 3.57 -11.60
C GLY D 213 24.05 2.22 -11.90
N LEU D 214 22.90 1.93 -11.29
CA LEU D 214 22.21 0.68 -11.56
C LEU D 214 21.62 0.69 -12.98
N GLY D 215 21.77 -0.43 -13.68
CA GLY D 215 21.15 -0.59 -14.98
C GLY D 215 19.70 -1.06 -14.90
N GLU D 216 19.06 -1.12 -16.05
CA GLU D 216 17.66 -1.50 -16.16
C GLU D 216 17.35 -2.86 -15.50
N GLN D 217 18.21 -3.84 -15.70
CA GLN D 217 17.93 -5.18 -15.17
C GLN D 217 17.91 -5.17 -13.64
N ASP D 218 18.85 -4.45 -13.03
CA ASP D 218 18.87 -4.39 -11.57
C ASP D 218 17.72 -3.54 -11.02
N LEU D 219 17.39 -2.45 -11.70
CA LEU D 219 16.23 -1.67 -11.30
C LEU D 219 14.94 -2.49 -11.40
N ALA D 220 14.86 -3.35 -12.42
CA ALA D 220 13.74 -4.25 -12.58
C ALA D 220 13.69 -5.27 -11.45
N ARG D 221 14.85 -5.68 -10.93
CA ARG D 221 14.86 -6.64 -9.83
C ARG D 221 14.35 -5.98 -8.56
N LEU D 222 14.69 -4.71 -8.36
CA LEU D 222 14.17 -3.98 -7.21
C LEU D 222 12.67 -3.76 -7.34
N GLN D 223 12.21 -3.55 -8.57
CA GLN D 223 10.78 -3.38 -8.84
C GLN D 223 10.01 -4.67 -8.57
N LEU D 224 10.65 -5.79 -8.88
CA LEU D 224 10.11 -7.11 -8.60
C LEU D 224 9.75 -7.23 -7.11
N LEU D 225 10.62 -6.72 -6.25
CA LEU D 225 10.38 -6.73 -4.81
C LEU D 225 9.15 -5.91 -4.43
N ALA D 226 9.08 -4.70 -4.97
CA ALA D 226 7.94 -3.82 -4.75
C ALA D 226 6.64 -4.43 -5.28
N GLU D 227 6.75 -5.11 -6.41
CA GLU D 227 5.62 -5.77 -7.04
C GLU D 227 5.14 -6.92 -6.16
N PHE D 228 6.09 -7.68 -5.61
CA PHE D 228 5.76 -8.74 -4.69
C PHE D 228 5.06 -8.18 -3.45
N GLY D 229 5.61 -7.12 -2.87
CA GLY D 229 5.00 -6.53 -1.69
C GLY D 229 3.57 -6.08 -1.92
N ALA D 230 3.34 -5.51 -3.09
CA ALA D 230 2.06 -4.90 -3.42
C ALA D 230 1.00 -5.94 -3.80
N GLU D 231 1.39 -6.91 -4.62
CA GLU D 231 0.40 -7.79 -5.23
C GLU D 231 0.56 -9.28 -4.90
N GLY D 232 1.76 -9.70 -4.52
CA GLY D 232 2.00 -11.12 -4.35
C GLY D 232 2.12 -11.64 -2.94
N SER D 233 1.97 -10.75 -1.95
CA SER D 233 2.28 -11.09 -0.58
C SER D 233 1.07 -11.42 0.30
N GLY D 234 -0.11 -11.57 -0.32
CA GLY D 234 -1.32 -11.87 0.42
C GLY D 234 -1.15 -13.11 1.29
N TYR D 235 -0.61 -14.19 0.70
CA TYR D 235 -0.46 -15.45 1.44
C TYR D 235 0.44 -15.24 2.65
N LYS D 237 1.08 -12.28 4.25
CA LYS D 237 0.53 -11.39 5.26
C LYS D 237 -0.47 -12.16 6.17
N ILE D 238 -1.30 -13.01 5.58
CA ILE D 238 -2.27 -13.73 6.41
C ILE D 238 -1.57 -14.85 7.21
N GLN D 239 -0.60 -15.54 6.63
CA GLN D 239 0.07 -16.58 7.40
C GLN D 239 0.96 -16.01 8.51
N SER D 240 1.46 -14.78 8.32
CA SER D 240 2.36 -14.21 9.31
C SER D 240 1.62 -13.56 10.48
N THR D 241 0.29 -13.46 10.36
CA THR D 241 -0.51 -12.78 11.39
C THR D 241 -1.61 -13.64 11.99
N ARG D 242 -2.39 -14.33 11.16
CA ARG D 242 -3.47 -15.17 11.69
C ARG D 242 -3.44 -16.58 11.09
N PRO D 243 -2.31 -17.31 11.26
CA PRO D 243 -2.19 -18.62 10.61
C PRO D 243 -3.27 -19.61 11.08
N GLN D 244 -3.70 -19.51 12.33
CA GLN D 244 -4.65 -20.49 12.86
C GLN D 244 -6.04 -20.31 12.22
N THR D 245 -6.44 -19.07 11.96
CA THR D 245 -7.71 -18.81 11.29
C THR D 245 -7.75 -19.45 9.92
N LEU D 246 -6.69 -19.21 9.15
CA LEU D 246 -6.54 -19.84 7.84
C LEU D 246 -6.54 -21.38 7.91
N SER D 247 -5.92 -21.93 8.95
CA SER D 247 -5.70 -23.36 9.00
C SER D 247 -7.01 -24.17 8.91
N TYR D 248 -8.11 -23.62 9.42
CA TYR D 248 -9.35 -24.40 9.46
C TYR D 248 -9.83 -24.73 8.05
N SER D 249 -9.80 -23.75 7.15
CA SER D 249 -10.25 -23.98 5.80
CA SER D 249 -10.18 -23.91 5.75
C SER D 249 -9.31 -24.92 5.03
N LEU D 250 -8.00 -24.73 5.17
CA LEU D 250 -7.04 -25.54 4.41
C LEU D 250 -6.93 -26.98 4.91
N THR D 251 -7.19 -27.18 6.18
CA THR D 251 -7.14 -28.51 6.77
C THR D 251 -8.42 -29.31 6.47
N ASP D 252 -9.53 -28.62 6.33
CA ASP D 252 -10.83 -29.29 6.11
C ASP D 252 -11.09 -29.54 4.62
N SER D 253 -10.56 -28.66 3.75
CA SER D 253 -10.91 -28.68 2.33
C SER D 253 -9.73 -29.04 1.40
N PRO D 254 -9.77 -30.23 0.78
CA PRO D 254 -8.62 -30.53 -0.10
C PRO D 254 -8.53 -29.62 -1.33
N VAL D 255 -9.65 -29.22 -1.93
CA VAL D 255 -9.56 -28.34 -3.10
C VAL D 255 -9.04 -26.96 -2.66
N GLY D 256 -9.40 -26.54 -1.46
CA GLY D 256 -8.87 -25.32 -0.90
C GLY D 256 -7.37 -25.43 -0.65
N GLN D 257 -6.94 -26.56 -0.07
CA GLN D 257 -5.51 -26.81 0.14
C GLN D 257 -4.73 -26.80 -1.18
N LEU D 258 -5.33 -27.38 -2.20
CA LEU D 258 -4.67 -27.49 -3.50
C LEU D 258 -4.52 -26.11 -4.15
N ALA D 259 -5.60 -25.33 -4.15
CA ALA D 259 -5.57 -23.98 -4.74
C ALA D 259 -4.51 -23.12 -4.08
N TRP D 260 -4.52 -23.12 -2.75
CA TRP D 260 -3.61 -22.32 -1.93
C TRP D 260 -2.14 -22.57 -2.34
N VAL D 261 -1.79 -23.84 -2.58
CA VAL D 261 -0.42 -24.20 -2.90
C VAL D 261 -0.10 -24.10 -4.40
N VAL D 262 -1.01 -24.57 -5.25
CA VAL D 262 -0.68 -24.66 -6.66
C VAL D 262 -0.59 -23.27 -7.29
N GLU D 263 -1.25 -22.27 -6.71
CA GLU D 263 -1.16 -20.91 -7.23
C GLU D 263 0.31 -20.46 -7.30
N LYS D 264 1.11 -20.87 -6.32
CA LYS D 264 2.50 -20.41 -6.24
C LYS D 264 3.39 -21.13 -7.23
N PHE D 265 2.99 -22.33 -7.65
CA PHE D 265 3.73 -23.01 -8.70
C PHE D 265 3.48 -22.35 -10.04
N GLU D 267 2.69 -18.94 -10.30
CA GLU D 267 3.24 -17.57 -10.25
C GLU D 267 4.74 -17.53 -10.06
N TRP D 268 5.30 -18.51 -9.36
CA TRP D 268 6.74 -18.49 -9.09
C TRP D 268 7.55 -19.44 -9.96
N GLY D 269 6.88 -20.31 -10.72
CA GLY D 269 7.59 -21.23 -11.61
C GLY D 269 7.84 -20.60 -12.98
N ASP D 270 8.70 -21.23 -13.77
CA ASP D 270 8.93 -20.77 -15.15
C ASP D 270 7.77 -21.22 -16.03
N THR D 271 6.68 -20.46 -16.00
CA THR D 271 5.42 -20.86 -16.61
C THR D 271 4.88 -19.85 -17.61
N ASP D 272 3.84 -20.24 -18.34
CA ASP D 272 3.18 -19.32 -19.26
C ASP D 272 1.67 -19.42 -19.23
N LYS D 273 1.14 -20.65 -19.25
CA LYS D 273 -0.31 -20.88 -19.28
C LYS D 273 -0.79 -21.72 -18.10
N SER D 274 0.13 -22.47 -17.49
CA SER D 274 -0.24 -23.46 -16.48
C SER D 274 0.95 -23.81 -15.59
N PRO D 275 0.69 -24.19 -14.33
CA PRO D 275 1.82 -24.61 -13.48
C PRO D 275 2.49 -25.89 -14.00
N GLU D 276 1.77 -26.67 -14.81
CA GLU D 276 2.33 -27.88 -15.43
C GLU D 276 3.34 -27.55 -16.55
N ASP D 277 3.42 -26.28 -16.96
CA ASP D 277 4.50 -25.86 -17.86
C ASP D 277 5.87 -26.12 -17.25
N ALA D 278 5.94 -26.05 -15.93
CA ALA D 278 7.19 -26.12 -15.20
C ALA D 278 7.31 -27.38 -14.35
N VAL D 279 6.17 -27.84 -13.82
CA VAL D 279 6.15 -29.00 -12.93
C VAL D 279 4.96 -29.92 -13.25
N ASP D 280 5.23 -31.16 -13.62
CA ASP D 280 4.15 -32.03 -14.07
C ASP D 280 3.12 -32.27 -12.95
N ARG D 281 1.92 -32.66 -13.32
CA ARG D 281 0.84 -32.69 -12.35
C ARG D 281 1.03 -33.75 -11.28
N ASP D 282 1.79 -34.80 -11.59
CA ASP D 282 2.04 -35.86 -10.61
C ASP D 282 2.90 -35.32 -9.46
N ARG D 283 3.99 -34.64 -9.81
CA ARG D 283 4.82 -33.97 -8.82
C ARG D 283 4.08 -32.85 -8.10
N LEU D 284 3.27 -32.07 -8.81
CA LEU D 284 2.47 -31.05 -8.17
C LEU D 284 1.58 -31.66 -7.08
N LEU D 285 0.94 -32.78 -7.40
CA LEU D 285 -0.02 -33.33 -6.45
C LEU D 285 0.69 -34.04 -5.29
N THR D 286 1.82 -34.67 -5.56
CA THR D 286 2.56 -35.34 -4.49
C THR D 286 2.97 -34.34 -3.41
N ASN D 287 3.43 -33.16 -3.83
CA ASN D 287 3.78 -32.10 -2.91
C ASN D 287 2.56 -31.62 -2.10
N VAL D 288 1.44 -31.41 -2.77
CA VAL D 288 0.19 -31.06 -2.07
C VAL D 288 -0.24 -32.18 -1.14
N ILE D 290 1.57 -34.16 0.49
CA ILE D 290 2.35 -34.08 1.71
C ILE D 290 1.71 -33.07 2.71
N TYR D 291 1.28 -31.90 2.24
CA TYR D 291 0.57 -30.97 3.12
C TYR D 291 -0.75 -31.53 3.61
N TRP D 292 -1.52 -32.08 2.68
CA TRP D 292 -2.85 -32.58 3.03
C TRP D 292 -2.80 -33.74 4.02
N LEU D 293 -1.99 -34.74 3.71
CA LEU D 293 -2.04 -35.98 4.49
C LEU D 293 -1.47 -35.79 5.87
N THR D 294 -0.48 -34.90 6.00
CA THR D 294 0.10 -34.63 7.30
C THR D 294 -0.67 -33.55 8.03
N ALA D 295 -1.63 -32.93 7.34
CA ALA D 295 -2.41 -31.81 7.89
C ALA D 295 -1.51 -30.71 8.43
N THR D 296 -0.54 -30.29 7.63
CA THR D 296 0.41 -29.29 8.09
C THR D 296 0.21 -27.93 7.42
N ALA D 297 -0.96 -27.69 6.84
CA ALA D 297 -1.24 -26.36 6.29
C ALA D 297 -1.15 -25.29 7.38
N GLY D 298 -1.75 -25.57 8.52
CA GLY D 298 -1.73 -24.65 9.63
C GLY D 298 -0.38 -24.52 10.29
N SER D 299 0.21 -25.65 10.66
CA SER D 299 1.50 -25.65 11.34
C SER D 299 2.62 -25.04 10.47
N SER D 300 2.55 -25.21 9.15
CA SER D 300 3.58 -24.60 8.29
C SER D 300 3.35 -23.10 8.23
N ALA D 301 2.10 -22.69 8.20
CA ALA D 301 1.78 -21.26 8.16
C ALA D 301 2.30 -20.56 9.42
N HIS D 302 2.27 -21.28 10.54
CA HIS D 302 2.73 -20.73 11.81
C HIS D 302 4.20 -20.32 11.74
N PHE D 303 5.00 -20.97 10.86
CA PHE D 303 6.41 -20.58 10.69
C PHE D 303 6.51 -19.10 10.31
N TYR D 304 5.62 -18.64 9.43
CA TYR D 304 5.60 -17.22 9.02
C TYR D 304 5.32 -16.29 10.19
N TYR D 305 4.43 -16.72 11.08
CA TYR D 305 4.14 -15.96 12.27
C TYR D 305 5.41 -15.82 13.12
N GLU D 306 6.15 -16.93 13.27
CA GLU D 306 7.35 -16.94 14.10
C GLU D 306 8.41 -15.99 13.56
N ILE D 307 8.45 -15.81 12.24
CA ILE D 307 9.51 -15.01 11.65
C ILE D 307 9.00 -13.69 11.07
N SER D 308 7.83 -13.26 11.52
CA SER D 308 7.17 -12.11 10.91
C SER D 308 8.04 -10.85 10.92
N ASP D 309 8.88 -10.71 11.94
CA ASP D 309 9.70 -9.50 12.10
C ASP D 309 10.79 -9.34 11.04
N VAL D 310 11.11 -10.40 10.31
CA VAL D 310 12.16 -10.31 9.29
C VAL D 310 11.65 -10.52 7.87
N LEU D 311 10.34 -10.71 7.70
CA LEU D 311 9.74 -10.87 6.38
C LEU D 311 9.67 -9.54 5.63
N PRO D 312 9.50 -9.60 4.30
CA PRO D 312 9.13 -8.38 3.56
C PRO D 312 7.81 -7.75 4.04
N THR D 313 6.88 -8.56 4.53
CA THR D 313 5.61 -8.01 5.06
C THR D 313 5.76 -7.41 6.46
N ALA D 314 7.00 -7.25 6.93
CA ALA D 314 7.22 -6.70 8.26
C ALA D 314 6.79 -5.23 8.32
N PRO D 315 6.20 -4.82 9.45
CA PRO D 315 5.76 -3.44 9.67
C PRO D 315 6.88 -2.44 9.39
N THR D 316 7.95 -2.55 10.16
CA THR D 316 9.15 -1.78 9.90
C THR D 316 10.27 -2.74 9.49
N PRO D 317 11.06 -2.35 8.49
CA PRO D 317 12.09 -3.25 7.95
C PRO D 317 13.14 -3.61 9.01
N PRO D 318 13.65 -4.85 8.95
CA PRO D 318 14.74 -5.25 9.84
C PRO D 318 15.96 -4.34 9.72
N PRO D 319 16.75 -4.21 10.79
CA PRO D 319 17.97 -3.39 10.78
C PRO D 319 19.07 -3.99 9.92
N PRO D 320 19.97 -3.14 9.38
CA PRO D 320 21.07 -3.59 8.53
C PRO D 320 22.00 -4.57 9.21
N ALA D 321 21.98 -5.83 8.77
CA ALA D 321 22.86 -6.85 9.33
C ALA D 321 24.32 -6.57 8.97
N PRO D 322 25.25 -7.01 9.84
CA PRO D 322 26.64 -6.92 9.42
C PRO D 322 26.91 -7.98 8.35
N PRO D 323 27.95 -7.80 7.54
CA PRO D 323 28.24 -8.78 6.46
C PRO D 323 28.37 -10.19 7.01
N LEU D 324 27.85 -11.18 6.28
CA LEU D 324 28.07 -12.58 6.64
C LEU D 324 29.24 -13.10 5.81
N PRO D 325 30.28 -13.61 6.49
CA PRO D 325 31.53 -13.98 5.83
C PRO D 325 31.53 -15.39 5.23
N THR D 326 30.41 -16.10 5.29
CA THR D 326 30.39 -17.47 4.78
C THR D 326 30.75 -17.51 3.29
N PRO D 327 31.61 -18.47 2.89
CA PRO D 327 31.81 -18.60 1.45
C PRO D 327 30.46 -18.87 0.81
N LEU D 328 30.04 -17.98 -0.07
CA LEU D 328 28.65 -17.98 -0.53
C LEU D 328 28.52 -18.26 -2.01
N GLY D 329 27.66 -19.21 -2.33
CA GLY D 329 27.25 -19.45 -3.71
C GLY D 329 25.84 -18.95 -3.92
N VAL D 330 25.63 -18.26 -5.03
CA VAL D 330 24.33 -17.71 -5.37
C VAL D 330 23.89 -18.15 -6.75
N ALA D 331 22.69 -18.69 -6.85
CA ALA D 331 22.14 -19.08 -8.14
C ALA D 331 20.84 -18.32 -8.38
N VAL D 332 20.78 -17.64 -9.53
CA VAL D 332 19.63 -16.79 -9.86
C VAL D 332 18.86 -17.39 -11.03
N TYR D 333 17.67 -17.90 -10.75
CA TYR D 333 16.84 -18.49 -11.80
C TYR D 333 15.93 -17.42 -12.35
N PRO D 334 15.84 -17.33 -13.69
CA PRO D 334 15.28 -16.15 -14.38
C PRO D 334 13.81 -15.88 -14.11
N ALA D 335 13.04 -16.91 -13.81
CA ALA D 335 11.61 -16.75 -13.59
C ALA D 335 11.24 -16.65 -12.11
N ASP D 336 12.23 -16.45 -11.25
CA ASP D 336 11.98 -16.46 -9.81
C ASP D 336 11.18 -15.23 -9.34
N SER D 337 10.53 -15.34 -8.19
CA SER D 337 9.68 -14.26 -7.67
C SER D 337 10.48 -13.05 -7.19
N ALA D 338 11.76 -13.27 -6.91
CA ALA D 338 12.67 -12.20 -6.51
C ALA D 338 14.10 -12.57 -6.90
N LYS D 339 14.90 -11.56 -7.23
CA LYS D 339 16.27 -11.80 -7.69
C LYS D 339 17.20 -10.74 -7.08
N PRO D 340 18.44 -11.12 -6.77
CA PRO D 340 19.34 -10.17 -6.10
C PRO D 340 20.03 -9.20 -7.06
N VAL D 341 20.28 -7.99 -6.56
CA VAL D 341 21.16 -7.05 -7.23
C VAL D 341 22.57 -7.36 -6.78
N ARG D 342 23.44 -7.70 -7.72
CA ARG D 342 24.78 -8.16 -7.37
C ARG D 342 25.58 -7.15 -6.55
N ARG D 343 25.49 -5.87 -6.91
CA ARG D 343 26.23 -4.85 -6.17
C ARG D 343 25.82 -4.84 -4.68
N PHE D 344 24.54 -5.07 -4.42
CA PHE D 344 24.01 -5.08 -3.05
C PHE D 344 24.46 -6.36 -2.33
N ALA D 345 24.39 -7.48 -3.04
CA ALA D 345 24.80 -8.76 -2.45
C ALA D 345 26.27 -8.75 -2.07
N GLU D 346 27.10 -8.10 -2.90
CA GLU D 346 28.54 -8.11 -2.66
C GLU D 346 28.91 -7.29 -1.43
N ARG D 347 28.07 -6.33 -1.06
CA ARG D 347 28.32 -5.58 0.16
C ARG D 347 27.87 -6.37 1.39
N ALA D 348 26.77 -7.11 1.27
CA ALA D 348 26.27 -7.89 2.38
C ALA D 348 27.06 -9.19 2.56
N PHE D 349 27.67 -9.68 1.47
CA PHE D 349 28.43 -10.92 1.51
C PHE D 349 29.79 -10.74 0.84
N PRO D 350 30.83 -10.50 1.66
CA PRO D 350 32.17 -10.21 1.14
C PRO D 350 32.92 -11.44 0.64
N ASN D 351 32.36 -12.63 0.82
CA ASN D 351 33.05 -13.82 0.36
C ASN D 351 32.20 -14.66 -0.60
N ILE D 352 31.65 -14.00 -1.61
CA ILE D 352 30.93 -14.71 -2.66
C ILE D 352 31.95 -15.43 -3.52
N VAL D 353 31.84 -16.75 -3.61
CA VAL D 353 32.81 -17.57 -4.36
C VAL D 353 32.20 -18.13 -5.63
N HIS D 354 30.89 -17.93 -5.79
CA HIS D 354 30.16 -18.51 -6.90
C HIS D 354 28.89 -17.72 -7.16
N TRP D 355 28.71 -17.27 -8.41
CA TRP D 355 27.50 -16.57 -8.81
C TRP D 355 27.07 -17.06 -10.19
N ALA D 356 25.88 -17.64 -10.27
CA ALA D 356 25.36 -18.12 -11.55
C ALA D 356 24.03 -17.47 -11.89
N GLU D 357 23.92 -17.00 -13.13
CA GLU D 357 22.63 -16.51 -13.64
C GLU D 357 22.11 -17.50 -14.66
N LEU D 358 21.09 -18.28 -14.29
CA LEU D 358 20.68 -19.40 -15.12
C LEU D 358 19.70 -18.98 -16.22
N GLU D 359 19.54 -19.85 -17.22
CA GLU D 359 18.83 -19.48 -18.43
C GLU D 359 17.36 -19.83 -18.37
N ARG D 360 17.02 -20.79 -17.52
CA ARG D 360 15.65 -21.29 -17.44
C ARG D 360 15.32 -21.62 -16.00
N GLY D 361 14.03 -21.66 -15.70
CA GLY D 361 13.57 -22.12 -14.40
C GLY D 361 13.18 -20.98 -13.48
N GLY D 362 12.28 -21.26 -12.55
CA GLY D 362 11.89 -20.27 -11.58
C GLY D 362 12.28 -20.68 -10.17
N HIS D 363 11.33 -20.51 -9.27
CA HIS D 363 11.53 -20.58 -7.83
C HIS D 363 11.83 -21.98 -7.28
N PHE D 364 11.37 -23.02 -7.96
CA PHE D 364 11.57 -24.40 -7.50
C PHE D 364 12.64 -25.11 -8.34
N ALA D 365 13.87 -24.61 -8.21
CA ALA D 365 14.95 -24.94 -9.13
C ALA D 365 15.24 -26.43 -9.26
N ALA D 366 15.41 -27.11 -8.12
CA ALA D 366 15.74 -28.53 -8.15
C ALA D 366 14.63 -29.33 -8.82
N LEU D 367 13.40 -28.89 -8.60
CA LEU D 367 12.25 -29.60 -9.13
C LEU D 367 12.03 -29.28 -10.62
N GLU D 368 12.20 -28.01 -10.97
CA GLU D 368 11.96 -27.53 -12.32
C GLU D 368 13.09 -27.84 -13.28
N GLN D 369 14.31 -27.68 -12.80
CA GLN D 369 15.48 -27.84 -13.66
C GLN D 369 16.56 -28.64 -12.95
N PRO D 370 16.32 -29.94 -12.73
CA PRO D 370 17.30 -30.73 -11.97
C PRO D 370 18.70 -30.74 -12.63
N GLY D 371 18.74 -30.75 -13.95
CA GLY D 371 20.02 -30.75 -14.65
C GLY D 371 20.85 -29.53 -14.30
N LEU D 372 20.21 -28.36 -14.38
CA LEU D 372 20.89 -27.11 -14.08
C LEU D 372 21.27 -27.05 -12.60
N PHE D 373 20.34 -27.41 -11.73
CA PHE D 373 20.55 -27.38 -10.29
C PHE D 373 21.77 -28.22 -9.88
N VAL D 374 21.84 -29.45 -10.39
CA VAL D 374 22.98 -30.31 -10.14
C VAL D 374 24.30 -29.73 -10.67
N SER D 375 24.28 -29.28 -11.92
CA SER D 375 25.49 -28.76 -12.56
C SER D 375 25.98 -27.50 -11.87
N ASP D 376 25.05 -26.78 -11.27
CA ASP D 376 25.38 -25.56 -10.56
C ASP D 376 25.95 -25.88 -9.19
N LEU D 377 25.35 -26.84 -8.49
CA LEU D 377 25.86 -27.21 -7.18
C LEU D 377 27.26 -27.81 -7.29
N ARG D 378 27.50 -28.57 -8.35
CA ARG D 378 28.82 -29.14 -8.56
C ARG D 378 29.84 -28.05 -8.80
N ALA D 379 29.43 -27.02 -9.53
CA ALA D 379 30.31 -25.89 -9.81
C ALA D 379 30.61 -25.15 -8.51
N PHE D 380 29.60 -25.07 -7.65
CA PHE D 380 29.75 -24.45 -6.33
C PHE D 380 30.75 -25.19 -5.44
N ALA D 381 30.63 -26.50 -5.39
CA ALA D 381 31.55 -27.32 -4.59
C ALA D 381 32.98 -27.15 -5.06
N ARG D 382 33.18 -27.07 -6.37
CA ARG D 382 34.49 -26.81 -6.96
C ARG D 382 35.00 -25.43 -6.52
N ALA D 383 34.12 -24.44 -6.56
CA ALA D 383 34.46 -23.09 -6.11
C ALA D 383 34.97 -23.09 -4.67
N LEU D 384 34.27 -23.84 -3.82
CA LEU D 384 34.65 -23.99 -2.42
C LEU D 384 36.07 -24.54 -2.28
N ARG D 385 36.34 -25.65 -2.95
CA ARG D 385 37.64 -26.30 -2.87
C ARG D 385 38.71 -25.35 -3.40
N THR D 386 38.36 -24.68 -4.49
CA THR D 386 39.25 -23.71 -5.10
C THR D 386 39.53 -22.57 -4.14
N SER D 387 38.51 -22.11 -3.42
CA SER D 387 38.64 -20.92 -2.59
C SER D 387 39.52 -21.12 -1.35
N HIS D 388 39.31 -22.23 -0.65
CA HIS D 388 40.13 -22.53 0.52
C HIS D 388 41.57 -22.86 0.08
N HIS D 389 41.72 -23.43 -1.11
CA HIS D 389 43.03 -23.65 -1.73
C HIS D 389 43.99 -22.39 -1.64
N HIS D 390 43.95 -21.42 -2.58
CA HIS D 390 44.62 -20.11 -2.40
C HIS D 390 44.19 -19.26 -1.21
N HIS D 391 43.79 -19.81 -0.08
CA HIS D 391 43.70 -18.88 1.04
C HIS D 391 43.97 -19.51 2.39
N GLU E 2 -2.39 2.51 72.82
CA GLU E 2 -2.91 3.84 73.07
C GLU E 2 -3.80 4.26 71.90
N PRO E 3 -4.91 4.97 72.21
CA PRO E 3 -5.77 5.55 71.18
C PRO E 3 -5.00 6.45 70.21
N PHE E 4 -5.39 6.43 68.93
CA PHE E 4 -4.70 7.20 67.92
C PHE E 4 -5.67 7.99 67.05
N ARG E 5 -5.29 9.22 66.73
CA ARG E 5 -6.08 10.04 65.83
C ARG E 5 -5.18 10.68 64.77
N ILE E 6 -5.61 10.72 63.52
CA ILE E 6 -4.83 11.36 62.46
C ILE E 6 -5.01 12.87 62.54
N VAL E 7 -3.91 13.59 62.72
CA VAL E 7 -3.96 15.04 62.79
C VAL E 7 -2.76 15.62 62.03
N ILE E 8 -2.99 15.97 60.77
CA ILE E 8 -1.91 16.52 59.96
C ILE E 8 -1.82 18.03 60.15
N PRO E 9 -0.61 18.52 60.53
CA PRO E 9 -0.41 19.97 60.68
C PRO E 9 -0.68 20.71 59.38
N GLN E 10 -1.28 21.89 59.47
CA GLN E 10 -1.55 22.66 58.26
C GLN E 10 -0.27 22.95 57.48
N ALA E 11 0.84 23.09 58.21
CA ALA E 11 2.14 23.35 57.60
C ALA E 11 2.52 22.28 56.58
N ASP E 12 2.10 21.04 56.84
CA ASP E 12 2.38 19.92 55.93
C ASP E 12 1.61 20.06 54.61
N LEU E 13 0.38 20.52 54.70
CA LEU E 13 -0.45 20.74 53.53
C LEU E 13 0.05 21.96 52.75
N ASP E 14 0.45 23.01 53.47
CA ASP E 14 1.02 24.18 52.82
C ASP E 14 2.28 23.80 52.07
N ASP E 15 3.08 22.94 52.68
CA ASP E 15 4.32 22.51 52.05
C ASP E 15 4.00 21.73 50.78
N LEU E 16 2.99 20.87 50.85
CA LEU E 16 2.61 20.08 49.69
C LEU E 16 2.14 20.94 48.52
N HIS E 17 1.31 21.94 48.82
CA HIS E 17 0.84 22.87 47.79
C HIS E 17 2.00 23.65 47.15
N ARG E 18 2.97 24.05 47.96
CA ARG E 18 4.15 24.74 47.45
C ARG E 18 4.89 23.84 46.44
N ARG E 19 5.12 22.58 46.83
CA ARG E 19 5.82 21.64 45.96
C ARG E 19 5.04 21.40 44.66
N LEU E 20 3.72 21.27 44.78
CA LEU E 20 2.87 21.03 43.62
C LEU E 20 2.89 22.20 42.62
N ASP E 21 2.85 23.44 43.15
CA ASP E 21 2.97 24.65 42.31
C ASP E 21 4.30 24.70 41.56
N ALA E 22 5.36 24.17 42.18
CA ALA E 22 6.70 24.29 41.62
C ALA E 22 7.12 23.03 40.83
N THR E 23 6.16 22.17 40.52
CA THR E 23 6.48 20.94 39.79
C THR E 23 7.20 21.25 38.49
N ARG E 24 8.33 20.59 38.27
CA ARG E 24 9.00 20.67 36.99
C ARG E 24 8.69 19.39 36.21
N TRP E 25 8.04 19.55 35.07
CA TRP E 25 7.53 18.42 34.31
C TRP E 25 8.57 17.92 33.32
N PRO E 26 8.63 16.60 33.09
CA PRO E 26 9.54 16.00 32.11
C PRO E 26 9.01 16.09 30.69
N SER E 27 9.89 15.83 29.75
CA SER E 27 9.50 15.61 28.37
C SER E 27 8.67 14.34 28.28
N GLU E 28 8.00 14.18 27.15
CA GLU E 28 7.27 12.95 26.89
C GLU E 28 7.60 12.52 25.48
N ILE E 29 7.42 11.25 25.19
CA ILE E 29 7.37 10.80 23.81
C ILE E 29 5.90 10.66 23.45
N PRO E 30 5.37 11.63 22.70
CA PRO E 30 3.94 11.62 22.39
C PRO E 30 3.54 10.36 21.64
N GLY E 31 2.32 9.88 21.91
CA GLY E 31 1.79 8.72 21.22
C GLY E 31 2.10 7.39 21.88
N THR E 32 2.69 7.41 23.06
CA THR E 32 3.01 6.14 23.72
C THR E 32 1.97 5.70 24.75
N GLY E 33 0.93 6.51 24.96
CA GLY E 33 -0.13 6.14 25.89
C GLY E 33 0.39 5.81 27.29
N TRP E 34 -0.09 4.72 27.87
CA TRP E 34 0.39 4.26 29.17
C TRP E 34 1.49 3.20 29.07
N SER E 35 1.89 2.87 27.85
CA SER E 35 2.79 1.73 27.64
C SER E 35 4.15 1.88 28.33
N ARG E 36 4.58 3.11 28.58
CA ARG E 36 5.89 3.31 29.22
C ARG E 36 5.74 3.96 30.60
N GLY E 37 4.54 3.95 31.16
CA GLY E 37 4.30 4.56 32.46
C GLY E 37 3.23 5.64 32.38
N VAL E 38 3.07 6.41 33.44
CA VAL E 38 1.99 7.41 33.52
C VAL E 38 2.18 8.53 32.48
N PRO E 39 1.18 8.72 31.62
CA PRO E 39 1.27 9.75 30.56
C PRO E 39 1.18 11.17 31.09
N LEU E 40 1.86 12.10 30.42
CA LEU E 40 2.02 13.46 30.89
C LEU E 40 0.71 14.21 31.10
N ASP E 41 -0.14 14.22 30.10
CA ASP E 41 -1.34 15.04 30.12
C ASP E 41 -2.32 14.55 31.20
N TYR E 42 -2.38 13.24 31.41
CA TYR E 42 -3.22 12.71 32.48
C TYR E 42 -2.72 13.20 33.84
N LEU E 43 -1.43 13.02 34.10
CA LEU E 43 -0.85 13.35 35.40
C LEU E 43 -0.96 14.85 35.68
N LYS E 44 -0.82 15.68 34.64
CA LYS E 44 -0.94 17.14 34.82
C LYS E 44 -2.32 17.52 35.31
N GLU E 45 -3.34 16.88 34.74
CA GLU E 45 -4.72 17.12 35.15
C GLU E 45 -5.00 16.59 36.56
N LEU E 46 -4.49 15.40 36.89
CA LEU E 46 -4.67 14.88 38.23
C LEU E 46 -3.95 15.74 39.28
N VAL E 47 -2.71 16.16 38.98
CA VAL E 47 -2.00 17.06 39.89
C VAL E 47 -2.75 18.38 40.04
N GLY E 48 -3.32 18.89 38.96
CA GLY E 48 -4.15 20.08 39.03
C GLY E 48 -5.30 19.96 40.02
N TYR E 49 -6.02 18.83 39.97
CA TYR E 49 -7.10 18.59 40.92
C TYR E 49 -6.56 18.39 42.33
N TRP E 50 -5.43 17.68 42.44
CA TRP E 50 -4.80 17.42 43.73
C TRP E 50 -4.51 18.74 44.44
N ARG E 51 -3.97 19.69 43.66
CA ARG E 51 -3.59 21.00 44.17
C ARG E 51 -4.79 21.88 44.55
N ASP E 52 -5.81 21.92 43.69
CA ASP E 52 -6.90 22.90 43.82
C ASP E 52 -8.25 22.38 44.33
N GLY E 53 -8.49 21.08 44.21
CA GLY E 53 -9.80 20.54 44.50
C GLY E 53 -9.85 19.43 45.52
N TYR E 54 -8.80 18.64 45.62
CA TYR E 54 -8.80 17.51 46.55
C TYR E 54 -8.88 18.02 47.99
N ASP E 55 -9.70 17.35 48.79
CA ASP E 55 -9.97 17.78 50.16
C ASP E 55 -9.40 16.81 51.18
N TRP E 56 -8.18 17.05 51.65
CA TRP E 56 -7.59 16.14 52.63
C TRP E 56 -8.38 16.10 53.94
N ARG E 57 -8.84 17.27 54.41
CA ARG E 57 -9.51 17.35 55.71
C ARG E 57 -10.75 16.47 55.72
N ALA E 58 -11.43 16.38 54.59
CA ALA E 58 -12.60 15.52 54.51
C ALA E 58 -12.19 14.05 54.62
N ALA E 59 -11.12 13.66 53.94
CA ALA E 59 -10.65 12.27 53.98
C ALA E 59 -10.14 11.91 55.37
N GLU E 60 -9.41 12.84 55.96
CA GLU E 60 -8.94 12.74 57.34
C GLU E 60 -10.09 12.56 58.33
N ASP E 61 -11.15 13.36 58.18
CA ASP E 61 -12.34 13.22 59.02
C ASP E 61 -12.91 11.82 58.91
N ARG E 62 -13.05 11.33 57.68
CA ARG E 62 -13.64 10.01 57.45
C ARG E 62 -12.78 8.90 58.05
N LEU E 63 -11.47 8.98 57.84
CA LEU E 63 -10.55 8.03 58.46
C LEU E 63 -10.71 8.03 59.99
N ASN E 64 -10.84 9.21 60.58
CA ASN E 64 -10.91 9.31 62.02
C ASN E 64 -12.25 8.86 62.64
N THR E 65 -13.22 8.49 61.79
CA THR E 65 -14.46 7.88 62.28
C THR E 65 -14.24 6.40 62.59
N VAL E 66 -13.07 5.89 62.20
CA VAL E 66 -12.70 4.51 62.51
C VAL E 66 -11.79 4.49 63.73
N PRO E 67 -12.14 3.67 64.74
CA PRO E 67 -11.28 3.63 65.93
C PRO E 67 -9.85 3.17 65.59
N GLN E 68 -8.87 3.98 65.94
CA GLN E 68 -7.47 3.66 65.64
C GLN E 68 -6.64 3.67 66.91
N PHE E 69 -5.56 2.91 66.89
CA PHE E 69 -4.69 2.73 68.05
C PHE E 69 -3.26 2.54 67.58
N THR E 70 -2.31 2.80 68.48
CA THR E 70 -0.93 2.41 68.22
C THR E 70 -0.40 1.57 69.37
N THR E 71 0.53 0.68 69.06
CA THR E 71 1.16 -0.12 70.10
C THR E 71 2.55 -0.52 69.63
N GLU E 72 3.45 -0.75 70.58
CA GLU E 72 4.78 -1.21 70.21
C GLU E 72 4.88 -2.73 70.26
N ILE E 73 5.26 -3.32 69.13
CA ILE E 73 5.49 -4.75 69.05
C ILE E 73 6.86 -5.01 68.46
N ASP E 74 7.67 -5.79 69.16
CA ASP E 74 8.96 -6.22 68.64
C ASP E 74 9.83 -5.06 68.18
N GLY E 75 9.76 -3.95 68.92
CA GLY E 75 10.66 -2.83 68.68
C GLY E 75 10.17 -1.77 67.72
N THR E 76 9.01 -1.99 67.10
CA THR E 76 8.50 -1.01 66.15
C THR E 76 7.06 -0.60 66.47
N ASN E 77 6.69 0.59 65.99
CA ASN E 77 5.34 1.09 66.16
C ASN E 77 4.36 0.41 65.23
N VAL E 78 3.24 -0.07 65.77
CA VAL E 78 2.19 -0.63 64.94
C VAL E 78 0.90 0.15 65.10
N HIS E 79 0.44 0.72 63.99
CA HIS E 79 -0.84 1.40 63.94
C HIS E 79 -1.88 0.45 63.40
N PHE E 80 -3.08 0.44 63.99
CA PHE E 80 -4.15 -0.41 63.50
C PHE E 80 -5.53 0.18 63.78
N HIS E 82 -9.41 -0.92 64.75
CA HIS E 82 -10.08 -2.04 65.39
C HIS E 82 -11.58 -1.74 65.48
N ILE E 83 -12.38 -2.46 64.71
CA ILE E 83 -13.81 -2.24 64.69
C ILE E 83 -14.58 -3.48 65.13
N ARG E 84 -15.25 -3.36 66.28
CA ARG E 84 -16.02 -4.47 66.85
C ARG E 84 -17.42 -4.54 66.26
N SER E 85 -17.91 -5.76 66.07
CA SER E 85 -19.28 -5.98 65.64
C SER E 85 -20.23 -6.00 66.84
N ALA E 86 -21.49 -5.63 66.61
CA ALA E 86 -22.49 -5.72 67.67
C ALA E 86 -23.01 -7.15 67.80
N GLU E 87 -22.77 -7.97 66.79
CA GLU E 87 -23.29 -9.34 66.77
C GLU E 87 -22.48 -10.27 67.67
N PRO E 88 -23.18 -11.04 68.54
CA PRO E 88 -22.58 -11.92 69.56
C PRO E 88 -21.45 -12.83 69.07
N ASP E 89 -21.68 -13.63 68.05
CA ASP E 89 -20.65 -14.58 67.63
C ASP E 89 -19.90 -14.17 66.36
N ALA E 90 -19.54 -12.90 66.26
CA ALA E 90 -18.79 -12.44 65.09
C ALA E 90 -17.42 -13.07 65.02
N LEU E 91 -17.00 -13.38 63.80
CA LEU E 91 -15.67 -13.90 63.53
C LEU E 91 -14.64 -12.76 63.55
N PRO E 92 -13.67 -12.83 64.47
CA PRO E 92 -12.54 -11.88 64.39
C PRO E 92 -11.72 -12.12 63.13
N ILE E 94 -8.28 -10.38 60.83
CA ILE E 94 -7.27 -9.36 60.66
C ILE E 94 -6.95 -9.23 59.17
N ILE E 95 -7.19 -8.04 58.63
CA ILE E 95 -7.09 -7.76 57.20
C ILE E 95 -5.87 -6.93 56.91
N THR E 96 -5.07 -7.38 55.95
CA THR E 96 -3.84 -6.69 55.61
C THR E 96 -3.70 -6.19 54.19
N HIS E 97 -3.40 -4.90 54.08
CA HIS E 97 -3.16 -4.27 52.78
C HIS E 97 -1.81 -4.72 52.24
N GLY E 98 -1.53 -4.33 51.00
CA GLY E 98 -0.20 -4.52 50.44
C GLY E 98 0.38 -3.21 49.94
N TRP E 99 1.26 -3.32 48.95
CA TRP E 99 1.87 -2.17 48.29
C TRP E 99 1.30 -2.05 46.88
N PRO E 100 0.94 -0.84 46.43
CA PRO E 100 1.06 0.45 47.11
C PRO E 100 -0.26 0.90 47.73
N GLY E 101 -0.80 0.10 48.64
CA GLY E 101 -2.08 0.44 49.25
C GLY E 101 -1.94 0.83 50.70
N SER E 102 -3.05 0.77 51.42
CA SER E 102 -3.11 1.29 52.78
C SER E 102 -4.39 0.86 53.45
N VAL E 103 -4.53 1.21 54.73
CA VAL E 103 -5.75 0.85 55.45
C VAL E 103 -6.95 1.62 54.92
N ALA E 104 -6.71 2.71 54.20
CA ALA E 104 -7.81 3.50 53.63
C ALA E 104 -8.58 2.73 52.55
N GLU E 105 -7.95 1.70 52.00
CA GLU E 105 -8.58 0.81 51.01
C GLU E 105 -9.89 0.19 51.48
N PHE E 106 -10.04 0.03 52.79
CA PHE E 106 -11.12 -0.75 53.36
C PHE E 106 -12.24 0.06 53.96
N LEU E 107 -12.22 1.38 53.76
CA LEU E 107 -13.20 2.26 54.40
C LEU E 107 -14.63 1.86 54.03
N ASP E 108 -14.82 1.43 52.79
CA ASP E 108 -16.16 1.12 52.31
C ASP E 108 -16.64 -0.28 52.66
N VAL E 109 -15.79 -1.11 53.26
CA VAL E 109 -16.25 -2.45 53.63
C VAL E 109 -16.32 -2.67 55.14
N ILE E 110 -15.85 -1.70 55.93
CA ILE E 110 -15.87 -1.88 57.38
C ILE E 110 -17.30 -2.02 57.95
N ASP E 111 -18.20 -1.12 57.55
CA ASP E 111 -19.57 -1.17 58.06
C ASP E 111 -20.37 -2.39 57.56
N PRO E 112 -20.32 -2.71 56.25
CA PRO E 112 -21.02 -3.93 55.85
C PRO E 112 -20.50 -5.22 56.52
N LEU E 113 -19.19 -5.29 56.74
CA LEU E 113 -18.62 -6.49 57.37
C LEU E 113 -18.99 -6.58 58.86
N THR E 114 -18.90 -5.47 59.59
CA THR E 114 -19.13 -5.54 61.04
C THR E 114 -20.61 -5.39 61.40
N ASN E 115 -21.41 -4.90 60.44
CA ASN E 115 -22.83 -4.69 60.69
C ASN E 115 -23.68 -5.25 59.54
N PRO E 116 -23.65 -6.57 59.35
CA PRO E 116 -24.37 -7.18 58.23
C PRO E 116 -25.87 -6.95 58.31
N ARG E 117 -26.38 -6.89 59.54
CA ARG E 117 -27.81 -6.75 59.76
C ARG E 117 -28.33 -5.50 59.06
N ALA E 118 -27.54 -4.44 59.06
CA ALA E 118 -27.93 -3.18 58.46
C ALA E 118 -27.46 -3.03 57.02
N HIS E 119 -26.81 -4.07 56.49
CA HIS E 119 -26.29 -4.00 55.12
C HIS E 119 -26.58 -5.26 54.31
N GLY E 120 -27.85 -5.66 54.29
CA GLY E 120 -28.31 -6.75 53.47
C GLY E 120 -27.61 -8.07 53.74
N GLY E 121 -27.09 -8.21 54.95
CA GLY E 121 -26.36 -9.40 55.32
C GLY E 121 -27.01 -10.19 56.44
N ASP E 122 -26.62 -11.45 56.54
CA ASP E 122 -27.08 -12.31 57.62
C ASP E 122 -26.23 -12.05 58.86
N PRO E 123 -26.88 -11.83 60.02
CA PRO E 123 -26.22 -11.58 61.30
C PRO E 123 -25.14 -12.61 61.65
N ALA E 124 -25.35 -13.85 61.24
CA ALA E 124 -24.37 -14.91 61.46
C ALA E 124 -23.07 -14.65 60.71
N ASP E 125 -23.11 -13.74 59.73
CA ASP E 125 -21.91 -13.49 58.92
C ASP E 125 -21.20 -12.19 59.32
N ALA E 126 -21.28 -11.85 60.60
CA ALA E 126 -20.61 -10.67 61.13
C ALA E 126 -19.13 -10.92 61.39
N PHE E 127 -18.33 -9.86 61.24
CA PHE E 127 -16.91 -9.88 61.59
C PHE E 127 -16.57 -8.82 62.63
N HIS E 128 -15.62 -9.13 63.51
CA HIS E 128 -14.82 -8.11 64.18
C HIS E 128 -13.59 -7.87 63.31
N LEU E 129 -13.23 -6.61 63.09
CA LEU E 129 -12.13 -6.31 62.17
C LEU E 129 -10.91 -5.69 62.84
N VAL E 130 -9.75 -6.22 62.51
CA VAL E 130 -8.49 -5.62 62.91
C VAL E 130 -7.73 -5.33 61.61
N ILE E 131 -7.39 -4.06 61.40
CA ILE E 131 -6.82 -3.63 60.13
C ILE E 131 -5.55 -2.84 60.42
N PRO E 132 -4.41 -3.53 60.43
CA PRO E 132 -3.12 -2.92 60.80
C PRO E 132 -2.41 -2.32 59.61
N SER E 133 -1.65 -1.26 59.86
CA SER E 133 -0.76 -0.72 58.85
C SER E 133 0.53 -1.52 58.91
N LEU E 134 0.94 -2.09 57.78
CA LEU E 134 2.21 -2.82 57.72
C LEU E 134 3.34 -2.02 58.30
N PRO E 135 4.21 -2.67 59.09
CA PRO E 135 5.40 -1.98 59.59
C PRO E 135 6.15 -1.38 58.40
N GLY E 136 6.54 -0.11 58.50
CA GLY E 136 7.17 0.59 57.40
C GLY E 136 6.17 1.34 56.53
N PHE E 137 4.88 1.13 56.77
CA PHE E 137 3.83 1.73 55.93
C PHE E 137 2.98 2.71 56.71
N GLY E 138 2.49 3.75 56.02
CA GLY E 138 1.47 4.63 56.55
C GLY E 138 1.68 5.07 57.98
N PHE E 139 0.65 4.94 58.81
CA PHE E 139 0.77 5.47 60.16
C PHE E 139 1.48 4.55 61.14
N SER E 140 1.87 3.37 60.68
CA SER E 140 2.84 2.58 61.45
C SER E 140 4.22 3.25 61.36
N GLY E 141 4.56 3.73 60.17
CA GLY E 141 5.80 4.48 60.00
C GLY E 141 7.02 3.58 59.88
N PRO E 142 8.19 4.18 59.62
CA PRO E 142 9.44 3.43 59.42
C PRO E 142 9.78 2.49 60.57
N THR E 143 10.37 1.36 60.22
CA THR E 143 10.90 0.43 61.21
C THR E 143 12.33 0.88 61.51
N PRO E 144 12.84 0.56 62.71
CA PRO E 144 14.13 1.09 63.14
C PRO E 144 15.35 0.22 62.80
N GLU E 145 15.13 -1.00 62.32
CA GLU E 145 16.23 -1.94 62.11
C GLU E 145 15.92 -2.91 60.97
N PRO E 146 16.94 -3.59 60.43
CA PRO E 146 16.69 -4.61 59.39
C PRO E 146 15.93 -5.81 59.92
N GLY E 147 15.44 -6.64 59.02
CA GLY E 147 14.88 -7.92 59.42
C GLY E 147 13.37 -8.05 59.43
N TRP E 148 12.64 -6.98 59.11
CA TRP E 148 11.19 -7.07 59.09
C TRP E 148 10.71 -7.71 57.79
N ASN E 149 10.74 -9.04 57.78
CA ASN E 149 10.28 -9.83 56.64
C ASN E 149 8.91 -10.43 56.93
N LEU E 150 8.47 -11.38 56.11
CA LEU E 150 7.12 -11.93 56.29
C LEU E 150 6.95 -12.61 57.65
N PRO E 151 7.85 -13.53 58.04
CA PRO E 151 7.62 -14.14 59.36
C PRO E 151 7.69 -13.15 60.52
N ARG E 152 8.48 -12.08 60.42
CA ARG E 152 8.55 -11.17 61.54
C ARG E 152 7.28 -10.31 61.61
N VAL E 153 6.74 -9.94 60.46
CA VAL E 153 5.46 -9.22 60.42
C VAL E 153 4.34 -10.14 60.94
N ALA E 154 4.36 -11.40 60.51
CA ALA E 154 3.40 -12.37 60.97
C ALA E 154 3.47 -12.55 62.48
N SER E 155 4.67 -12.64 63.03
CA SER E 155 4.81 -12.78 64.48
C SER E 155 4.23 -11.56 65.21
N ALA E 156 4.47 -10.37 64.65
CA ALA E 156 3.97 -9.14 65.25
C ALA E 156 2.44 -9.17 65.26
N TRP E 157 1.84 -9.62 64.17
CA TRP E 157 0.38 -9.71 64.15
C TRP E 157 -0.23 -10.71 65.08
N ALA E 158 0.43 -11.85 65.21
CA ALA E 158 -0.01 -12.85 66.18
C ALA E 158 -0.02 -12.21 67.56
N GLU E 159 0.95 -11.32 67.80
CA GLU E 159 1.03 -10.64 69.09
C GLU E 159 -0.09 -9.61 69.24
N LEU E 160 -0.38 -8.87 68.17
CA LEU E 160 -1.47 -7.92 68.18
C LEU E 160 -2.79 -8.62 68.52
N ARG E 162 -3.13 -11.46 70.04
CA ARG E 162 -3.03 -11.91 71.43
C ARG E 162 -3.34 -10.78 72.42
N ARG E 163 -2.79 -9.60 72.17
CA ARG E 163 -3.02 -8.46 73.06
C ARG E 163 -4.49 -8.05 73.05
N LEU E 164 -5.15 -8.18 71.90
CA LEU E 164 -6.54 -7.81 71.77
C LEU E 164 -7.50 -8.87 72.35
N GLY E 165 -6.96 -10.05 72.67
CA GLY E 165 -7.76 -11.12 73.25
C GLY E 165 -8.42 -12.04 72.24
N TYR E 166 -7.88 -12.10 71.03
CA TYR E 166 -8.43 -12.97 70.00
C TYR E 166 -7.64 -14.26 69.87
N SER E 167 -8.18 -15.33 70.44
CA SER E 167 -7.50 -16.62 70.43
C SER E 167 -7.99 -17.50 69.28
N ARG E 168 -9.05 -17.06 68.62
CA ARG E 168 -9.51 -17.67 67.38
C ARG E 168 -9.83 -16.57 66.38
N TYR E 169 -9.05 -16.47 65.32
CA TYR E 169 -9.29 -15.43 64.34
C TYR E 169 -8.96 -15.90 62.93
N ALA E 170 -9.57 -15.24 61.95
CA ALA E 170 -9.28 -15.49 60.54
C ALA E 170 -8.30 -14.45 60.06
N VAL E 171 -7.64 -14.73 58.94
CA VAL E 171 -6.69 -13.78 58.35
C VAL E 171 -7.07 -13.53 56.90
N GLN E 172 -6.90 -12.30 56.43
CA GLN E 172 -7.33 -11.92 55.09
C GLN E 172 -6.32 -10.99 54.45
N GLY E 173 -6.09 -11.13 53.15
CA GLY E 173 -5.29 -10.13 52.46
C GLY E 173 -5.19 -10.29 50.95
N GLY E 174 -4.80 -9.20 50.28
CA GLY E 174 -4.45 -9.22 48.87
C GLY E 174 -3.02 -8.73 48.77
N ASP E 175 -2.38 -8.89 47.60
CA ASP E 175 -1.02 -8.44 47.39
C ASP E 175 -0.13 -9.03 48.49
N LEU E 176 0.80 -8.21 49.02
CA LEU E 176 1.67 -8.61 50.13
C LEU E 176 0.91 -8.99 51.40
N GLY E 177 -0.32 -8.49 51.53
CA GLY E 177 -1.18 -8.88 52.64
C GLY E 177 -1.60 -10.33 52.57
N ALA E 178 -1.75 -10.86 51.36
CA ALA E 178 -2.08 -12.26 51.19
C ALA E 178 -0.88 -13.13 51.61
N TRP E 179 0.33 -12.70 51.26
CA TRP E 179 1.53 -13.44 51.62
CA TRP E 179 1.52 -13.45 51.62
C TRP E 179 1.74 -13.40 53.12
N THR E 180 1.42 -12.26 53.74
CA THR E 180 1.54 -12.14 55.17
C THR E 180 0.50 -13.04 55.86
N SER E 181 -0.70 -13.09 55.30
CA SER E 181 -1.78 -13.89 55.88
C SER E 181 -1.45 -15.38 55.83
N LEU E 182 -0.92 -15.85 54.70
CA LEU E 182 -0.55 -17.25 54.56
C LEU E 182 0.58 -17.60 55.52
N THR E 183 1.56 -16.71 55.63
CA THR E 183 2.66 -16.91 56.57
C THR E 183 2.13 -16.99 58.00
N LEU E 184 1.22 -16.09 58.34
CA LEU E 184 0.64 -16.03 59.67
C LEU E 184 -0.15 -17.29 60.00
N SER E 185 -0.81 -17.90 58.99
CA SER E 185 -1.59 -19.11 59.24
C SER E 185 -0.69 -20.24 59.71
N GLY E 186 0.59 -20.20 59.31
CA GLY E 186 1.54 -21.19 59.77
C GLY E 186 2.27 -20.80 61.04
N VAL E 187 2.56 -19.51 61.20
CA VAL E 187 3.32 -19.05 62.36
C VAL E 187 2.44 -19.09 63.62
N ASP E 188 1.17 -18.75 63.48
CA ASP E 188 0.23 -18.79 64.60
C ASP E 188 -0.89 -19.82 64.37
N HIS E 189 -0.51 -21.04 64.01
CA HIS E 189 -1.49 -22.05 63.59
C HIS E 189 -2.46 -22.46 64.70
N GLU E 190 -2.09 -22.22 65.95
CA GLU E 190 -2.95 -22.57 67.06
C GLU E 190 -4.16 -21.66 67.18
N HIS E 191 -4.05 -20.44 66.64
CA HIS E 191 -5.11 -19.44 66.82
C HIS E 191 -5.81 -19.05 65.53
N VAL E 192 -5.17 -19.28 64.40
CA VAL E 192 -5.76 -18.94 63.10
C VAL E 192 -6.71 -20.04 62.66
N VAL E 193 -7.99 -19.70 62.48
CA VAL E 193 -9.02 -20.69 62.18
C VAL E 193 -9.29 -20.81 60.68
N GLY E 194 -8.78 -19.86 59.90
CA GLY E 194 -8.96 -19.88 58.47
C GLY E 194 -8.30 -18.69 57.80
N THR E 195 -8.03 -18.83 56.51
CA THR E 195 -7.31 -17.85 55.73
C THR E 195 -8.10 -17.54 54.47
N HIS E 196 -8.22 -16.26 54.14
CA HIS E 196 -8.85 -15.87 52.89
C HIS E 196 -7.92 -14.94 52.13
N VAL E 197 -7.64 -15.26 50.87
CA VAL E 197 -6.83 -14.37 50.06
C VAL E 197 -7.60 -13.97 48.79
N ASN E 198 -7.48 -12.71 48.38
CA ASN E 198 -7.99 -12.31 47.07
C ASN E 198 -6.83 -12.11 46.10
N PHE E 199 -5.71 -12.74 46.40
CA PHE E 199 -4.55 -12.70 45.52
C PHE E 199 -3.78 -14.01 45.71
N LEU E 200 -3.54 -14.73 44.62
CA LEU E 200 -2.87 -16.02 44.74
C LEU E 200 -2.12 -16.35 43.47
N ILE E 201 -0.82 -16.58 43.60
CA ILE E 201 0.00 -16.97 42.47
C ILE E 201 0.22 -18.49 42.47
N THR E 202 0.08 -19.12 41.31
CA THR E 202 0.35 -20.55 41.19
C THR E 202 1.32 -20.80 40.04
N PRO E 203 2.62 -20.84 40.33
CA PRO E 203 3.62 -21.05 39.29
C PRO E 203 3.58 -22.47 38.74
N PRO E 204 3.90 -22.63 37.45
CA PRO E 204 4.05 -23.97 36.87
C PRO E 204 5.19 -24.70 37.57
N SER E 205 5.10 -26.02 37.67
CA SER E 205 6.19 -26.78 38.27
C SER E 205 7.46 -26.65 37.42
N GLY E 206 7.27 -26.67 36.10
CA GLY E 206 8.38 -26.65 35.16
C GLY E 206 8.26 -27.82 34.22
N ASP E 207 7.65 -28.90 34.71
CA ASP E 207 7.40 -30.07 33.89
C ASP E 207 6.21 -29.83 32.97
N PRO E 208 6.45 -29.83 31.64
CA PRO E 208 5.43 -29.54 30.63
C PRO E 208 4.20 -30.44 30.76
N ALA E 209 4.36 -31.61 31.38
CA ALA E 209 3.24 -32.53 31.55
C ALA E 209 2.21 -31.98 32.52
N ASP E 210 2.65 -31.08 33.41
CA ASP E 210 1.75 -30.50 34.38
C ASP E 210 0.78 -29.51 33.72
N LEU E 211 1.04 -29.20 32.45
CA LEU E 211 0.21 -28.27 31.69
C LEU E 211 -0.89 -28.99 30.92
N ALA E 212 -0.75 -30.31 30.81
CA ALA E 212 -1.68 -31.14 30.04
C ALA E 212 -3.14 -30.94 30.45
N GLY E 213 -4.00 -30.78 29.46
CA GLY E 213 -5.43 -30.66 29.72
C GLY E 213 -5.92 -29.31 30.24
N LEU E 214 -5.01 -28.39 30.57
CA LEU E 214 -5.43 -27.06 31.00
C LEU E 214 -6.11 -26.31 29.86
N GLY E 215 -7.18 -25.59 30.18
CA GLY E 215 -7.89 -24.81 29.18
C GLY E 215 -7.15 -23.52 28.89
N GLU E 216 -7.50 -22.86 27.78
CA GLU E 216 -6.78 -21.65 27.37
C GLU E 216 -6.84 -20.55 28.45
N GLN E 217 -7.92 -20.52 29.23
CA GLN E 217 -8.03 -19.54 30.30
C GLN E 217 -6.97 -19.76 31.39
N ASP E 218 -6.80 -21.02 31.82
CA ASP E 218 -5.78 -21.31 32.83
C ASP E 218 -4.38 -21.14 32.26
N LEU E 219 -4.19 -21.49 30.99
CA LEU E 219 -2.90 -21.24 30.33
C LEU E 219 -2.60 -19.74 30.28
N ALA E 220 -3.64 -18.95 30.07
CA ALA E 220 -3.50 -17.50 30.10
C ALA E 220 -3.10 -16.99 31.49
N ARG E 221 -3.61 -17.63 32.53
CA ARG E 221 -3.25 -17.22 33.90
C ARG E 221 -1.78 -17.50 34.18
N LEU E 222 -1.28 -18.62 33.68
CA LEU E 222 0.14 -18.93 33.83
C LEU E 222 1.01 -17.93 33.05
N GLN E 223 0.56 -17.52 31.86
CA GLN E 223 1.34 -16.59 31.07
CA GLN E 223 1.32 -16.58 31.05
C GLN E 223 1.34 -15.20 31.71
N LEU E 224 0.33 -14.91 32.52
CA LEU E 224 0.29 -13.66 33.28
C LEU E 224 1.54 -13.46 34.12
N LEU E 225 1.98 -14.54 34.75
CA LEU E 225 3.15 -14.48 35.64
C LEU E 225 4.38 -14.16 34.85
N ALA E 226 4.49 -14.77 33.68
CA ALA E 226 5.62 -14.54 32.81
C ALA E 226 5.64 -13.10 32.35
N GLU E 227 4.48 -12.59 31.97
CA GLU E 227 4.38 -11.23 31.47
C GLU E 227 4.65 -10.19 32.57
N PHE E 228 4.22 -10.49 33.78
CA PHE E 228 4.52 -9.62 34.91
C PHE E 228 6.02 -9.58 35.16
N GLY E 229 6.67 -10.74 35.16
CA GLY E 229 8.11 -10.80 35.32
C GLY E 229 8.84 -10.02 34.23
N ALA E 230 8.36 -10.16 33.00
CA ALA E 230 9.00 -9.52 31.87
C ALA E 230 8.78 -7.99 31.86
N GLU E 231 7.56 -7.54 32.10
CA GLU E 231 7.22 -6.14 31.86
C GLU E 231 6.72 -5.35 33.06
N GLY E 232 6.25 -6.04 34.10
CA GLY E 232 5.58 -5.35 35.18
C GLY E 232 6.35 -5.26 36.48
N SER E 233 7.54 -5.85 36.51
CA SER E 233 8.27 -6.03 37.75
C SER E 233 9.35 -4.99 38.03
N GLY E 234 9.40 -3.92 37.24
CA GLY E 234 10.39 -2.86 37.44
C GLY E 234 10.39 -2.31 38.85
N TYR E 235 9.22 -1.90 39.32
CA TYR E 235 9.08 -1.34 40.66
C TYR E 235 9.58 -2.32 41.71
N LYS E 237 11.79 -4.85 41.28
CA LYS E 237 13.22 -5.08 41.19
C LYS E 237 14.02 -3.96 41.86
N ILE E 238 13.61 -2.70 41.66
CA ILE E 238 14.36 -1.60 42.27
C ILE E 238 14.07 -1.50 43.78
N GLN E 239 12.83 -1.75 44.20
CA GLN E 239 12.52 -1.63 45.62
C GLN E 239 13.13 -2.80 46.40
N SER E 240 13.32 -3.93 45.74
CA SER E 240 13.87 -5.10 46.43
C SER E 240 15.41 -5.08 46.48
N THR E 241 16.03 -4.09 45.86
CA THR E 241 17.49 -4.03 45.83
C THR E 241 18.08 -2.73 46.34
N ARG E 242 17.55 -1.61 45.86
CA ARG E 242 18.05 -0.30 46.26
C ARG E 242 16.92 0.64 46.71
N PRO E 243 16.12 0.21 47.71
CA PRO E 243 15.00 1.04 48.14
C PRO E 243 15.42 2.43 48.63
N GLN E 244 16.59 2.56 49.25
CA GLN E 244 16.96 3.86 49.80
C GLN E 244 17.22 4.84 48.66
N THR E 245 17.85 4.39 47.57
CA THR E 245 18.14 5.30 46.47
C THR E 245 16.87 5.89 45.90
N LEU E 246 15.87 5.04 45.69
CA LEU E 246 14.57 5.47 45.20
C LEU E 246 13.86 6.40 46.19
N SER E 247 14.09 6.18 47.47
CA SER E 247 13.34 6.90 48.49
C SER E 247 13.53 8.42 48.38
N TYR E 248 14.69 8.87 47.91
CA TYR E 248 14.95 10.31 47.92
C TYR E 248 14.05 11.04 46.95
N SER E 249 13.88 10.49 45.76
CA SER E 249 13.05 11.15 44.76
CA SER E 249 13.02 11.06 44.73
C SER E 249 11.58 11.14 45.19
N LEU E 250 11.10 10.01 45.71
CA LEU E 250 9.68 9.87 46.05
C LEU E 250 9.31 10.63 47.31
N THR E 251 10.29 10.89 48.16
CA THR E 251 10.01 11.61 49.40
C THR E 251 10.04 13.13 49.17
N ASP E 252 10.87 13.56 48.22
CA ASP E 252 11.04 14.99 47.94
C ASP E 252 9.99 15.48 46.94
N SER E 253 9.50 14.59 46.08
CA SER E 253 8.63 15.01 44.96
C SER E 253 7.22 14.43 45.06
N PRO E 254 6.23 15.29 45.33
CA PRO E 254 4.87 14.71 45.38
C PRO E 254 4.37 14.21 44.02
N VAL E 255 4.73 14.87 42.91
CA VAL E 255 4.29 14.38 41.62
C VAL E 255 4.94 13.02 41.35
N GLY E 256 6.17 12.86 41.82
CA GLY E 256 6.90 11.61 41.62
C GLY E 256 6.27 10.51 42.44
N GLN E 257 5.94 10.83 43.69
CA GLN E 257 5.25 9.90 44.59
C GLN E 257 3.91 9.45 44.00
N LEU E 258 3.19 10.41 43.42
CA LEU E 258 1.88 10.14 42.84
C LEU E 258 2.00 9.23 41.61
N ALA E 259 2.94 9.51 40.71
CA ALA E 259 3.11 8.72 39.49
C ALA E 259 3.45 7.28 39.82
N TRP E 260 4.39 7.11 40.76
CA TRP E 260 4.88 5.80 41.18
C TRP E 260 3.74 4.89 41.66
N VAL E 261 2.81 5.47 42.42
CA VAL E 261 1.68 4.71 42.97
C VAL E 261 0.52 4.55 41.98
N VAL E 262 0.12 5.66 41.35
CA VAL E 262 -1.11 5.65 40.54
C VAL E 262 -0.94 4.76 39.32
N GLU E 263 0.30 4.55 38.85
CA GLU E 263 0.52 3.66 37.71
C GLU E 263 -0.04 2.26 37.99
N LYS E 264 0.09 1.81 39.24
CA LYS E 264 -0.34 0.45 39.56
C LYS E 264 -1.86 0.34 39.66
N PHE E 265 -2.51 1.45 39.97
CA PHE E 265 -3.96 1.44 39.98
C PHE E 265 -4.48 1.37 38.55
N GLU E 267 -2.59 -0.24 36.04
CA GLU E 267 -2.17 -1.51 35.48
C GLU E 267 -2.83 -2.71 36.14
N TRP E 268 -3.17 -2.60 37.43
CA TRP E 268 -3.65 -3.74 38.19
C TRP E 268 -5.14 -3.66 38.52
N GLY E 269 -5.75 -2.50 38.27
CA GLY E 269 -7.18 -2.33 38.48
C GLY E 269 -8.00 -2.77 37.28
N ASP E 270 -9.33 -2.85 37.47
CA ASP E 270 -10.24 -3.19 36.38
C ASP E 270 -10.50 -1.95 35.54
N THR E 271 -9.52 -1.61 34.71
CA THR E 271 -9.50 -0.32 34.02
C THR E 271 -9.54 -0.46 32.52
N ASP E 272 -9.75 0.66 31.83
CA ASP E 272 -9.71 0.71 30.38
C ASP E 272 -8.69 1.76 29.93
N LYS E 273 -9.05 3.04 30.04
CA LYS E 273 -8.19 4.12 29.59
C LYS E 273 -7.57 4.92 30.74
N SER E 274 -7.98 4.63 31.96
CA SER E 274 -7.65 5.48 33.11
C SER E 274 -7.83 4.72 34.41
N PRO E 275 -6.95 4.98 35.40
CA PRO E 275 -7.12 4.39 36.72
C PRO E 275 -8.45 4.77 37.37
N GLU E 276 -9.05 5.89 36.94
CA GLU E 276 -10.32 6.34 37.50
C GLU E 276 -11.48 5.52 36.93
N ASP E 277 -11.19 4.61 36.00
CA ASP E 277 -12.16 3.63 35.53
C ASP E 277 -12.55 2.63 36.62
N ALA E 278 -11.70 2.52 37.64
CA ALA E 278 -11.91 1.54 38.72
C ALA E 278 -11.98 2.22 40.09
N VAL E 279 -11.21 3.29 40.28
CA VAL E 279 -11.12 3.95 41.58
C VAL E 279 -11.12 5.46 41.37
N ASP E 280 -12.11 6.16 41.92
CA ASP E 280 -12.20 7.61 41.63
C ASP E 280 -10.99 8.35 42.19
N ARG E 281 -10.76 9.54 41.66
CA ARG E 281 -9.49 10.23 41.95
C ARG E 281 -9.41 10.69 43.41
N ASP E 282 -10.55 10.86 44.07
CA ASP E 282 -10.52 11.21 45.48
C ASP E 282 -9.97 10.06 46.33
N ARG E 283 -10.41 8.83 46.04
CA ARG E 283 -9.89 7.66 46.72
C ARG E 283 -8.42 7.41 46.34
N LEU E 284 -8.11 7.57 45.05
CA LEU E 284 -6.72 7.44 44.61
C LEU E 284 -5.78 8.38 45.37
N LEU E 285 -6.19 9.63 45.56
CA LEU E 285 -5.31 10.64 46.14
C LEU E 285 -5.23 10.48 47.65
N THR E 286 -6.32 10.03 48.27
CA THR E 286 -6.31 9.72 49.70
C THR E 286 -5.25 8.66 50.00
N ASN E 287 -5.22 7.60 49.19
CA ASN E 287 -4.19 6.57 49.33
C ASN E 287 -2.77 7.14 49.13
N VAL E 288 -2.57 7.89 48.05
CA VAL E 288 -1.30 8.57 47.83
C VAL E 288 -0.94 9.50 48.98
N ILE E 290 -1.57 9.23 52.03
CA ILE E 290 -1.09 8.47 53.18
C ILE E 290 0.42 8.18 53.00
N TYR E 291 0.85 7.83 51.79
CA TYR E 291 2.28 7.67 51.55
C TYR E 291 3.02 9.00 51.68
N TRP E 292 2.47 10.05 51.09
CA TRP E 292 3.16 11.33 51.08
C TRP E 292 3.32 11.92 52.48
N LEU E 293 2.22 11.96 53.24
CA LEU E 293 2.20 12.72 54.48
C LEU E 293 3.02 12.01 55.56
N THR E 294 3.06 10.68 55.50
CA THR E 294 3.81 9.90 56.48
C THR E 294 5.25 9.67 56.02
N ALA E 295 5.54 10.12 54.80
CA ALA E 295 6.86 9.98 54.21
C ALA E 295 7.36 8.53 54.28
N THR E 296 6.52 7.61 53.81
CA THR E 296 6.86 6.19 53.91
C THR E 296 7.11 5.51 52.55
N ALA E 297 7.38 6.30 51.51
CA ALA E 297 7.72 5.69 50.22
C ALA E 297 8.97 4.83 50.37
N GLY E 298 9.95 5.39 51.08
CA GLY E 298 11.20 4.69 51.35
C GLY E 298 11.05 3.50 52.27
N SER E 299 10.46 3.71 53.44
CA SER E 299 10.33 2.63 54.42
C SER E 299 9.42 1.50 53.92
N SER E 300 8.42 1.82 53.10
CA SER E 300 7.58 0.75 52.57
C SER E 300 8.36 -0.05 51.51
N ALA E 301 9.17 0.64 50.69
CA ALA E 301 10.00 -0.02 49.70
C ALA E 301 10.98 -1.02 50.34
N HIS E 302 11.44 -0.72 51.55
CA HIS E 302 12.39 -1.60 52.25
C HIS E 302 11.79 -2.97 52.56
N PHE E 303 10.46 -3.05 52.63
CA PHE E 303 9.80 -4.32 52.88
C PHE E 303 10.19 -5.29 51.75
N TYR E 304 10.22 -4.79 50.51
CA TYR E 304 10.60 -5.61 49.35
C TYR E 304 12.02 -6.14 49.47
N TYR E 305 12.93 -5.28 49.93
CA TYR E 305 14.29 -5.71 50.21
C TYR E 305 14.30 -6.85 51.23
N GLU E 306 13.52 -6.71 52.30
CA GLU E 306 13.54 -7.72 53.36
C GLU E 306 13.02 -9.10 52.90
N ILE E 307 12.15 -9.11 51.90
CA ILE E 307 11.54 -10.35 51.45
C ILE E 307 12.00 -10.69 50.04
N SER E 308 13.13 -10.13 49.63
CA SER E 308 13.59 -10.30 48.24
C SER E 308 13.76 -11.77 47.83
N ASP E 309 14.16 -12.63 48.76
CA ASP E 309 14.40 -14.02 48.45
C ASP E 309 13.13 -14.80 48.09
N VAL E 310 11.95 -14.28 48.41
CA VAL E 310 10.72 -15.00 48.11
C VAL E 310 9.84 -14.31 47.06
N LEU E 311 10.36 -13.25 46.47
CA LEU E 311 9.65 -12.57 45.39
C LEU E 311 9.89 -13.28 44.05
N PRO E 312 9.03 -13.02 43.06
CA PRO E 312 9.28 -13.46 41.67
C PRO E 312 10.57 -12.89 41.05
N THR E 313 11.02 -11.75 41.58
CA THR E 313 12.28 -11.14 41.16
C THR E 313 13.51 -11.79 41.81
N ALA E 314 13.31 -12.88 42.55
CA ALA E 314 14.44 -13.57 43.17
C ALA E 314 15.24 -14.30 42.09
N PRO E 315 16.58 -14.21 42.17
CA PRO E 315 17.44 -14.82 41.14
C PRO E 315 17.18 -16.31 40.98
N THR E 316 17.09 -17.00 42.10
CA THR E 316 16.72 -18.42 42.10
C THR E 316 15.43 -18.60 42.89
N PRO E 317 14.49 -19.38 42.36
CA PRO E 317 13.21 -19.58 43.03
C PRO E 317 13.37 -20.30 44.37
N PRO E 318 12.61 -19.88 45.38
CA PRO E 318 12.64 -20.53 46.70
C PRO E 318 12.30 -22.01 46.58
N PRO E 319 12.74 -22.84 47.55
CA PRO E 319 12.50 -24.29 47.51
C PRO E 319 11.01 -24.65 47.48
N PRO E 320 10.68 -25.90 47.10
CA PRO E 320 9.28 -26.33 47.18
C PRO E 320 8.75 -26.20 48.61
N ALA E 321 7.69 -25.43 48.80
CA ALA E 321 7.07 -25.33 50.12
C ALA E 321 6.06 -26.46 50.30
N PRO E 322 6.14 -27.18 51.43
CA PRO E 322 5.18 -28.25 51.73
C PRO E 322 3.76 -27.67 51.83
N PRO E 323 2.72 -28.51 51.63
CA PRO E 323 1.35 -27.99 51.63
C PRO E 323 0.99 -27.25 52.93
N LEU E 324 0.19 -26.19 52.83
CA LEU E 324 -0.29 -25.47 54.00
C LEU E 324 -1.75 -25.84 54.27
N PRO E 325 -2.02 -26.43 55.46
CA PRO E 325 -3.31 -27.04 55.79
C PRO E 325 -4.38 -26.08 56.33
N THR E 326 -4.12 -24.77 56.34
CA THR E 326 -5.14 -23.82 56.80
C THR E 326 -6.41 -23.94 55.95
N PRO E 327 -7.60 -23.93 56.59
CA PRO E 327 -8.81 -23.80 55.79
C PRO E 327 -8.72 -22.52 54.96
N LEU E 328 -8.72 -22.65 53.64
CA LEU E 328 -8.39 -21.53 52.75
C LEU E 328 -9.56 -21.11 51.88
N GLY E 329 -9.80 -19.82 51.82
CA GLY E 329 -10.71 -19.23 50.86
C GLY E 329 -9.92 -18.47 49.82
N VAL E 330 -10.35 -18.53 48.57
CA VAL E 330 -9.67 -17.85 47.47
C VAL E 330 -10.69 -17.06 46.66
N ALA E 331 -10.41 -15.80 46.41
CA ALA E 331 -11.26 -14.97 45.58
C ALA E 331 -10.44 -14.50 44.38
N VAL E 332 -10.90 -14.84 43.19
CA VAL E 332 -10.19 -14.48 41.98
C VAL E 332 -10.92 -13.34 41.29
N TYR E 333 -10.29 -12.17 41.28
CA TYR E 333 -10.90 -11.03 40.60
C TYR E 333 -10.37 -10.98 39.17
N PRO E 334 -11.28 -10.75 38.20
CA PRO E 334 -10.97 -11.02 36.79
C PRO E 334 -9.88 -10.12 36.21
N ALA E 335 -9.66 -8.94 36.78
CA ALA E 335 -8.69 -8.03 36.21
C ALA E 335 -7.38 -8.04 37.00
N ASP E 336 -7.24 -8.98 37.94
CA ASP E 336 -6.05 -8.97 38.81
C ASP E 336 -4.77 -9.19 37.99
N SER E 337 -3.63 -8.76 38.55
CA SER E 337 -2.32 -8.86 37.91
C SER E 337 -1.76 -10.27 37.87
N ALA E 338 -2.26 -11.12 38.76
CA ALA E 338 -1.92 -12.54 38.75
C ALA E 338 -3.18 -13.28 39.22
N LYS E 339 -3.41 -14.48 38.68
CA LYS E 339 -4.59 -15.27 39.03
C LYS E 339 -4.20 -16.75 39.12
N PRO E 340 -4.76 -17.45 40.11
CA PRO E 340 -4.33 -18.82 40.35
C PRO E 340 -5.03 -19.82 39.44
N VAL E 341 -4.32 -20.89 39.09
CA VAL E 341 -4.92 -22.04 38.43
C VAL E 341 -5.42 -22.96 39.52
N ARG E 342 -6.72 -23.26 39.54
CA ARG E 342 -7.28 -24.01 40.67
C ARG E 342 -6.65 -25.39 40.87
N ARG E 343 -6.38 -26.10 39.77
CA ARG E 343 -5.74 -27.42 39.86
C ARG E 343 -4.42 -27.36 40.66
N PHE E 344 -3.61 -26.35 40.36
CA PHE E 344 -2.33 -26.15 41.05
C PHE E 344 -2.52 -25.68 42.50
N ALA E 345 -3.42 -24.73 42.70
CA ALA E 345 -3.70 -24.24 44.06
C ALA E 345 -4.10 -25.38 44.99
N GLU E 346 -4.89 -26.33 44.50
CA GLU E 346 -5.40 -27.38 45.39
C GLU E 346 -4.32 -28.40 45.77
N ARG E 347 -3.24 -28.47 45.00
CA ARG E 347 -2.09 -29.27 45.42
C ARG E 347 -1.29 -28.56 46.51
N ALA E 348 -1.18 -27.23 46.39
CA ALA E 348 -0.42 -26.42 47.34
C ALA E 348 -1.17 -26.25 48.66
N PHE E 349 -2.50 -26.26 48.58
CA PHE E 349 -3.38 -26.01 49.71
C PHE E 349 -4.50 -27.05 49.75
N PRO E 350 -4.28 -28.15 50.49
CA PRO E 350 -5.20 -29.29 50.46
C PRO E 350 -6.56 -29.00 51.09
N ASN E 351 -6.70 -27.88 51.80
CA ASN E 351 -7.95 -27.61 52.51
C ASN E 351 -8.65 -26.32 52.05
N ILE E 352 -8.73 -26.14 50.75
CA ILE E 352 -9.52 -25.04 50.22
C ILE E 352 -11.00 -25.33 50.49
N VAL E 353 -11.68 -24.39 51.16
CA VAL E 353 -13.10 -24.56 51.48
C VAL E 353 -13.97 -23.62 50.67
N HIS E 354 -13.35 -22.65 50.01
CA HIS E 354 -14.10 -21.60 49.35
C HIS E 354 -13.32 -21.08 48.16
N TRP E 355 -13.95 -21.07 47.00
CA TRP E 355 -13.28 -20.56 45.80
C TRP E 355 -14.30 -19.76 45.01
N ALA E 356 -14.00 -18.49 44.78
CA ALA E 356 -14.90 -17.61 44.05
C ALA E 356 -14.23 -16.99 42.85
N GLU E 357 -14.96 -16.95 41.75
CA GLU E 357 -14.49 -16.28 40.54
C GLU E 357 -15.42 -15.11 40.29
N LEU E 358 -14.97 -13.89 40.60
CA LEU E 358 -15.86 -12.72 40.63
C LEU E 358 -16.07 -12.15 39.21
N GLU E 359 -17.15 -11.46 39.01
CA GLU E 359 -17.49 -10.92 37.72
C GLU E 359 -16.81 -9.62 37.33
N ARG E 360 -16.41 -8.84 38.30
CA ARG E 360 -15.77 -7.52 38.11
C ARG E 360 -14.64 -7.30 39.10
N GLY E 361 -13.72 -6.41 38.72
CA GLY E 361 -12.72 -5.93 39.66
C GLY E 361 -11.33 -6.47 39.42
N GLY E 362 -10.34 -5.79 39.97
CA GLY E 362 -8.96 -6.16 39.84
C GLY E 362 -8.28 -6.38 41.17
N HIS E 363 -7.04 -5.91 41.25
CA HIS E 363 -6.12 -6.15 42.35
C HIS E 363 -6.58 -5.56 43.69
N PHE E 364 -7.33 -4.47 43.63
CA PHE E 364 -7.71 -3.72 44.82
C PHE E 364 -9.17 -3.99 45.18
N ALA E 365 -9.44 -5.23 45.59
CA ALA E 365 -10.79 -5.77 45.64
C ALA E 365 -11.73 -4.98 46.54
N ALA E 366 -11.34 -4.80 47.81
CA ALA E 366 -12.21 -4.10 48.76
C ALA E 366 -12.47 -2.68 48.30
N LEU E 367 -11.46 -2.07 47.69
CA LEU E 367 -11.55 -0.71 47.23
C LEU E 367 -12.39 -0.55 45.95
N GLU E 368 -12.12 -1.40 44.97
CA GLU E 368 -12.82 -1.34 43.68
C GLU E 368 -14.24 -1.89 43.73
N GLN E 369 -14.41 -2.97 44.48
CA GLN E 369 -15.65 -3.74 44.45
C GLN E 369 -16.08 -4.12 45.85
N PRO E 370 -16.43 -3.11 46.67
CA PRO E 370 -16.71 -3.43 48.07
C PRO E 370 -17.91 -4.34 48.26
N GLY E 371 -18.92 -4.20 47.40
CA GLY E 371 -20.10 -5.06 47.45
C GLY E 371 -19.74 -6.52 47.21
N LEU E 372 -18.96 -6.78 46.16
CA LEU E 372 -18.56 -8.14 45.83
C LEU E 372 -17.65 -8.70 46.92
N PHE E 373 -16.74 -7.87 47.40
CA PHE E 373 -15.81 -8.25 48.46
C PHE E 373 -16.55 -8.68 49.74
N VAL E 374 -17.53 -7.89 50.16
CA VAL E 374 -18.26 -8.19 51.38
C VAL E 374 -19.06 -9.48 51.23
N SER E 375 -19.78 -9.62 50.12
CA SER E 375 -20.56 -10.84 49.88
C SER E 375 -19.65 -12.05 49.87
N ASP E 376 -18.47 -11.89 49.27
CA ASP E 376 -17.53 -12.99 49.18
C ASP E 376 -16.98 -13.39 50.54
N LEU E 377 -16.64 -12.40 51.36
CA LEU E 377 -16.13 -12.70 52.70
C LEU E 377 -17.20 -13.31 53.58
N ARG E 378 -18.44 -12.87 53.41
CA ARG E 378 -19.56 -13.45 54.13
C ARG E 378 -19.74 -14.93 53.76
N ALA E 379 -19.58 -15.22 52.46
CA ALA E 379 -19.69 -16.59 51.99
C ALA E 379 -18.55 -17.43 52.57
N PHE E 380 -17.36 -16.84 52.65
CA PHE E 380 -16.21 -17.50 53.24
C PHE E 380 -16.43 -17.84 54.71
N ALA E 381 -16.97 -16.89 55.49
CA ALA E 381 -17.31 -17.15 56.89
C ALA E 381 -18.25 -18.35 57.01
N ARG E 382 -19.28 -18.36 56.17
CA ARG E 382 -20.23 -19.45 56.19
C ARG E 382 -19.56 -20.78 55.79
N ALA E 383 -18.64 -20.73 54.83
CA ALA E 383 -17.90 -21.92 54.42
C ALA E 383 -17.08 -22.49 55.58
N LEU E 384 -16.43 -21.60 56.33
CA LEU E 384 -15.67 -22.02 57.51
C LEU E 384 -16.54 -22.70 58.55
N ARG E 385 -17.70 -22.09 58.81
CA ARG E 385 -18.60 -22.63 59.82
C ARG E 385 -19.08 -24.02 59.48
N THR E 386 -19.23 -24.30 58.20
CA THR E 386 -19.86 -25.55 57.78
C THR E 386 -18.83 -26.59 57.33
N SER E 387 -17.55 -26.31 57.55
CA SER E 387 -16.46 -27.21 57.20
C SER E 387 -15.68 -27.75 58.41
N HIS E 388 -15.41 -26.86 59.37
CA HIS E 388 -14.64 -27.24 60.55
C HIS E 388 -14.89 -26.26 61.70
#